data_1V8T
# 
_entry.id   1V8T 
# 
_audit_conform.dict_name       mmcif_pdbx.dic 
_audit_conform.dict_version    5.383 
_audit_conform.dict_location   http://mmcif.pdb.org/dictionaries/ascii/mmcif_pdbx.dic 
# 
loop_
_database_2.database_id 
_database_2.database_code 
_database_2.pdbx_database_accession 
_database_2.pdbx_DOI 
PDB   1V8T         pdb_00001v8t 10.2210/pdb1v8t/pdb 
RCSB  RCSB006350   ?            ?                   
WWPDB D_1000006350 ?            ?                   
# 
loop_
_pdbx_audit_revision_history.ordinal 
_pdbx_audit_revision_history.data_content_type 
_pdbx_audit_revision_history.major_revision 
_pdbx_audit_revision_history.minor_revision 
_pdbx_audit_revision_history.revision_date 
1 'Structure model' 1 0 2004-10-19 
2 'Structure model' 1 1 2008-04-27 
3 'Structure model' 1 2 2011-07-13 
4 'Structure model' 1 3 2023-12-27 
# 
_pdbx_audit_revision_details.ordinal             1 
_pdbx_audit_revision_details.revision_ordinal    1 
_pdbx_audit_revision_details.data_content_type   'Structure model' 
_pdbx_audit_revision_details.provider            repository 
_pdbx_audit_revision_details.type                'Initial release' 
_pdbx_audit_revision_details.description         ? 
_pdbx_audit_revision_details.details             ? 
# 
loop_
_pdbx_audit_revision_group.ordinal 
_pdbx_audit_revision_group.revision_ordinal 
_pdbx_audit_revision_group.data_content_type 
_pdbx_audit_revision_group.group 
1 2 'Structure model' 'Version format compliance' 
2 3 'Structure model' 'Derived calculations'      
3 3 'Structure model' 'Version format compliance' 
4 4 'Structure model' 'Data collection'           
5 4 'Structure model' 'Database references'       
6 4 'Structure model' 'Derived calculations'      
# 
loop_
_pdbx_audit_revision_category.ordinal 
_pdbx_audit_revision_category.revision_ordinal 
_pdbx_audit_revision_category.data_content_type 
_pdbx_audit_revision_category.category 
1 4 'Structure model' chem_comp_atom         
2 4 'Structure model' chem_comp_bond         
3 4 'Structure model' database_2             
4 4 'Structure model' pdbx_struct_conn_angle 
5 4 'Structure model' struct_conn            
6 4 'Structure model' struct_site            
# 
loop_
_pdbx_audit_revision_item.ordinal 
_pdbx_audit_revision_item.revision_ordinal 
_pdbx_audit_revision_item.data_content_type 
_pdbx_audit_revision_item.item 
1  4 'Structure model' '_database_2.pdbx_DOI'                        
2  4 'Structure model' '_database_2.pdbx_database_accession'         
3  4 'Structure model' '_pdbx_struct_conn_angle.ptnr1_auth_seq_id'   
4  4 'Structure model' '_pdbx_struct_conn_angle.ptnr1_label_atom_id' 
5  4 'Structure model' '_pdbx_struct_conn_angle.ptnr1_label_seq_id'  
6  4 'Structure model' '_pdbx_struct_conn_angle.ptnr1_symmetry'      
7  4 'Structure model' '_pdbx_struct_conn_angle.ptnr3_auth_seq_id'   
8  4 'Structure model' '_pdbx_struct_conn_angle.ptnr3_label_atom_id' 
9  4 'Structure model' '_pdbx_struct_conn_angle.ptnr3_label_seq_id'  
10 4 'Structure model' '_pdbx_struct_conn_angle.ptnr3_symmetry'      
11 4 'Structure model' '_pdbx_struct_conn_angle.value'               
12 4 'Structure model' '_struct_conn.pdbx_dist_value'                
13 4 'Structure model' '_struct_conn.ptnr1_auth_comp_id'             
14 4 'Structure model' '_struct_conn.ptnr1_auth_seq_id'              
15 4 'Structure model' '_struct_conn.ptnr1_label_asym_id'            
16 4 'Structure model' '_struct_conn.ptnr1_label_atom_id'            
17 4 'Structure model' '_struct_conn.ptnr1_label_comp_id'            
18 4 'Structure model' '_struct_conn.ptnr1_label_seq_id'             
19 4 'Structure model' '_struct_conn.ptnr1_symmetry'                 
20 4 'Structure model' '_struct_conn.ptnr2_auth_comp_id'             
21 4 'Structure model' '_struct_conn.ptnr2_auth_seq_id'              
22 4 'Structure model' '_struct_conn.ptnr2_label_asym_id'            
23 4 'Structure model' '_struct_conn.ptnr2_label_atom_id'            
24 4 'Structure model' '_struct_conn.ptnr2_label_comp_id'            
25 4 'Structure model' '_struct_conn.ptnr2_label_seq_id'             
26 4 'Structure model' '_struct_conn.ptnr2_symmetry'                 
27 4 'Structure model' '_struct_site.pdbx_auth_asym_id'              
28 4 'Structure model' '_struct_site.pdbx_auth_comp_id'              
29 4 'Structure model' '_struct_site.pdbx_auth_seq_id'               
# 
_pdbx_database_status.status_code                     REL 
_pdbx_database_status.entry_id                        1V8T 
_pdbx_database_status.recvd_initial_deposition_date   2004-01-14 
_pdbx_database_status.deposit_site                    PDBJ 
_pdbx_database_status.process_site                    PDBJ 
_pdbx_database_status.status_code_sf                  REL 
_pdbx_database_status.SG_entry                        Y 
_pdbx_database_status.pdb_format_compatible           Y 
_pdbx_database_status.status_code_mr                  ? 
_pdbx_database_status.status_code_cs                  ? 
_pdbx_database_status.status_code_nmr_data            ? 
_pdbx_database_status.methods_development_category    ? 
# 
loop_
_pdbx_database_related.db_name 
_pdbx_database_related.db_id 
_pdbx_database_related.details 
_pdbx_database_related.content_type 
PDB      1V8I           'the same protein'                        unspecified 
PDB      1V8L           'the same protein with ADP-ribose'        unspecified 
PDB      1V8M           'the same protein with ADP-ribose and Gd' unspecified 
PDB      1V8N           'the same protein with ZN'                unspecified 
PDB      1V8R           'the same protein with ADP-ribose and ZN' unspecified 
PDB      1V8S           'the same protein with AMP and MG'        unspecified 
PDB      1V8U           'E82Q mutant, with SO4 and Mg'            unspecified 
PDB      1V8V           'E86Q mutant, with ADP-ribose and Mg'     unspecified 
PDB      1V8W           'E82Q mutant, with SO4 and Zn'            unspecified 
PDB      1V8Y           'E86Q mutant, with ADP-ribose and Zn'     unspecified 
TargetDB ttk003001345.7 .                                         unspecified 
# 
loop_
_audit_author.name 
_audit_author.pdbx_ordinal 
'Yoshiba, S.'                                            1 
'Ooga, T.'                                               2 
'Nakagawa, N.'                                           3 
'Shibata, T.'                                            4 
'Inoue, Y.'                                              5 
'Yokoyama, S.'                                           6 
'Kuramitsu, S.'                                          7 
'Masui, R.'                                              8 
'RIKEN Structural Genomics/Proteomics Initiative (RSGI)' 9 
# 
_citation.id                        primary 
_citation.title                     
;Structural insights into the Thermus thermophilus ADP-ribose pyrophosphatase mechanism via crystal structures with the bound substrate and metal
;
_citation.journal_abbrev            J.Biol.Chem. 
_citation.journal_volume            279 
_citation.page_first                37163 
_citation.page_last                 37174 
_citation.year                      2004 
_citation.journal_id_ASTM           JBCHA3 
_citation.country                   US 
_citation.journal_id_ISSN           0021-9258 
_citation.journal_id_CSD            0071 
_citation.book_publisher            ? 
_citation.pdbx_database_id_PubMed   15210687 
_citation.pdbx_database_id_DOI      10.1074/jbc.M403817200 
# 
loop_
_citation_author.citation_id 
_citation_author.name 
_citation_author.ordinal 
_citation_author.identifier_ORCID 
primary 'Yoshiba, S.'   1 ? 
primary 'Ooga, T.'      2 ? 
primary 'Nakagawa, N.'  3 ? 
primary 'Shibata, T.'   4 ? 
primary 'Inoue, Y.'     5 ? 
primary 'Yokoyama, S.'  6 ? 
primary 'Kuramitsu, S.' 7 ? 
primary 'Masui, R.'     8 ? 
# 
loop_
_entity.id 
_entity.type 
_entity.src_method 
_entity.pdbx_description 
_entity.formula_weight 
_entity.pdbx_number_of_molecules 
_entity.pdbx_ec 
_entity.pdbx_mutation 
_entity.pdbx_fragment 
_entity.details 
1 polymer     man 'ADP-ribose pyrophosphatase' 19287.912 1  3.6.1.13 ? ? ? 
2 non-polymer man RIBOSE-5-PHOSPHATE           230.110   1  ?        ? ? ? 
3 non-polymer syn 'ZINC ION'                   65.409    2  ?        ? ? ? 
4 water       nat water                        18.015    18 ?        ? ? ? 
# 
_entity_poly.entity_id                      1 
_entity_poly.type                           'polypeptide(L)' 
_entity_poly.nstd_linkage                   no 
_entity_poly.nstd_monomer                   no 
_entity_poly.pdbx_seq_one_letter_code       
;MGRVYYGGVERTYLYRGRILNLALEGRYEIVEHKPAVAVIALREGRMLFVRQMRPAVGLAPLEIPAGLIEPGEDPLEAAR
RELAEETGLSGDLTYLFSYFVSPGFTDEKTHVFLAENLKEVEAHPDEDEAIEVVWMRPEEALERHQRGEVEFSATGLVGV
LYYHAFLRGR
;
_entity_poly.pdbx_seq_one_letter_code_can   
;MGRVYYGGVERTYLYRGRILNLALEGRYEIVEHKPAVAVIALREGRMLFVRQMRPAVGLAPLEIPAGLIEPGEDPLEAAR
RELAEETGLSGDLTYLFSYFVSPGFTDEKTHVFLAENLKEVEAHPDEDEAIEVVWMRPEEALERHQRGEVEFSATGLVGV
LYYHAFLRGR
;
_entity_poly.pdbx_strand_id                 A 
_entity_poly.pdbx_target_identifier         ttk003001345.7 
# 
loop_
_pdbx_entity_nonpoly.entity_id 
_pdbx_entity_nonpoly.name 
_pdbx_entity_nonpoly.comp_id 
2 RIBOSE-5-PHOSPHATE R5P 
3 'ZINC ION'         ZN  
4 water              HOH 
# 
loop_
_entity_poly_seq.entity_id 
_entity_poly_seq.num 
_entity_poly_seq.mon_id 
_entity_poly_seq.hetero 
1 1   MET n 
1 2   GLY n 
1 3   ARG n 
1 4   VAL n 
1 5   TYR n 
1 6   TYR n 
1 7   GLY n 
1 8   GLY n 
1 9   VAL n 
1 10  GLU n 
1 11  ARG n 
1 12  THR n 
1 13  TYR n 
1 14  LEU n 
1 15  TYR n 
1 16  ARG n 
1 17  GLY n 
1 18  ARG n 
1 19  ILE n 
1 20  LEU n 
1 21  ASN n 
1 22  LEU n 
1 23  ALA n 
1 24  LEU n 
1 25  GLU n 
1 26  GLY n 
1 27  ARG n 
1 28  TYR n 
1 29  GLU n 
1 30  ILE n 
1 31  VAL n 
1 32  GLU n 
1 33  HIS n 
1 34  LYS n 
1 35  PRO n 
1 36  ALA n 
1 37  VAL n 
1 38  ALA n 
1 39  VAL n 
1 40  ILE n 
1 41  ALA n 
1 42  LEU n 
1 43  ARG n 
1 44  GLU n 
1 45  GLY n 
1 46  ARG n 
1 47  MET n 
1 48  LEU n 
1 49  PHE n 
1 50  VAL n 
1 51  ARG n 
1 52  GLN n 
1 53  MET n 
1 54  ARG n 
1 55  PRO n 
1 56  ALA n 
1 57  VAL n 
1 58  GLY n 
1 59  LEU n 
1 60  ALA n 
1 61  PRO n 
1 62  LEU n 
1 63  GLU n 
1 64  ILE n 
1 65  PRO n 
1 66  ALA n 
1 67  GLY n 
1 68  LEU n 
1 69  ILE n 
1 70  GLU n 
1 71  PRO n 
1 72  GLY n 
1 73  GLU n 
1 74  ASP n 
1 75  PRO n 
1 76  LEU n 
1 77  GLU n 
1 78  ALA n 
1 79  ALA n 
1 80  ARG n 
1 81  ARG n 
1 82  GLU n 
1 83  LEU n 
1 84  ALA n 
1 85  GLU n 
1 86  GLU n 
1 87  THR n 
1 88  GLY n 
1 89  LEU n 
1 90  SER n 
1 91  GLY n 
1 92  ASP n 
1 93  LEU n 
1 94  THR n 
1 95  TYR n 
1 96  LEU n 
1 97  PHE n 
1 98  SER n 
1 99  TYR n 
1 100 PHE n 
1 101 VAL n 
1 102 SER n 
1 103 PRO n 
1 104 GLY n 
1 105 PHE n 
1 106 THR n 
1 107 ASP n 
1 108 GLU n 
1 109 LYS n 
1 110 THR n 
1 111 HIS n 
1 112 VAL n 
1 113 PHE n 
1 114 LEU n 
1 115 ALA n 
1 116 GLU n 
1 117 ASN n 
1 118 LEU n 
1 119 LYS n 
1 120 GLU n 
1 121 VAL n 
1 122 GLU n 
1 123 ALA n 
1 124 HIS n 
1 125 PRO n 
1 126 ASP n 
1 127 GLU n 
1 128 ASP n 
1 129 GLU n 
1 130 ALA n 
1 131 ILE n 
1 132 GLU n 
1 133 VAL n 
1 134 VAL n 
1 135 TRP n 
1 136 MET n 
1 137 ARG n 
1 138 PRO n 
1 139 GLU n 
1 140 GLU n 
1 141 ALA n 
1 142 LEU n 
1 143 GLU n 
1 144 ARG n 
1 145 HIS n 
1 146 GLN n 
1 147 ARG n 
1 148 GLY n 
1 149 GLU n 
1 150 VAL n 
1 151 GLU n 
1 152 PHE n 
1 153 SER n 
1 154 ALA n 
1 155 THR n 
1 156 GLY n 
1 157 LEU n 
1 158 VAL n 
1 159 GLY n 
1 160 VAL n 
1 161 LEU n 
1 162 TYR n 
1 163 TYR n 
1 164 HIS n 
1 165 ALA n 
1 166 PHE n 
1 167 LEU n 
1 168 ARG n 
1 169 GLY n 
1 170 ARG n 
# 
_entity_src_gen.entity_id                          1 
_entity_src_gen.pdbx_src_id                        1 
_entity_src_gen.pdbx_alt_source_flag               sample 
_entity_src_gen.pdbx_seq_type                      ? 
_entity_src_gen.pdbx_beg_seq_num                   ? 
_entity_src_gen.pdbx_end_seq_num                   ? 
_entity_src_gen.gene_src_common_name               ? 
_entity_src_gen.gene_src_genus                     Thermus 
_entity_src_gen.pdbx_gene_src_gene                 ? 
_entity_src_gen.gene_src_species                   ? 
_entity_src_gen.gene_src_strain                    ? 
_entity_src_gen.gene_src_tissue                    ? 
_entity_src_gen.gene_src_tissue_fraction           ? 
_entity_src_gen.gene_src_details                   ? 
_entity_src_gen.pdbx_gene_src_fragment             ? 
_entity_src_gen.pdbx_gene_src_scientific_name      'Thermus thermophilus' 
_entity_src_gen.pdbx_gene_src_ncbi_taxonomy_id     274 
_entity_src_gen.pdbx_gene_src_variant              ? 
_entity_src_gen.pdbx_gene_src_cell_line            ? 
_entity_src_gen.pdbx_gene_src_atcc                 ? 
_entity_src_gen.pdbx_gene_src_organ                ? 
_entity_src_gen.pdbx_gene_src_organelle            ? 
_entity_src_gen.pdbx_gene_src_cell                 ? 
_entity_src_gen.pdbx_gene_src_cellular_location    ? 
_entity_src_gen.host_org_common_name               ? 
_entity_src_gen.pdbx_host_org_scientific_name      'Escherichia coli BL21(DE3)' 
_entity_src_gen.pdbx_host_org_ncbi_taxonomy_id     469008 
_entity_src_gen.host_org_genus                     Escherichia 
_entity_src_gen.pdbx_host_org_gene                 ? 
_entity_src_gen.pdbx_host_org_organ                ? 
_entity_src_gen.host_org_species                   'Escherichia coli' 
_entity_src_gen.pdbx_host_org_tissue               ? 
_entity_src_gen.pdbx_host_org_tissue_fraction      ? 
_entity_src_gen.pdbx_host_org_strain               'BL21(DE3)' 
_entity_src_gen.pdbx_host_org_variant              ? 
_entity_src_gen.pdbx_host_org_cell_line            ? 
_entity_src_gen.pdbx_host_org_atcc                 ? 
_entity_src_gen.pdbx_host_org_culture_collection   ? 
_entity_src_gen.pdbx_host_org_cell                 ? 
_entity_src_gen.pdbx_host_org_organelle            ? 
_entity_src_gen.pdbx_host_org_cellular_location    ? 
_entity_src_gen.pdbx_host_org_vector_type          plasmid 
_entity_src_gen.pdbx_host_org_vector               ? 
_entity_src_gen.host_org_details                   ? 
_entity_src_gen.expression_system_id               ? 
_entity_src_gen.plasmid_name                       pET11a 
_entity_src_gen.plasmid_details                    ? 
_entity_src_gen.pdbx_description                   ? 
# 
loop_
_chem_comp.id 
_chem_comp.type 
_chem_comp.mon_nstd_flag 
_chem_comp.name 
_chem_comp.pdbx_synonyms 
_chem_comp.formula 
_chem_comp.formula_weight 
ALA 'L-peptide linking' y ALANINE            ? 'C3 H7 N O2'     89.093  
ARG 'L-peptide linking' y ARGININE           ? 'C6 H15 N4 O2 1' 175.209 
ASN 'L-peptide linking' y ASPARAGINE         ? 'C4 H8 N2 O3'    132.118 
ASP 'L-peptide linking' y 'ASPARTIC ACID'    ? 'C4 H7 N O4'     133.103 
GLN 'L-peptide linking' y GLUTAMINE          ? 'C5 H10 N2 O3'   146.144 
GLU 'L-peptide linking' y 'GLUTAMIC ACID'    ? 'C5 H9 N O4'     147.129 
GLY 'peptide linking'   y GLYCINE            ? 'C2 H5 N O2'     75.067  
HIS 'L-peptide linking' y HISTIDINE          ? 'C6 H10 N3 O2 1' 156.162 
HOH non-polymer         . WATER              ? 'H2 O'           18.015  
ILE 'L-peptide linking' y ISOLEUCINE         ? 'C6 H13 N O2'    131.173 
LEU 'L-peptide linking' y LEUCINE            ? 'C6 H13 N O2'    131.173 
LYS 'L-peptide linking' y LYSINE             ? 'C6 H15 N2 O2 1' 147.195 
MET 'L-peptide linking' y METHIONINE         ? 'C5 H11 N O2 S'  149.211 
PHE 'L-peptide linking' y PHENYLALANINE      ? 'C9 H11 N O2'    165.189 
PRO 'L-peptide linking' y PROLINE            ? 'C5 H9 N O2'     115.130 
R5P saccharide          . RIBOSE-5-PHOSPHATE ? 'C5 H11 O8 P'    230.110 
SER 'L-peptide linking' y SERINE             ? 'C3 H7 N O3'     105.093 
THR 'L-peptide linking' y THREONINE          ? 'C4 H9 N O3'     119.119 
TRP 'L-peptide linking' y TRYPTOPHAN         ? 'C11 H12 N2 O2'  204.225 
TYR 'L-peptide linking' y TYROSINE           ? 'C9 H11 N O3'    181.189 
VAL 'L-peptide linking' y VALINE             ? 'C5 H11 N O2'    117.146 
ZN  non-polymer         . 'ZINC ION'         ? 'Zn 2'           65.409  
# 
loop_
_pdbx_poly_seq_scheme.asym_id 
_pdbx_poly_seq_scheme.entity_id 
_pdbx_poly_seq_scheme.seq_id 
_pdbx_poly_seq_scheme.mon_id 
_pdbx_poly_seq_scheme.ndb_seq_num 
_pdbx_poly_seq_scheme.pdb_seq_num 
_pdbx_poly_seq_scheme.auth_seq_num 
_pdbx_poly_seq_scheme.pdb_mon_id 
_pdbx_poly_seq_scheme.auth_mon_id 
_pdbx_poly_seq_scheme.pdb_strand_id 
_pdbx_poly_seq_scheme.pdb_ins_code 
_pdbx_poly_seq_scheme.hetero 
A 1 1   MET 1   1   ?   ?   ?   A . n 
A 1 2   GLY 2   2   ?   ?   ?   A . n 
A 1 3   ARG 3   3   ?   ?   ?   A . n 
A 1 4   VAL 4   4   ?   ?   ?   A . n 
A 1 5   TYR 5   5   ?   ?   ?   A . n 
A 1 6   TYR 6   6   ?   ?   ?   A . n 
A 1 7   GLY 7   7   ?   ?   ?   A . n 
A 1 8   GLY 8   8   ?   ?   ?   A . n 
A 1 9   VAL 9   9   ?   ?   ?   A . n 
A 1 10  GLU 10  10  ?   ?   ?   A . n 
A 1 11  ARG 11  11  11  ARG ARG A . n 
A 1 12  THR 12  12  12  THR THR A . n 
A 1 13  TYR 13  13  13  TYR TYR A . n 
A 1 14  LEU 14  14  14  LEU LEU A . n 
A 1 15  TYR 15  15  15  TYR TYR A . n 
A 1 16  ARG 16  16  16  ARG ARG A . n 
A 1 17  GLY 17  17  17  GLY GLY A . n 
A 1 18  ARG 18  18  18  ARG ARG A . n 
A 1 19  ILE 19  19  19  ILE ILE A . n 
A 1 20  LEU 20  20  20  LEU LEU A . n 
A 1 21  ASN 21  21  21  ASN ASN A . n 
A 1 22  LEU 22  22  22  LEU LEU A . n 
A 1 23  ALA 23  23  23  ALA ALA A . n 
A 1 24  LEU 24  24  24  LEU LEU A . n 
A 1 25  GLU 25  25  25  GLU GLU A . n 
A 1 26  GLY 26  26  26  GLY GLY A . n 
A 1 27  ARG 27  27  27  ARG ARG A . n 
A 1 28  TYR 28  28  28  TYR TYR A . n 
A 1 29  GLU 29  29  29  GLU GLU A . n 
A 1 30  ILE 30  30  30  ILE ILE A . n 
A 1 31  VAL 31  31  31  VAL VAL A . n 
A 1 32  GLU 32  32  32  GLU GLU A . n 
A 1 33  HIS 33  33  33  HIS HIS A . n 
A 1 34  LYS 34  34  34  LYS LYS A . n 
A 1 35  PRO 35  35  35  PRO PRO A . n 
A 1 36  ALA 36  36  36  ALA ALA A . n 
A 1 37  VAL 37  37  37  VAL VAL A . n 
A 1 38  ALA 38  38  38  ALA ALA A . n 
A 1 39  VAL 39  39  39  VAL VAL A . n 
A 1 40  ILE 40  40  40  ILE ILE A . n 
A 1 41  ALA 41  41  41  ALA ALA A . n 
A 1 42  LEU 42  42  42  LEU LEU A . n 
A 1 43  ARG 43  43  43  ARG ARG A . n 
A 1 44  GLU 44  44  44  GLU GLU A . n 
A 1 45  GLY 45  45  45  GLY GLY A . n 
A 1 46  ARG 46  46  46  ARG ARG A . n 
A 1 47  MET 47  47  47  MET MET A . n 
A 1 48  LEU 48  48  48  LEU LEU A . n 
A 1 49  PHE 49  49  49  PHE PHE A . n 
A 1 50  VAL 50  50  50  VAL VAL A . n 
A 1 51  ARG 51  51  51  ARG ARG A . n 
A 1 52  GLN 52  52  52  GLN GLN A . n 
A 1 53  MET 53  53  53  MET MET A . n 
A 1 54  ARG 54  54  54  ARG ARG A . n 
A 1 55  PRO 55  55  55  PRO PRO A . n 
A 1 56  ALA 56  56  56  ALA ALA A . n 
A 1 57  VAL 57  57  57  VAL VAL A . n 
A 1 58  GLY 58  58  58  GLY GLY A . n 
A 1 59  LEU 59  59  59  LEU LEU A . n 
A 1 60  ALA 60  60  60  ALA ALA A . n 
A 1 61  PRO 61  61  61  PRO PRO A . n 
A 1 62  LEU 62  62  62  LEU LEU A . n 
A 1 63  GLU 63  63  63  GLU GLU A . n 
A 1 64  ILE 64  64  64  ILE ILE A . n 
A 1 65  PRO 65  65  65  PRO PRO A . n 
A 1 66  ALA 66  66  66  ALA ALA A . n 
A 1 67  GLY 67  67  67  GLY GLY A . n 
A 1 68  LEU 68  68  68  LEU LEU A . n 
A 1 69  ILE 69  69  69  ILE ILE A . n 
A 1 70  GLU 70  70  70  GLU GLU A . n 
A 1 71  PRO 71  71  71  PRO PRO A . n 
A 1 72  GLY 72  72  72  GLY GLY A . n 
A 1 73  GLU 73  73  73  GLU GLU A . n 
A 1 74  ASP 74  74  74  ASP ASP A . n 
A 1 75  PRO 75  75  75  PRO PRO A . n 
A 1 76  LEU 76  76  76  LEU LEU A . n 
A 1 77  GLU 77  77  77  GLU GLU A . n 
A 1 78  ALA 78  78  78  ALA ALA A . n 
A 1 79  ALA 79  79  79  ALA ALA A . n 
A 1 80  ARG 80  80  80  ARG ARG A . n 
A 1 81  ARG 81  81  81  ARG ARG A . n 
A 1 82  GLU 82  82  82  GLU GLU A . n 
A 1 83  LEU 83  83  83  LEU LEU A . n 
A 1 84  ALA 84  84  84  ALA ALA A . n 
A 1 85  GLU 85  85  85  GLU GLU A . n 
A 1 86  GLU 86  86  86  GLU GLU A . n 
A 1 87  THR 87  87  87  THR THR A . n 
A 1 88  GLY 88  88  88  GLY GLY A . n 
A 1 89  LEU 89  89  89  LEU LEU A . n 
A 1 90  SER 90  90  90  SER SER A . n 
A 1 91  GLY 91  91  91  GLY GLY A . n 
A 1 92  ASP 92  92  92  ASP ASP A . n 
A 1 93  LEU 93  93  93  LEU LEU A . n 
A 1 94  THR 94  94  94  THR THR A . n 
A 1 95  TYR 95  95  95  TYR TYR A . n 
A 1 96  LEU 96  96  96  LEU LEU A . n 
A 1 97  PHE 97  97  97  PHE PHE A . n 
A 1 98  SER 98  98  98  SER SER A . n 
A 1 99  TYR 99  99  99  TYR TYR A . n 
A 1 100 PHE 100 100 100 PHE PHE A . n 
A 1 101 VAL 101 101 101 VAL VAL A . n 
A 1 102 SER 102 102 102 SER SER A . n 
A 1 103 PRO 103 103 103 PRO PRO A . n 
A 1 104 GLY 104 104 104 GLY GLY A . n 
A 1 105 PHE 105 105 105 PHE PHE A . n 
A 1 106 THR 106 106 106 THR THR A . n 
A 1 107 ASP 107 107 107 ASP ASP A . n 
A 1 108 GLU 108 108 108 GLU GLU A . n 
A 1 109 LYS 109 109 109 LYS LYS A . n 
A 1 110 THR 110 110 110 THR THR A . n 
A 1 111 HIS 111 111 111 HIS HIS A . n 
A 1 112 VAL 112 112 112 VAL VAL A . n 
A 1 113 PHE 113 113 113 PHE PHE A . n 
A 1 114 LEU 114 114 114 LEU LEU A . n 
A 1 115 ALA 115 115 115 ALA ALA A . n 
A 1 116 GLU 116 116 116 GLU GLU A . n 
A 1 117 ASN 117 117 117 ASN ASN A . n 
A 1 118 LEU 118 118 118 LEU LEU A . n 
A 1 119 LYS 119 119 119 LYS LYS A . n 
A 1 120 GLU 120 120 120 GLU GLU A . n 
A 1 121 VAL 121 121 121 VAL VAL A . n 
A 1 122 GLU 122 122 122 GLU GLU A . n 
A 1 123 ALA 123 123 123 ALA ALA A . n 
A 1 124 HIS 124 124 ?   ?   ?   A . n 
A 1 125 PRO 125 125 ?   ?   ?   A . n 
A 1 126 ASP 126 126 ?   ?   ?   A . n 
A 1 127 GLU 127 127 ?   ?   ?   A . n 
A 1 128 ASP 128 128 ?   ?   ?   A . n 
A 1 129 GLU 129 129 ?   ?   ?   A . n 
A 1 130 ALA 130 130 130 ALA ALA A . n 
A 1 131 ILE 131 131 131 ILE ILE A . n 
A 1 132 GLU 132 132 132 GLU GLU A . n 
A 1 133 VAL 133 133 133 VAL VAL A . n 
A 1 134 VAL 134 134 134 VAL VAL A . n 
A 1 135 TRP 135 135 135 TRP TRP A . n 
A 1 136 MET 136 136 136 MET MET A . n 
A 1 137 ARG 137 137 137 ARG ARG A . n 
A 1 138 PRO 138 138 138 PRO PRO A . n 
A 1 139 GLU 139 139 139 GLU GLU A . n 
A 1 140 GLU 140 140 140 GLU GLU A . n 
A 1 141 ALA 141 141 141 ALA ALA A . n 
A 1 142 LEU 142 142 142 LEU LEU A . n 
A 1 143 GLU 143 143 143 GLU GLU A . n 
A 1 144 ARG 144 144 144 ARG ARG A . n 
A 1 145 HIS 145 145 145 HIS HIS A . n 
A 1 146 GLN 146 146 146 GLN GLN A . n 
A 1 147 ARG 147 147 147 ARG ARG A . n 
A 1 148 GLY 148 148 148 GLY GLY A . n 
A 1 149 GLU 149 149 149 GLU GLU A . n 
A 1 150 VAL 150 150 150 VAL VAL A . n 
A 1 151 GLU 151 151 151 GLU GLU A . n 
A 1 152 PHE 152 152 152 PHE PHE A . n 
A 1 153 SER 153 153 153 SER SER A . n 
A 1 154 ALA 154 154 154 ALA ALA A . n 
A 1 155 THR 155 155 155 THR THR A . n 
A 1 156 GLY 156 156 156 GLY GLY A . n 
A 1 157 LEU 157 157 157 LEU LEU A . n 
A 1 158 VAL 158 158 158 VAL VAL A . n 
A 1 159 GLY 159 159 159 GLY GLY A . n 
A 1 160 VAL 160 160 160 VAL VAL A . n 
A 1 161 LEU 161 161 161 LEU LEU A . n 
A 1 162 TYR 162 162 162 TYR TYR A . n 
A 1 163 TYR 163 163 163 TYR TYR A . n 
A 1 164 HIS 164 164 164 HIS HIS A . n 
A 1 165 ALA 165 165 165 ALA ALA A . n 
A 1 166 PHE 166 166 166 PHE PHE A . n 
A 1 167 LEU 167 167 167 LEU LEU A . n 
A 1 168 ARG 168 168 168 ARG ARG A . n 
A 1 169 GLY 169 169 ?   ?   ?   A . n 
A 1 170 ARG 170 170 ?   ?   ?   A . n 
# 
loop_
_pdbx_nonpoly_scheme.asym_id 
_pdbx_nonpoly_scheme.entity_id 
_pdbx_nonpoly_scheme.mon_id 
_pdbx_nonpoly_scheme.ndb_seq_num 
_pdbx_nonpoly_scheme.pdb_seq_num 
_pdbx_nonpoly_scheme.auth_seq_num 
_pdbx_nonpoly_scheme.pdb_mon_id 
_pdbx_nonpoly_scheme.auth_mon_id 
_pdbx_nonpoly_scheme.pdb_strand_id 
_pdbx_nonpoly_scheme.pdb_ins_code 
B 2 R5P 1  601 601 R5P R5P A . 
C 3 ZN  1  300 300 ZN  ZN2 A . 
D 3 ZN  1  301 301 ZN  ZN2 A . 
E 4 HOH 1  602 1   HOH TIP A . 
E 4 HOH 2  603 2   HOH TIP A . 
E 4 HOH 3  604 3   HOH TIP A . 
E 4 HOH 4  605 5   HOH TIP A . 
E 4 HOH 5  606 6   HOH TIP A . 
E 4 HOH 6  607 7   HOH TIP A . 
E 4 HOH 7  608 9   HOH TIP A . 
E 4 HOH 8  609 10  HOH TIP A . 
E 4 HOH 9  610 11  HOH TIP A . 
E 4 HOH 10 611 12  HOH TIP A . 
E 4 HOH 11 612 13  HOH TIP A . 
E 4 HOH 12 613 14  HOH TIP A . 
E 4 HOH 13 614 15  HOH TIP A . 
E 4 HOH 14 615 16  HOH TIP A . 
E 4 HOH 15 616 17  HOH TIP A . 
E 4 HOH 16 617 18  HOH TIP A . 
E 4 HOH 17 618 19  HOH TIP A . 
E 4 HOH 18 619 20  HOH TIP A . 
# 
_software.name             CNS 
_software.classification   refinement 
_software.version          1.1 
_software.citation_id      ? 
_software.pdbx_ordinal     1 
# 
_cell.entry_id           1V8T 
_cell.length_a           49.930 
_cell.length_b           49.930 
_cell.length_c           117.950 
_cell.angle_alpha        90.00 
_cell.angle_beta         90.00 
_cell.angle_gamma        120.00 
_cell.Z_PDB              6 
_cell.pdbx_unique_axis   ? 
# 
_symmetry.entry_id                         1V8T 
_symmetry.space_group_name_H-M             'P 32 2 1' 
_symmetry.pdbx_full_space_group_name_H-M   ? 
_symmetry.cell_setting                     ? 
_symmetry.Int_Tables_number                154 
_symmetry.space_group_name_Hall            ? 
# 
_exptl.entry_id          1V8T 
_exptl.method            'X-RAY DIFFRACTION' 
_exptl.crystals_number   1 
# 
_exptl_crystal.id                    1 
_exptl_crystal.density_meas          ? 
_exptl_crystal.density_Matthews      2.43 
_exptl_crystal.density_percent_sol   48.89 
_exptl_crystal.description           ? 
_exptl_crystal.F_000                 ? 
_exptl_crystal.preparation           ? 
# 
_exptl_crystal_grow.crystal_id      1 
_exptl_crystal_grow.method          'VAPOR DIFFUSION, HANGING DROP' 
_exptl_crystal_grow.temp            293 
_exptl_crystal_grow.temp_details    ? 
_exptl_crystal_grow.pH              ? 
_exptl_crystal_grow.pdbx_details    'VAPOR DIFFUSION, HANGING DROP, temperature 293K' 
_exptl_crystal_grow.pdbx_pH_range   . 
# 
_diffrn.id                     1 
_diffrn.ambient_temp           ? 
_diffrn.ambient_temp_details   ? 
_diffrn.crystal_id             1 
# 
_diffrn_detector.diffrn_id              1 
_diffrn_detector.detector               'IMAGE PLATE' 
_diffrn_detector.type                   'RIGAKU RAXIS' 
_diffrn_detector.pdbx_collection_date   ? 
_diffrn_detector.details                ? 
# 
_diffrn_radiation.diffrn_id                        1 
_diffrn_radiation.wavelength_id                    1 
_diffrn_radiation.pdbx_monochromatic_or_laue_m_l   M 
_diffrn_radiation.monochromator                    ? 
_diffrn_radiation.pdbx_diffrn_protocol             'SINGLE WAVELENGTH' 
_diffrn_radiation.pdbx_scattering_type             x-ray 
# 
_diffrn_radiation_wavelength.id           1 
_diffrn_radiation_wavelength.wavelength   1.54 
_diffrn_radiation_wavelength.wt           1.0 
# 
_diffrn_source.diffrn_id                   1 
_diffrn_source.source                      'ROTATING ANODE' 
_diffrn_source.type                        RIGAKU 
_diffrn_source.pdbx_synchrotron_site       ? 
_diffrn_source.pdbx_synchrotron_beamline   ? 
_diffrn_source.pdbx_wavelength             ? 
_diffrn_source.pdbx_wavelength_list        1.54 
# 
_reflns.entry_id                     1V8T 
_reflns.observed_criterion_sigma_I   3 
_reflns.observed_criterion_sigma_F   ? 
_reflns.d_resolution_low             40 
_reflns.d_resolution_high            2.6 
_reflns.number_obs                   5224 
_reflns.number_all                   ? 
_reflns.percent_possible_obs         93.4 
_reflns.pdbx_Rmerge_I_obs            ? 
_reflns.pdbx_Rsym_value              0.04 
_reflns.pdbx_netI_over_sigmaI        ? 
_reflns.B_iso_Wilson_estimate        17.0 
_reflns.pdbx_redundancy              ? 
_reflns.R_free_details               ? 
_reflns.limit_h_max                  ? 
_reflns.limit_h_min                  ? 
_reflns.limit_k_max                  ? 
_reflns.limit_k_min                  ? 
_reflns.limit_l_max                  ? 
_reflns.limit_l_min                  ? 
_reflns.observed_criterion_F_max     ? 
_reflns.observed_criterion_F_min     ? 
_reflns.pdbx_chi_squared             ? 
_reflns.pdbx_scaling_rejects         ? 
_reflns.pdbx_ordinal                 1 
_reflns.pdbx_diffrn_id               1 
# 
_reflns_shell.d_res_high             2.6 
_reflns_shell.d_res_low              2.69 
_reflns_shell.percent_possible_all   85.6 
_reflns_shell.Rmerge_I_obs           ? 
_reflns_shell.pdbx_Rsym_value        0.057 
_reflns_shell.meanI_over_sigI_obs    ? 
_reflns_shell.pdbx_redundancy        ? 
_reflns_shell.percent_possible_obs   ? 
_reflns_shell.number_unique_all      ? 
_reflns_shell.number_measured_all    ? 
_reflns_shell.number_measured_obs    ? 
_reflns_shell.number_unique_obs      ? 
_reflns_shell.pdbx_chi_squared       ? 
_reflns_shell.pdbx_ordinal           1 
_reflns_shell.pdbx_diffrn_id         1 
# 
_refine.entry_id                                 1V8T 
_refine.ls_number_reflns_obs                     5222 
_refine.ls_number_reflns_all                     ? 
_refine.pdbx_ls_sigma_I                          ? 
_refine.pdbx_ls_sigma_F                          .0 
_refine.pdbx_data_cutoff_high_absF               1246139.89 
_refine.pdbx_data_cutoff_low_absF                .000000 
_refine.pdbx_data_cutoff_high_rms_absF           ? 
_refine.ls_d_res_low                             39.32 
_refine.ls_d_res_high                            2.60 
_refine.ls_percent_reflns_obs                    92.7 
_refine.ls_R_factor_obs                          0.22 
_refine.ls_R_factor_all                          ? 
_refine.ls_R_factor_R_work                       0.22 
_refine.ls_R_factor_R_free                       0.245 
_refine.ls_R_factor_R_free_error                 .015 
_refine.ls_R_factor_R_free_error_details         ? 
_refine.ls_percent_reflns_R_free                 5.2 
_refine.ls_number_reflns_R_free                  269 
_refine.ls_number_parameters                     ? 
_refine.ls_number_restraints                     ? 
_refine.occupancy_min                            ? 
_refine.occupancy_max                            ? 
_refine.correlation_coeff_Fo_to_Fc               ? 
_refine.correlation_coeff_Fo_to_Fc_free          ? 
_refine.B_iso_mean                               21.4 
_refine.aniso_B[1][1]                            3.46 
_refine.aniso_B[2][2]                            3.46 
_refine.aniso_B[3][3]                            -6.91 
_refine.aniso_B[1][2]                            3.28 
_refine.aniso_B[1][3]                            .00 
_refine.aniso_B[2][3]                            .00 
_refine.solvent_model_details                    'FLAT MODEL' 
_refine.solvent_model_param_ksol                 .398819 
_refine.solvent_model_param_bsol                 48.0609 
_refine.pdbx_solvent_vdw_probe_radii             ? 
_refine.pdbx_solvent_ion_probe_radii             ? 
_refine.pdbx_solvent_shrinkage_radii             ? 
_refine.pdbx_ls_cross_valid_method               THROUGHOUT 
_refine.details                                  ? 
_refine.pdbx_starting_model                      ? 
_refine.pdbx_method_to_determine_struct          'MOLECULAR REPLACEMENT' 
_refine.pdbx_isotropic_thermal_model             RESTRAINED 
_refine.pdbx_stereochemistry_target_values       ? 
_refine.pdbx_stereochem_target_val_spec_case     ? 
_refine.pdbx_R_Free_selection_details            RANDOM 
_refine.pdbx_overall_ESU_R                       ? 
_refine.pdbx_overall_ESU_R_Free                  ? 
_refine.overall_SU_ML                            ? 
_refine.overall_SU_B                             ? 
_refine.ls_redundancy_reflns_obs                 ? 
_refine.B_iso_min                                ? 
_refine.B_iso_max                                ? 
_refine.overall_SU_R_Cruickshank_DPI             ? 
_refine.overall_SU_R_free                        ? 
_refine.ls_wR_factor_R_free                      ? 
_refine.ls_wR_factor_R_work                      ? 
_refine.overall_FOM_free_R_set                   ? 
_refine.overall_FOM_work_R_set                   ? 
_refine.pdbx_refine_id                           'X-RAY DIFFRACTION' 
_refine.pdbx_diffrn_id                           1 
_refine.pdbx_TLS_residual_ADP_flag               ? 
_refine.pdbx_overall_phase_error                 ? 
_refine.pdbx_overall_SU_R_free_Cruickshank_DPI   ? 
_refine.pdbx_overall_SU_R_Blow_DPI               ? 
_refine.pdbx_overall_SU_R_free_Blow_DPI          ? 
# 
_refine_analyze.entry_id                        1V8T 
_refine_analyze.Luzzati_coordinate_error_obs    .30 
_refine_analyze.Luzzati_sigma_a_obs             .28 
_refine_analyze.Luzzati_d_res_low_obs           5.00 
_refine_analyze.Luzzati_coordinate_error_free   .33 
_refine_analyze.Luzzati_sigma_a_free            .24 
_refine_analyze.Luzzati_d_res_low_free          ? 
_refine_analyze.number_disordered_residues      ? 
_refine_analyze.occupancy_sum_hydrogen          ? 
_refine_analyze.occupancy_sum_non_hydrogen      ? 
_refine_analyze.pdbx_Luzzati_d_res_high_obs     ? 
_refine_analyze.pdbx_refine_id                  'X-RAY DIFFRACTION' 
# 
_refine_hist.pdbx_refine_id                   'X-RAY DIFFRACTION' 
_refine_hist.cycle_id                         LAST 
_refine_hist.pdbx_number_atoms_protein        1216 
_refine_hist.pdbx_number_atoms_nucleic_acid   0 
_refine_hist.pdbx_number_atoms_ligand         16 
_refine_hist.number_atoms_solvent             18 
_refine_hist.number_atoms_total               1250 
_refine_hist.d_res_high                       2.60 
_refine_hist.d_res_low                        39.32 
# 
loop_
_refine_ls_restr.type 
_refine_ls_restr.dev_ideal 
_refine_ls_restr.dev_ideal_target 
_refine_ls_restr.weight 
_refine_ls_restr.number 
_refine_ls_restr.pdbx_refine_id 
_refine_ls_restr.pdbx_restraint_function 
c_bond_d                .008 ?    ? ? 'X-RAY DIFFRACTION' ? 
c_bond_d_na             ?    ?    ? ? 'X-RAY DIFFRACTION' ? 
c_bond_d_prot           ?    ?    ? ? 'X-RAY DIFFRACTION' ? 
c_angle_d               ?    ?    ? ? 'X-RAY DIFFRACTION' ? 
c_angle_d_na            ?    ?    ? ? 'X-RAY DIFFRACTION' ? 
c_angle_d_prot          ?    ?    ? ? 'X-RAY DIFFRACTION' ? 
c_angle_deg             1.7  ?    ? ? 'X-RAY DIFFRACTION' ? 
c_angle_deg_na          ?    ?    ? ? 'X-RAY DIFFRACTION' ? 
c_angle_deg_prot        ?    ?    ? ? 'X-RAY DIFFRACTION' ? 
c_dihedral_angle_d      25.9 ?    ? ? 'X-RAY DIFFRACTION' ? 
c_dihedral_angle_d_na   ?    ?    ? ? 'X-RAY DIFFRACTION' ? 
c_dihedral_angle_d_prot ?    ?    ? ? 'X-RAY DIFFRACTION' ? 
c_improper_angle_d      .76  ?    ? ? 'X-RAY DIFFRACTION' ? 
c_improper_angle_d_na   ?    ?    ? ? 'X-RAY DIFFRACTION' ? 
c_improper_angle_d_prot ?    ?    ? ? 'X-RAY DIFFRACTION' ? 
c_mcbond_it             1.10 1.50 ? ? 'X-RAY DIFFRACTION' ? 
c_mcangle_it            1.83 2.00 ? ? 'X-RAY DIFFRACTION' ? 
c_scbond_it             1.76 2.00 ? ? 'X-RAY DIFFRACTION' ? 
c_scangle_it            2.69 2.50 ? ? 'X-RAY DIFFRACTION' ? 
# 
_refine_ls_shell.pdbx_total_number_of_bins_used   6 
_refine_ls_shell.d_res_high                       2.60 
_refine_ls_shell.d_res_low                        2.76 
_refine_ls_shell.number_reflns_R_work             716 
_refine_ls_shell.R_factor_R_work                  0.251 
_refine_ls_shell.percent_reflns_obs               81.3 
_refine_ls_shell.R_factor_R_free                  0.265 
_refine_ls_shell.R_factor_R_free_error            .042 
_refine_ls_shell.percent_reflns_R_free            5.2 
_refine_ls_shell.number_reflns_R_free             39 
_refine_ls_shell.number_reflns_obs                ? 
_refine_ls_shell.redundancy_reflns_obs            ? 
_refine_ls_shell.number_reflns_all                ? 
_refine_ls_shell.pdbx_refine_id                   'X-RAY DIFFRACTION' 
_refine_ls_shell.R_factor_all                     ? 
# 
loop_
_pdbx_xplor_file.serial_no 
_pdbx_xplor_file.param_file 
_pdbx_xplor_file.topol_file 
_pdbx_xplor_file.pdbx_refine_id 
1 PROTEIN_REP.PARAM PROTEIN.TOP       'X-RAY DIFFRACTION' 
2 WATER_REP.PARAM   WATER.TOP         'X-RAY DIFFRACTION' 
3 R5P_XPLOR_PAR.TXT R5P_XPLOR_TOP.TXT 'X-RAY DIFFRACTION' 
4 ION.PARAM         ION.TOP           'X-RAY DIFFRACTION' 
# 
_struct.entry_id                  1V8T 
_struct.title                     
;Crystal Structure analysis of the ADP-ribose pyrophosphatase complexed with ribose-5'-phosphate and Zn
;
_struct.pdbx_model_details        ? 
_struct.pdbx_CASP_flag            ? 
_struct.pdbx_model_type_details   ? 
# 
_struct_keywords.entry_id        1V8T 
_struct_keywords.pdbx_keywords   HYDROLASE 
_struct_keywords.text            
'Nudix motif, MutT family, loop-helix-loop, RIKEN Structural Genomics/Proteomics Initiative, RSGI, Structural Genomics, HYDROLASE' 
# 
loop_
_struct_asym.id 
_struct_asym.pdbx_blank_PDB_chainid_flag 
_struct_asym.pdbx_modified 
_struct_asym.entity_id 
_struct_asym.details 
A N N 1 ? 
B N N 2 ? 
C N N 3 ? 
D N N 3 ? 
E N N 4 ? 
# 
_struct_ref.id                         1 
_struct_ref.db_name                    UNP 
_struct_ref.db_code                    Q84CU3_THETH 
_struct_ref.pdbx_db_accession          Q84CU3 
_struct_ref.entity_id                  1 
_struct_ref.pdbx_seq_one_letter_code   
;MGRVYYGGVERTYLYRGRILNLALEGRYEIVEHKPAVAVIALREGRMLFVRQMRPAVGLAPLEIPAGLIEPGEDPLEAAR
RELAEETGLSGDLTYLFSYFVSPGFTDEKTHVFLAENLKEVEAHPDEDEAIEVVWMRPEEALERHQRGEVEFSATGLVGV
LYYHAFLRGR
;
_struct_ref.pdbx_align_begin           1 
_struct_ref.pdbx_db_isoform            ? 
# 
_struct_ref_seq.align_id                      1 
_struct_ref_seq.ref_id                        1 
_struct_ref_seq.pdbx_PDB_id_code              1V8T 
_struct_ref_seq.pdbx_strand_id                A 
_struct_ref_seq.seq_align_beg                 1 
_struct_ref_seq.pdbx_seq_align_beg_ins_code   ? 
_struct_ref_seq.seq_align_end                 170 
_struct_ref_seq.pdbx_seq_align_end_ins_code   ? 
_struct_ref_seq.pdbx_db_accession             Q84CU3 
_struct_ref_seq.db_align_beg                  1 
_struct_ref_seq.pdbx_db_align_beg_ins_code    ? 
_struct_ref_seq.db_align_end                  170 
_struct_ref_seq.pdbx_db_align_end_ins_code    ? 
_struct_ref_seq.pdbx_auth_seq_align_beg       1 
_struct_ref_seq.pdbx_auth_seq_align_end       170 
# 
_pdbx_struct_assembly.id                   1 
_pdbx_struct_assembly.details              author_and_software_defined_assembly 
_pdbx_struct_assembly.method_details       PISA,PQS 
_pdbx_struct_assembly.oligomeric_details   dimeric 
_pdbx_struct_assembly.oligomeric_count     2 
# 
loop_
_pdbx_struct_assembly_prop.biol_id 
_pdbx_struct_assembly_prop.type 
_pdbx_struct_assembly_prop.value 
_pdbx_struct_assembly_prop.details 
1 'ABSA (A^2)' 5900  ? 
1 MORE         -146  ? 
1 'SSA (A^2)'  13080 ? 
# 
_pdbx_struct_assembly_gen.assembly_id       1 
_pdbx_struct_assembly_gen.oper_expression   1,2 
_pdbx_struct_assembly_gen.asym_id_list      A,B,C,D,E 
# 
loop_
_pdbx_struct_oper_list.id 
_pdbx_struct_oper_list.type 
_pdbx_struct_oper_list.name 
_pdbx_struct_oper_list.symmetry_operation 
_pdbx_struct_oper_list.matrix[1][1] 
_pdbx_struct_oper_list.matrix[1][2] 
_pdbx_struct_oper_list.matrix[1][3] 
_pdbx_struct_oper_list.vector[1] 
_pdbx_struct_oper_list.matrix[2][1] 
_pdbx_struct_oper_list.matrix[2][2] 
_pdbx_struct_oper_list.matrix[2][3] 
_pdbx_struct_oper_list.vector[2] 
_pdbx_struct_oper_list.matrix[3][1] 
_pdbx_struct_oper_list.matrix[3][2] 
_pdbx_struct_oper_list.matrix[3][3] 
_pdbx_struct_oper_list.vector[3] 
1 'identity operation'         1_555 x,y,z          1.0000000000  0.0000000000 0.0000000000  0.0000000000  0.0000000000 1.0000000000  0.0000000000  0.0000000000  0.0000000000  0.0000000000  1.0000000000 0.0000000000 
2 'crystal symmetry operation' 6_555 -x,-x+y,-z+2/3 -0.3644748374 0.2231443504 -0.9040822373 -0.3113421515 0.2231443504 -0.9216499927 -0.3174395845 17.5436796977 -0.9040822373 -0.3174395845 0.2861248301 4.1112490488 
# 
_struct_biol.id                    1 
_struct_biol.details               
;dimer,the second part of the biological assembly is generated 
by y, x, 1-z.
;
_struct_biol.pdbx_parent_biol_id   ? 
# 
loop_
_struct_conf.conf_type_id 
_struct_conf.id 
_struct_conf.pdbx_PDB_helix_id 
_struct_conf.beg_label_comp_id 
_struct_conf.beg_label_asym_id 
_struct_conf.beg_label_seq_id 
_struct_conf.pdbx_beg_PDB_ins_code 
_struct_conf.end_label_comp_id 
_struct_conf.end_label_asym_id 
_struct_conf.end_label_seq_id 
_struct_conf.pdbx_end_PDB_ins_code 
_struct_conf.beg_auth_comp_id 
_struct_conf.beg_auth_asym_id 
_struct_conf.beg_auth_seq_id 
_struct_conf.end_auth_comp_id 
_struct_conf.end_auth_asym_id 
_struct_conf.end_auth_seq_id 
_struct_conf.pdbx_PDB_helix_class 
_struct_conf.details 
_struct_conf.pdbx_PDB_helix_length 
HELX_P HELX_P1 1 ASP A 74  ? GLY A 88  ? ASP A 74  GLY A 88  1 ? 15 
HELX_P HELX_P2 2 ARG A 137 ? ARG A 147 ? ARG A 137 ARG A 147 1 ? 11 
HELX_P HELX_P3 3 SER A 153 ? LEU A 167 ? SER A 153 LEU A 167 1 ? 15 
# 
_struct_conf_type.id          HELX_P 
_struct_conf_type.criteria    ? 
_struct_conf_type.reference   ? 
# 
loop_
_struct_conn.id 
_struct_conn.conn_type_id 
_struct_conn.pdbx_leaving_atom_flag 
_struct_conn.pdbx_PDB_id 
_struct_conn.ptnr1_label_asym_id 
_struct_conn.ptnr1_label_comp_id 
_struct_conn.ptnr1_label_seq_id 
_struct_conn.ptnr1_label_atom_id 
_struct_conn.pdbx_ptnr1_label_alt_id 
_struct_conn.pdbx_ptnr1_PDB_ins_code 
_struct_conn.pdbx_ptnr1_standard_comp_id 
_struct_conn.ptnr1_symmetry 
_struct_conn.ptnr2_label_asym_id 
_struct_conn.ptnr2_label_comp_id 
_struct_conn.ptnr2_label_seq_id 
_struct_conn.ptnr2_label_atom_id 
_struct_conn.pdbx_ptnr2_label_alt_id 
_struct_conn.pdbx_ptnr2_PDB_ins_code 
_struct_conn.ptnr1_auth_asym_id 
_struct_conn.ptnr1_auth_comp_id 
_struct_conn.ptnr1_auth_seq_id 
_struct_conn.ptnr2_auth_asym_id 
_struct_conn.ptnr2_auth_comp_id 
_struct_conn.ptnr2_auth_seq_id 
_struct_conn.ptnr2_symmetry 
_struct_conn.pdbx_ptnr3_label_atom_id 
_struct_conn.pdbx_ptnr3_label_seq_id 
_struct_conn.pdbx_ptnr3_label_comp_id 
_struct_conn.pdbx_ptnr3_label_asym_id 
_struct_conn.pdbx_ptnr3_label_alt_id 
_struct_conn.pdbx_ptnr3_PDB_ins_code 
_struct_conn.details 
_struct_conn.pdbx_dist_value 
_struct_conn.pdbx_value_order 
_struct_conn.pdbx_role 
metalc1 metalc ? ? A GLU 44 OE1 ? ? ? 5_665 D ZN . ZN ? ? A GLU 44 A ZN 301 1_555 ? ? ? ? ? ? ? 2.312 ? ? 
metalc2 metalc ? ? A GLU 70 OE2 ? ? ? 1_555 D ZN . ZN ? ? A GLU 70 A ZN 301 1_555 ? ? ? ? ? ? ? 2.362 ? ? 
metalc3 metalc ? ? A GLU 70 OE1 ? ? ? 1_555 D ZN . ZN ? ? A GLU 70 A ZN 301 1_555 ? ? ? ? ? ? ? 2.597 ? ? 
metalc4 metalc ? ? A GLU 82 OE2 ? ? ? 1_555 C ZN . ZN ? ? A GLU 82 A ZN 300 1_555 ? ? ? ? ? ? ? 2.748 ? ? 
# 
_struct_conn_type.id          metalc 
_struct_conn_type.criteria    ? 
_struct_conn_type.reference   ? 
# 
loop_
_pdbx_struct_conn_angle.id 
_pdbx_struct_conn_angle.ptnr1_label_atom_id 
_pdbx_struct_conn_angle.ptnr1_label_alt_id 
_pdbx_struct_conn_angle.ptnr1_label_asym_id 
_pdbx_struct_conn_angle.ptnr1_label_comp_id 
_pdbx_struct_conn_angle.ptnr1_label_seq_id 
_pdbx_struct_conn_angle.ptnr1_auth_atom_id 
_pdbx_struct_conn_angle.ptnr1_auth_asym_id 
_pdbx_struct_conn_angle.ptnr1_auth_comp_id 
_pdbx_struct_conn_angle.ptnr1_auth_seq_id 
_pdbx_struct_conn_angle.ptnr1_PDB_ins_code 
_pdbx_struct_conn_angle.ptnr1_symmetry 
_pdbx_struct_conn_angle.ptnr2_label_atom_id 
_pdbx_struct_conn_angle.ptnr2_label_alt_id 
_pdbx_struct_conn_angle.ptnr2_label_asym_id 
_pdbx_struct_conn_angle.ptnr2_label_comp_id 
_pdbx_struct_conn_angle.ptnr2_label_seq_id 
_pdbx_struct_conn_angle.ptnr2_auth_atom_id 
_pdbx_struct_conn_angle.ptnr2_auth_asym_id 
_pdbx_struct_conn_angle.ptnr2_auth_comp_id 
_pdbx_struct_conn_angle.ptnr2_auth_seq_id 
_pdbx_struct_conn_angle.ptnr2_PDB_ins_code 
_pdbx_struct_conn_angle.ptnr2_symmetry 
_pdbx_struct_conn_angle.ptnr3_label_atom_id 
_pdbx_struct_conn_angle.ptnr3_label_alt_id 
_pdbx_struct_conn_angle.ptnr3_label_asym_id 
_pdbx_struct_conn_angle.ptnr3_label_comp_id 
_pdbx_struct_conn_angle.ptnr3_label_seq_id 
_pdbx_struct_conn_angle.ptnr3_auth_atom_id 
_pdbx_struct_conn_angle.ptnr3_auth_asym_id 
_pdbx_struct_conn_angle.ptnr3_auth_comp_id 
_pdbx_struct_conn_angle.ptnr3_auth_seq_id 
_pdbx_struct_conn_angle.ptnr3_PDB_ins_code 
_pdbx_struct_conn_angle.ptnr3_symmetry 
_pdbx_struct_conn_angle.value 
_pdbx_struct_conn_angle.value_esd 
1 OE1 ? A GLU 44 ? A GLU 44 ? 5_665 ZN ? D ZN . ? A ZN 301 ? 1_555 OE2 ? A GLU 70 ? A GLU 70 ? 1_555 122.9 ? 
2 OE1 ? A GLU 44 ? A GLU 44 ? 5_665 ZN ? D ZN . ? A ZN 301 ? 1_555 OE1 ? A GLU 70 ? A GLU 70 ? 1_555 70.4  ? 
3 OE2 ? A GLU 70 ? A GLU 70 ? 1_555 ZN ? D ZN . ? A ZN 301 ? 1_555 OE1 ? A GLU 70 ? A GLU 70 ? 1_555 52.5  ? 
# 
loop_
_struct_sheet.id 
_struct_sheet.type 
_struct_sheet.number_strands 
_struct_sheet.details 
A ? 3 ? 
B ? 4 ? 
C ? 4 ? 
# 
loop_
_struct_sheet_order.sheet_id 
_struct_sheet_order.range_id_1 
_struct_sheet_order.range_id_2 
_struct_sheet_order.offset 
_struct_sheet_order.sense 
A 1 2 ? anti-parallel 
A 2 3 ? anti-parallel 
B 1 2 ? anti-parallel 
B 2 3 ? parallel      
B 3 4 ? anti-parallel 
C 1 2 ? anti-parallel 
C 2 3 ? anti-parallel 
C 3 4 ? anti-parallel 
# 
loop_
_struct_sheet_range.sheet_id 
_struct_sheet_range.id 
_struct_sheet_range.beg_label_comp_id 
_struct_sheet_range.beg_label_asym_id 
_struct_sheet_range.beg_label_seq_id 
_struct_sheet_range.pdbx_beg_PDB_ins_code 
_struct_sheet_range.end_label_comp_id 
_struct_sheet_range.end_label_asym_id 
_struct_sheet_range.end_label_seq_id 
_struct_sheet_range.pdbx_end_PDB_ins_code 
_struct_sheet_range.beg_auth_comp_id 
_struct_sheet_range.beg_auth_asym_id 
_struct_sheet_range.beg_auth_seq_id 
_struct_sheet_range.end_auth_comp_id 
_struct_sheet_range.end_auth_asym_id 
_struct_sheet_range.end_auth_seq_id 
A 1 THR A 12  ? ARG A 16  ? THR A 12  ARG A 16  
A 2 LEU A 20  ? GLU A 25  ? LEU A 20  GLU A 25  
A 3 TYR A 28  ? HIS A 33  ? TYR A 28  HIS A 33  
B 1 ALA A 66  ? LEU A 68  ? ALA A 66  LEU A 68  
B 2 ALA A 36  ? ARG A 43  ? ALA A 36  ARG A 43  
B 3 LYS A 109 ? GLU A 120 ? LYS A 109 GLU A 120 
B 4 LEU A 89  ? PHE A 100 ? LEU A 89  PHE A 100 
C 1 ALA A 66  ? LEU A 68  ? ALA A 66  LEU A 68  
C 2 ALA A 36  ? ARG A 43  ? ALA A 36  ARG A 43  
C 3 ARG A 46  ? ARG A 51  ? ARG A 46  ARG A 51  
C 4 GLU A 132 ? MET A 136 ? GLU A 132 MET A 136 
# 
loop_
_pdbx_struct_sheet_hbond.sheet_id 
_pdbx_struct_sheet_hbond.range_id_1 
_pdbx_struct_sheet_hbond.range_id_2 
_pdbx_struct_sheet_hbond.range_1_label_atom_id 
_pdbx_struct_sheet_hbond.range_1_label_comp_id 
_pdbx_struct_sheet_hbond.range_1_label_asym_id 
_pdbx_struct_sheet_hbond.range_1_label_seq_id 
_pdbx_struct_sheet_hbond.range_1_PDB_ins_code 
_pdbx_struct_sheet_hbond.range_1_auth_atom_id 
_pdbx_struct_sheet_hbond.range_1_auth_comp_id 
_pdbx_struct_sheet_hbond.range_1_auth_asym_id 
_pdbx_struct_sheet_hbond.range_1_auth_seq_id 
_pdbx_struct_sheet_hbond.range_2_label_atom_id 
_pdbx_struct_sheet_hbond.range_2_label_comp_id 
_pdbx_struct_sheet_hbond.range_2_label_asym_id 
_pdbx_struct_sheet_hbond.range_2_label_seq_id 
_pdbx_struct_sheet_hbond.range_2_PDB_ins_code 
_pdbx_struct_sheet_hbond.range_2_auth_atom_id 
_pdbx_struct_sheet_hbond.range_2_auth_comp_id 
_pdbx_struct_sheet_hbond.range_2_auth_asym_id 
_pdbx_struct_sheet_hbond.range_2_auth_seq_id 
A 1 2 N THR A 12  ? N THR A 12  O LEU A 24  ? O LEU A 24  
A 2 3 N ALA A 23  ? N ALA A 23  O ILE A 30  ? O ILE A 30  
B 1 2 O GLY A 67  ? O GLY A 67  N VAL A 37  ? N VAL A 37  
B 2 3 N ILE A 40  ? N ILE A 40  O PHE A 113 ? O PHE A 113 
B 3 4 O GLU A 116 ? O GLU A 116 N ASP A 92  ? N ASP A 92  
C 1 2 O GLY A 67  ? O GLY A 67  N VAL A 37  ? N VAL A 37  
C 2 3 N ARG A 43  ? N ARG A 43  O ARG A 46  ? O ARG A 46  
C 3 4 N MET A 47  ? N MET A 47  O MET A 136 ? O MET A 136 
# 
loop_
_struct_site.id 
_struct_site.pdbx_evidence_code 
_struct_site.pdbx_auth_asym_id 
_struct_site.pdbx_auth_comp_id 
_struct_site.pdbx_auth_seq_id 
_struct_site.pdbx_auth_ins_code 
_struct_site.pdbx_num_residues 
_struct_site.details 
AC1 Software A R5P 601 ? 12 'BINDING SITE FOR RESIDUE R5P A 601' 
AC2 Software A ZN  300 ? 4  'BINDING SITE FOR RESIDUE ZN A 300'  
AC3 Software A ZN  301 ? 2  'BINDING SITE FOR RESIDUE ZN A 301'  
# 
loop_
_struct_site_gen.id 
_struct_site_gen.site_id 
_struct_site_gen.pdbx_num_res 
_struct_site_gen.label_comp_id 
_struct_site_gen.label_asym_id 
_struct_site_gen.label_seq_id 
_struct_site_gen.pdbx_auth_ins_code 
_struct_site_gen.auth_comp_id 
_struct_site_gen.auth_asym_id 
_struct_site_gen.auth_seq_id 
_struct_site_gen.label_atom_id 
_struct_site_gen.label_alt_id 
_struct_site_gen.symmetry 
_struct_site_gen.details 
1  AC1 12 ILE A 19  ? ILE A 19  . ? 1_555 ? 
2  AC1 12 HIS A 33  ? HIS A 33  . ? 1_555 ? 
3  AC1 12 GLN A 52  ? GLN A 52  . ? 1_555 ? 
4  AC1 12 ARG A 54  ? ARG A 54  . ? 1_555 ? 
5  AC1 12 ALA A 66  ? ALA A 66  . ? 1_555 ? 
6  AC1 12 GLY A 67  ? GLY A 67  . ? 1_555 ? 
7  AC1 12 LEU A 68  ? LEU A 68  . ? 1_555 ? 
8  AC1 12 SER A 102 ? SER A 102 . ? 6_555 ? 
9  AC1 12 PRO A 103 ? PRO A 103 . ? 6_555 ? 
10 AC1 12 GLY A 104 ? GLY A 104 . ? 6_555 ? 
11 AC1 12 GLU A 108 ? GLU A 108 . ? 1_555 ? 
12 AC1 12 ZN  C .   ? ZN  A 300 . ? 1_555 ? 
13 AC2 4  ALA A 66  ? ALA A 66  . ? 1_555 ? 
14 AC2 4  GLU A 82  ? GLU A 82  . ? 1_555 ? 
15 AC2 4  GLU A 86  ? GLU A 86  . ? 1_555 ? 
16 AC2 4  R5P B .   ? R5P A 601 . ? 1_555 ? 
17 AC3 2  GLU A 44  ? GLU A 44  . ? 5_665 ? 
18 AC3 2  GLU A 70  ? GLU A 70  . ? 1_555 ? 
# 
loop_
_pdbx_validate_torsion.id 
_pdbx_validate_torsion.PDB_model_num 
_pdbx_validate_torsion.auth_comp_id 
_pdbx_validate_torsion.auth_asym_id 
_pdbx_validate_torsion.auth_seq_id 
_pdbx_validate_torsion.PDB_ins_code 
_pdbx_validate_torsion.label_alt_id 
_pdbx_validate_torsion.phi 
_pdbx_validate_torsion.psi 
1 1 TYR A 15  ? ? -171.02 139.82  
2 1 ARG A 27  ? ? -68.34  -70.20  
3 1 LEU A 96  ? ? -95.66  -60.80  
4 1 PHE A 97  ? ? -172.17 -176.47 
5 1 SER A 102 ? ? -158.07 75.00   
6 1 PRO A 103 ? ? -54.48  -2.10   
7 1 PHE A 105 ? ? -145.07 -22.58  
# 
_pdbx_SG_project.id                    1 
_pdbx_SG_project.project_name          ? 
_pdbx_SG_project.full_name_of_center   'RIKEN Structural Genomics/Proteomics Initiative' 
_pdbx_SG_project.initial_of_center     RSGI 
# 
loop_
_pdbx_unobs_or_zero_occ_residues.id 
_pdbx_unobs_or_zero_occ_residues.PDB_model_num 
_pdbx_unobs_or_zero_occ_residues.polymer_flag 
_pdbx_unobs_or_zero_occ_residues.occupancy_flag 
_pdbx_unobs_or_zero_occ_residues.auth_asym_id 
_pdbx_unobs_or_zero_occ_residues.auth_comp_id 
_pdbx_unobs_or_zero_occ_residues.auth_seq_id 
_pdbx_unobs_or_zero_occ_residues.PDB_ins_code 
_pdbx_unobs_or_zero_occ_residues.label_asym_id 
_pdbx_unobs_or_zero_occ_residues.label_comp_id 
_pdbx_unobs_or_zero_occ_residues.label_seq_id 
1  1 Y 1 A MET 1   ? A MET 1   
2  1 Y 1 A GLY 2   ? A GLY 2   
3  1 Y 1 A ARG 3   ? A ARG 3   
4  1 Y 1 A VAL 4   ? A VAL 4   
5  1 Y 1 A TYR 5   ? A TYR 5   
6  1 Y 1 A TYR 6   ? A TYR 6   
7  1 Y 1 A GLY 7   ? A GLY 7   
8  1 Y 1 A GLY 8   ? A GLY 8   
9  1 Y 1 A VAL 9   ? A VAL 9   
10 1 Y 1 A GLU 10  ? A GLU 10  
11 1 Y 1 A HIS 124 ? A HIS 124 
12 1 Y 1 A PRO 125 ? A PRO 125 
13 1 Y 1 A ASP 126 ? A ASP 126 
14 1 Y 1 A GLU 127 ? A GLU 127 
15 1 Y 1 A ASP 128 ? A ASP 128 
16 1 Y 1 A GLU 129 ? A GLU 129 
17 1 Y 1 A GLY 169 ? A GLY 169 
18 1 Y 1 A ARG 170 ? A ARG 170 
# 
loop_
_chem_comp_atom.comp_id 
_chem_comp_atom.atom_id 
_chem_comp_atom.type_symbol 
_chem_comp_atom.pdbx_aromatic_flag 
_chem_comp_atom.pdbx_stereo_config 
_chem_comp_atom.pdbx_ordinal 
ALA N    N  N N 1   
ALA CA   C  N S 2   
ALA C    C  N N 3   
ALA O    O  N N 4   
ALA CB   C  N N 5   
ALA OXT  O  N N 6   
ALA H    H  N N 7   
ALA H2   H  N N 8   
ALA HA   H  N N 9   
ALA HB1  H  N N 10  
ALA HB2  H  N N 11  
ALA HB3  H  N N 12  
ALA HXT  H  N N 13  
ARG N    N  N N 14  
ARG CA   C  N S 15  
ARG C    C  N N 16  
ARG O    O  N N 17  
ARG CB   C  N N 18  
ARG CG   C  N N 19  
ARG CD   C  N N 20  
ARG NE   N  N N 21  
ARG CZ   C  N N 22  
ARG NH1  N  N N 23  
ARG NH2  N  N N 24  
ARG OXT  O  N N 25  
ARG H    H  N N 26  
ARG H2   H  N N 27  
ARG HA   H  N N 28  
ARG HB2  H  N N 29  
ARG HB3  H  N N 30  
ARG HG2  H  N N 31  
ARG HG3  H  N N 32  
ARG HD2  H  N N 33  
ARG HD3  H  N N 34  
ARG HE   H  N N 35  
ARG HH11 H  N N 36  
ARG HH12 H  N N 37  
ARG HH21 H  N N 38  
ARG HH22 H  N N 39  
ARG HXT  H  N N 40  
ASN N    N  N N 41  
ASN CA   C  N S 42  
ASN C    C  N N 43  
ASN O    O  N N 44  
ASN CB   C  N N 45  
ASN CG   C  N N 46  
ASN OD1  O  N N 47  
ASN ND2  N  N N 48  
ASN OXT  O  N N 49  
ASN H    H  N N 50  
ASN H2   H  N N 51  
ASN HA   H  N N 52  
ASN HB2  H  N N 53  
ASN HB3  H  N N 54  
ASN HD21 H  N N 55  
ASN HD22 H  N N 56  
ASN HXT  H  N N 57  
ASP N    N  N N 58  
ASP CA   C  N S 59  
ASP C    C  N N 60  
ASP O    O  N N 61  
ASP CB   C  N N 62  
ASP CG   C  N N 63  
ASP OD1  O  N N 64  
ASP OD2  O  N N 65  
ASP OXT  O  N N 66  
ASP H    H  N N 67  
ASP H2   H  N N 68  
ASP HA   H  N N 69  
ASP HB2  H  N N 70  
ASP HB3  H  N N 71  
ASP HD2  H  N N 72  
ASP HXT  H  N N 73  
GLN N    N  N N 74  
GLN CA   C  N S 75  
GLN C    C  N N 76  
GLN O    O  N N 77  
GLN CB   C  N N 78  
GLN CG   C  N N 79  
GLN CD   C  N N 80  
GLN OE1  O  N N 81  
GLN NE2  N  N N 82  
GLN OXT  O  N N 83  
GLN H    H  N N 84  
GLN H2   H  N N 85  
GLN HA   H  N N 86  
GLN HB2  H  N N 87  
GLN HB3  H  N N 88  
GLN HG2  H  N N 89  
GLN HG3  H  N N 90  
GLN HE21 H  N N 91  
GLN HE22 H  N N 92  
GLN HXT  H  N N 93  
GLU N    N  N N 94  
GLU CA   C  N S 95  
GLU C    C  N N 96  
GLU O    O  N N 97  
GLU CB   C  N N 98  
GLU CG   C  N N 99  
GLU CD   C  N N 100 
GLU OE1  O  N N 101 
GLU OE2  O  N N 102 
GLU OXT  O  N N 103 
GLU H    H  N N 104 
GLU H2   H  N N 105 
GLU HA   H  N N 106 
GLU HB2  H  N N 107 
GLU HB3  H  N N 108 
GLU HG2  H  N N 109 
GLU HG3  H  N N 110 
GLU HE2  H  N N 111 
GLU HXT  H  N N 112 
GLY N    N  N N 113 
GLY CA   C  N N 114 
GLY C    C  N N 115 
GLY O    O  N N 116 
GLY OXT  O  N N 117 
GLY H    H  N N 118 
GLY H2   H  N N 119 
GLY HA2  H  N N 120 
GLY HA3  H  N N 121 
GLY HXT  H  N N 122 
HIS N    N  N N 123 
HIS CA   C  N S 124 
HIS C    C  N N 125 
HIS O    O  N N 126 
HIS CB   C  N N 127 
HIS CG   C  Y N 128 
HIS ND1  N  Y N 129 
HIS CD2  C  Y N 130 
HIS CE1  C  Y N 131 
HIS NE2  N  Y N 132 
HIS OXT  O  N N 133 
HIS H    H  N N 134 
HIS H2   H  N N 135 
HIS HA   H  N N 136 
HIS HB2  H  N N 137 
HIS HB3  H  N N 138 
HIS HD1  H  N N 139 
HIS HD2  H  N N 140 
HIS HE1  H  N N 141 
HIS HE2  H  N N 142 
HIS HXT  H  N N 143 
HOH O    O  N N 144 
HOH H1   H  N N 145 
HOH H2   H  N N 146 
ILE N    N  N N 147 
ILE CA   C  N S 148 
ILE C    C  N N 149 
ILE O    O  N N 150 
ILE CB   C  N S 151 
ILE CG1  C  N N 152 
ILE CG2  C  N N 153 
ILE CD1  C  N N 154 
ILE OXT  O  N N 155 
ILE H    H  N N 156 
ILE H2   H  N N 157 
ILE HA   H  N N 158 
ILE HB   H  N N 159 
ILE HG12 H  N N 160 
ILE HG13 H  N N 161 
ILE HG21 H  N N 162 
ILE HG22 H  N N 163 
ILE HG23 H  N N 164 
ILE HD11 H  N N 165 
ILE HD12 H  N N 166 
ILE HD13 H  N N 167 
ILE HXT  H  N N 168 
LEU N    N  N N 169 
LEU CA   C  N S 170 
LEU C    C  N N 171 
LEU O    O  N N 172 
LEU CB   C  N N 173 
LEU CG   C  N N 174 
LEU CD1  C  N N 175 
LEU CD2  C  N N 176 
LEU OXT  O  N N 177 
LEU H    H  N N 178 
LEU H2   H  N N 179 
LEU HA   H  N N 180 
LEU HB2  H  N N 181 
LEU HB3  H  N N 182 
LEU HG   H  N N 183 
LEU HD11 H  N N 184 
LEU HD12 H  N N 185 
LEU HD13 H  N N 186 
LEU HD21 H  N N 187 
LEU HD22 H  N N 188 
LEU HD23 H  N N 189 
LEU HXT  H  N N 190 
LYS N    N  N N 191 
LYS CA   C  N S 192 
LYS C    C  N N 193 
LYS O    O  N N 194 
LYS CB   C  N N 195 
LYS CG   C  N N 196 
LYS CD   C  N N 197 
LYS CE   C  N N 198 
LYS NZ   N  N N 199 
LYS OXT  O  N N 200 
LYS H    H  N N 201 
LYS H2   H  N N 202 
LYS HA   H  N N 203 
LYS HB2  H  N N 204 
LYS HB3  H  N N 205 
LYS HG2  H  N N 206 
LYS HG3  H  N N 207 
LYS HD2  H  N N 208 
LYS HD3  H  N N 209 
LYS HE2  H  N N 210 
LYS HE3  H  N N 211 
LYS HZ1  H  N N 212 
LYS HZ2  H  N N 213 
LYS HZ3  H  N N 214 
LYS HXT  H  N N 215 
MET N    N  N N 216 
MET CA   C  N S 217 
MET C    C  N N 218 
MET O    O  N N 219 
MET CB   C  N N 220 
MET CG   C  N N 221 
MET SD   S  N N 222 
MET CE   C  N N 223 
MET OXT  O  N N 224 
MET H    H  N N 225 
MET H2   H  N N 226 
MET HA   H  N N 227 
MET HB2  H  N N 228 
MET HB3  H  N N 229 
MET HG2  H  N N 230 
MET HG3  H  N N 231 
MET HE1  H  N N 232 
MET HE2  H  N N 233 
MET HE3  H  N N 234 
MET HXT  H  N N 235 
PHE N    N  N N 236 
PHE CA   C  N S 237 
PHE C    C  N N 238 
PHE O    O  N N 239 
PHE CB   C  N N 240 
PHE CG   C  Y N 241 
PHE CD1  C  Y N 242 
PHE CD2  C  Y N 243 
PHE CE1  C  Y N 244 
PHE CE2  C  Y N 245 
PHE CZ   C  Y N 246 
PHE OXT  O  N N 247 
PHE H    H  N N 248 
PHE H2   H  N N 249 
PHE HA   H  N N 250 
PHE HB2  H  N N 251 
PHE HB3  H  N N 252 
PHE HD1  H  N N 253 
PHE HD2  H  N N 254 
PHE HE1  H  N N 255 
PHE HE2  H  N N 256 
PHE HZ   H  N N 257 
PHE HXT  H  N N 258 
PRO N    N  N N 259 
PRO CA   C  N S 260 
PRO C    C  N N 261 
PRO O    O  N N 262 
PRO CB   C  N N 263 
PRO CG   C  N N 264 
PRO CD   C  N N 265 
PRO OXT  O  N N 266 
PRO H    H  N N 267 
PRO HA   H  N N 268 
PRO HB2  H  N N 269 
PRO HB3  H  N N 270 
PRO HG2  H  N N 271 
PRO HG3  H  N N 272 
PRO HD2  H  N N 273 
PRO HD3  H  N N 274 
PRO HXT  H  N N 275 
R5P C1   C  N N 276 
R5P O1   O  N N 277 
R5P C2   C  N R 278 
R5P O2   O  N N 279 
R5P C3   C  N R 280 
R5P O3   O  N N 281 
R5P C4   C  N R 282 
R5P O4   O  N N 283 
R5P C5   C  N N 284 
R5P O5   O  N N 285 
R5P P    P  N N 286 
R5P O1P  O  N N 287 
R5P O2P  O  N N 288 
R5P O3P  O  N N 289 
R5P H11  H  N N 290 
R5P HC2  H  N N 291 
R5P HO2  H  N N 292 
R5P HC3  H  N N 293 
R5P HO3  H  N N 294 
R5P HC4  H  N N 295 
R5P HO4  H  N N 296 
R5P H51  H  N N 297 
R5P H52  H  N N 298 
R5P HOP2 H  N N 299 
R5P HOP3 H  N N 300 
SER N    N  N N 301 
SER CA   C  N S 302 
SER C    C  N N 303 
SER O    O  N N 304 
SER CB   C  N N 305 
SER OG   O  N N 306 
SER OXT  O  N N 307 
SER H    H  N N 308 
SER H2   H  N N 309 
SER HA   H  N N 310 
SER HB2  H  N N 311 
SER HB3  H  N N 312 
SER HG   H  N N 313 
SER HXT  H  N N 314 
THR N    N  N N 315 
THR CA   C  N S 316 
THR C    C  N N 317 
THR O    O  N N 318 
THR CB   C  N R 319 
THR OG1  O  N N 320 
THR CG2  C  N N 321 
THR OXT  O  N N 322 
THR H    H  N N 323 
THR H2   H  N N 324 
THR HA   H  N N 325 
THR HB   H  N N 326 
THR HG1  H  N N 327 
THR HG21 H  N N 328 
THR HG22 H  N N 329 
THR HG23 H  N N 330 
THR HXT  H  N N 331 
TRP N    N  N N 332 
TRP CA   C  N S 333 
TRP C    C  N N 334 
TRP O    O  N N 335 
TRP CB   C  N N 336 
TRP CG   C  Y N 337 
TRP CD1  C  Y N 338 
TRP CD2  C  Y N 339 
TRP NE1  N  Y N 340 
TRP CE2  C  Y N 341 
TRP CE3  C  Y N 342 
TRP CZ2  C  Y N 343 
TRP CZ3  C  Y N 344 
TRP CH2  C  Y N 345 
TRP OXT  O  N N 346 
TRP H    H  N N 347 
TRP H2   H  N N 348 
TRP HA   H  N N 349 
TRP HB2  H  N N 350 
TRP HB3  H  N N 351 
TRP HD1  H  N N 352 
TRP HE1  H  N N 353 
TRP HE3  H  N N 354 
TRP HZ2  H  N N 355 
TRP HZ3  H  N N 356 
TRP HH2  H  N N 357 
TRP HXT  H  N N 358 
TYR N    N  N N 359 
TYR CA   C  N S 360 
TYR C    C  N N 361 
TYR O    O  N N 362 
TYR CB   C  N N 363 
TYR CG   C  Y N 364 
TYR CD1  C  Y N 365 
TYR CD2  C  Y N 366 
TYR CE1  C  Y N 367 
TYR CE2  C  Y N 368 
TYR CZ   C  Y N 369 
TYR OH   O  N N 370 
TYR OXT  O  N N 371 
TYR H    H  N N 372 
TYR H2   H  N N 373 
TYR HA   H  N N 374 
TYR HB2  H  N N 375 
TYR HB3  H  N N 376 
TYR HD1  H  N N 377 
TYR HD2  H  N N 378 
TYR HE1  H  N N 379 
TYR HE2  H  N N 380 
TYR HH   H  N N 381 
TYR HXT  H  N N 382 
VAL N    N  N N 383 
VAL CA   C  N S 384 
VAL C    C  N N 385 
VAL O    O  N N 386 
VAL CB   C  N N 387 
VAL CG1  C  N N 388 
VAL CG2  C  N N 389 
VAL OXT  O  N N 390 
VAL H    H  N N 391 
VAL H2   H  N N 392 
VAL HA   H  N N 393 
VAL HB   H  N N 394 
VAL HG11 H  N N 395 
VAL HG12 H  N N 396 
VAL HG13 H  N N 397 
VAL HG21 H  N N 398 
VAL HG22 H  N N 399 
VAL HG23 H  N N 400 
VAL HXT  H  N N 401 
ZN  ZN   ZN N N 402 
# 
loop_
_chem_comp_bond.comp_id 
_chem_comp_bond.atom_id_1 
_chem_comp_bond.atom_id_2 
_chem_comp_bond.value_order 
_chem_comp_bond.pdbx_aromatic_flag 
_chem_comp_bond.pdbx_stereo_config 
_chem_comp_bond.pdbx_ordinal 
ALA N   CA   sing N N 1   
ALA N   H    sing N N 2   
ALA N   H2   sing N N 3   
ALA CA  C    sing N N 4   
ALA CA  CB   sing N N 5   
ALA CA  HA   sing N N 6   
ALA C   O    doub N N 7   
ALA C   OXT  sing N N 8   
ALA CB  HB1  sing N N 9   
ALA CB  HB2  sing N N 10  
ALA CB  HB3  sing N N 11  
ALA OXT HXT  sing N N 12  
ARG N   CA   sing N N 13  
ARG N   H    sing N N 14  
ARG N   H2   sing N N 15  
ARG CA  C    sing N N 16  
ARG CA  CB   sing N N 17  
ARG CA  HA   sing N N 18  
ARG C   O    doub N N 19  
ARG C   OXT  sing N N 20  
ARG CB  CG   sing N N 21  
ARG CB  HB2  sing N N 22  
ARG CB  HB3  sing N N 23  
ARG CG  CD   sing N N 24  
ARG CG  HG2  sing N N 25  
ARG CG  HG3  sing N N 26  
ARG CD  NE   sing N N 27  
ARG CD  HD2  sing N N 28  
ARG CD  HD3  sing N N 29  
ARG NE  CZ   sing N N 30  
ARG NE  HE   sing N N 31  
ARG CZ  NH1  sing N N 32  
ARG CZ  NH2  doub N N 33  
ARG NH1 HH11 sing N N 34  
ARG NH1 HH12 sing N N 35  
ARG NH2 HH21 sing N N 36  
ARG NH2 HH22 sing N N 37  
ARG OXT HXT  sing N N 38  
ASN N   CA   sing N N 39  
ASN N   H    sing N N 40  
ASN N   H2   sing N N 41  
ASN CA  C    sing N N 42  
ASN CA  CB   sing N N 43  
ASN CA  HA   sing N N 44  
ASN C   O    doub N N 45  
ASN C   OXT  sing N N 46  
ASN CB  CG   sing N N 47  
ASN CB  HB2  sing N N 48  
ASN CB  HB3  sing N N 49  
ASN CG  OD1  doub N N 50  
ASN CG  ND2  sing N N 51  
ASN ND2 HD21 sing N N 52  
ASN ND2 HD22 sing N N 53  
ASN OXT HXT  sing N N 54  
ASP N   CA   sing N N 55  
ASP N   H    sing N N 56  
ASP N   H2   sing N N 57  
ASP CA  C    sing N N 58  
ASP CA  CB   sing N N 59  
ASP CA  HA   sing N N 60  
ASP C   O    doub N N 61  
ASP C   OXT  sing N N 62  
ASP CB  CG   sing N N 63  
ASP CB  HB2  sing N N 64  
ASP CB  HB3  sing N N 65  
ASP CG  OD1  doub N N 66  
ASP CG  OD2  sing N N 67  
ASP OD2 HD2  sing N N 68  
ASP OXT HXT  sing N N 69  
GLN N   CA   sing N N 70  
GLN N   H    sing N N 71  
GLN N   H2   sing N N 72  
GLN CA  C    sing N N 73  
GLN CA  CB   sing N N 74  
GLN CA  HA   sing N N 75  
GLN C   O    doub N N 76  
GLN C   OXT  sing N N 77  
GLN CB  CG   sing N N 78  
GLN CB  HB2  sing N N 79  
GLN CB  HB3  sing N N 80  
GLN CG  CD   sing N N 81  
GLN CG  HG2  sing N N 82  
GLN CG  HG3  sing N N 83  
GLN CD  OE1  doub N N 84  
GLN CD  NE2  sing N N 85  
GLN NE2 HE21 sing N N 86  
GLN NE2 HE22 sing N N 87  
GLN OXT HXT  sing N N 88  
GLU N   CA   sing N N 89  
GLU N   H    sing N N 90  
GLU N   H2   sing N N 91  
GLU CA  C    sing N N 92  
GLU CA  CB   sing N N 93  
GLU CA  HA   sing N N 94  
GLU C   O    doub N N 95  
GLU C   OXT  sing N N 96  
GLU CB  CG   sing N N 97  
GLU CB  HB2  sing N N 98  
GLU CB  HB3  sing N N 99  
GLU CG  CD   sing N N 100 
GLU CG  HG2  sing N N 101 
GLU CG  HG3  sing N N 102 
GLU CD  OE1  doub N N 103 
GLU CD  OE2  sing N N 104 
GLU OE2 HE2  sing N N 105 
GLU OXT HXT  sing N N 106 
GLY N   CA   sing N N 107 
GLY N   H    sing N N 108 
GLY N   H2   sing N N 109 
GLY CA  C    sing N N 110 
GLY CA  HA2  sing N N 111 
GLY CA  HA3  sing N N 112 
GLY C   O    doub N N 113 
GLY C   OXT  sing N N 114 
GLY OXT HXT  sing N N 115 
HIS N   CA   sing N N 116 
HIS N   H    sing N N 117 
HIS N   H2   sing N N 118 
HIS CA  C    sing N N 119 
HIS CA  CB   sing N N 120 
HIS CA  HA   sing N N 121 
HIS C   O    doub N N 122 
HIS C   OXT  sing N N 123 
HIS CB  CG   sing N N 124 
HIS CB  HB2  sing N N 125 
HIS CB  HB3  sing N N 126 
HIS CG  ND1  sing Y N 127 
HIS CG  CD2  doub Y N 128 
HIS ND1 CE1  doub Y N 129 
HIS ND1 HD1  sing N N 130 
HIS CD2 NE2  sing Y N 131 
HIS CD2 HD2  sing N N 132 
HIS CE1 NE2  sing Y N 133 
HIS CE1 HE1  sing N N 134 
HIS NE2 HE2  sing N N 135 
HIS OXT HXT  sing N N 136 
HOH O   H1   sing N N 137 
HOH O   H2   sing N N 138 
ILE N   CA   sing N N 139 
ILE N   H    sing N N 140 
ILE N   H2   sing N N 141 
ILE CA  C    sing N N 142 
ILE CA  CB   sing N N 143 
ILE CA  HA   sing N N 144 
ILE C   O    doub N N 145 
ILE C   OXT  sing N N 146 
ILE CB  CG1  sing N N 147 
ILE CB  CG2  sing N N 148 
ILE CB  HB   sing N N 149 
ILE CG1 CD1  sing N N 150 
ILE CG1 HG12 sing N N 151 
ILE CG1 HG13 sing N N 152 
ILE CG2 HG21 sing N N 153 
ILE CG2 HG22 sing N N 154 
ILE CG2 HG23 sing N N 155 
ILE CD1 HD11 sing N N 156 
ILE CD1 HD12 sing N N 157 
ILE CD1 HD13 sing N N 158 
ILE OXT HXT  sing N N 159 
LEU N   CA   sing N N 160 
LEU N   H    sing N N 161 
LEU N   H2   sing N N 162 
LEU CA  C    sing N N 163 
LEU CA  CB   sing N N 164 
LEU CA  HA   sing N N 165 
LEU C   O    doub N N 166 
LEU C   OXT  sing N N 167 
LEU CB  CG   sing N N 168 
LEU CB  HB2  sing N N 169 
LEU CB  HB3  sing N N 170 
LEU CG  CD1  sing N N 171 
LEU CG  CD2  sing N N 172 
LEU CG  HG   sing N N 173 
LEU CD1 HD11 sing N N 174 
LEU CD1 HD12 sing N N 175 
LEU CD1 HD13 sing N N 176 
LEU CD2 HD21 sing N N 177 
LEU CD2 HD22 sing N N 178 
LEU CD2 HD23 sing N N 179 
LEU OXT HXT  sing N N 180 
LYS N   CA   sing N N 181 
LYS N   H    sing N N 182 
LYS N   H2   sing N N 183 
LYS CA  C    sing N N 184 
LYS CA  CB   sing N N 185 
LYS CA  HA   sing N N 186 
LYS C   O    doub N N 187 
LYS C   OXT  sing N N 188 
LYS CB  CG   sing N N 189 
LYS CB  HB2  sing N N 190 
LYS CB  HB3  sing N N 191 
LYS CG  CD   sing N N 192 
LYS CG  HG2  sing N N 193 
LYS CG  HG3  sing N N 194 
LYS CD  CE   sing N N 195 
LYS CD  HD2  sing N N 196 
LYS CD  HD3  sing N N 197 
LYS CE  NZ   sing N N 198 
LYS CE  HE2  sing N N 199 
LYS CE  HE3  sing N N 200 
LYS NZ  HZ1  sing N N 201 
LYS NZ  HZ2  sing N N 202 
LYS NZ  HZ3  sing N N 203 
LYS OXT HXT  sing N N 204 
MET N   CA   sing N N 205 
MET N   H    sing N N 206 
MET N   H2   sing N N 207 
MET CA  C    sing N N 208 
MET CA  CB   sing N N 209 
MET CA  HA   sing N N 210 
MET C   O    doub N N 211 
MET C   OXT  sing N N 212 
MET CB  CG   sing N N 213 
MET CB  HB2  sing N N 214 
MET CB  HB3  sing N N 215 
MET CG  SD   sing N N 216 
MET CG  HG2  sing N N 217 
MET CG  HG3  sing N N 218 
MET SD  CE   sing N N 219 
MET CE  HE1  sing N N 220 
MET CE  HE2  sing N N 221 
MET CE  HE3  sing N N 222 
MET OXT HXT  sing N N 223 
PHE N   CA   sing N N 224 
PHE N   H    sing N N 225 
PHE N   H2   sing N N 226 
PHE CA  C    sing N N 227 
PHE CA  CB   sing N N 228 
PHE CA  HA   sing N N 229 
PHE C   O    doub N N 230 
PHE C   OXT  sing N N 231 
PHE CB  CG   sing N N 232 
PHE CB  HB2  sing N N 233 
PHE CB  HB3  sing N N 234 
PHE CG  CD1  doub Y N 235 
PHE CG  CD2  sing Y N 236 
PHE CD1 CE1  sing Y N 237 
PHE CD1 HD1  sing N N 238 
PHE CD2 CE2  doub Y N 239 
PHE CD2 HD2  sing N N 240 
PHE CE1 CZ   doub Y N 241 
PHE CE1 HE1  sing N N 242 
PHE CE2 CZ   sing Y N 243 
PHE CE2 HE2  sing N N 244 
PHE CZ  HZ   sing N N 245 
PHE OXT HXT  sing N N 246 
PRO N   CA   sing N N 247 
PRO N   CD   sing N N 248 
PRO N   H    sing N N 249 
PRO CA  C    sing N N 250 
PRO CA  CB   sing N N 251 
PRO CA  HA   sing N N 252 
PRO C   O    doub N N 253 
PRO C   OXT  sing N N 254 
PRO CB  CG   sing N N 255 
PRO CB  HB2  sing N N 256 
PRO CB  HB3  sing N N 257 
PRO CG  CD   sing N N 258 
PRO CG  HG2  sing N N 259 
PRO CG  HG3  sing N N 260 
PRO CD  HD2  sing N N 261 
PRO CD  HD3  sing N N 262 
PRO OXT HXT  sing N N 263 
R5P C1  O1   doub N N 264 
R5P C1  C2   sing N N 265 
R5P C2  O2   sing N N 266 
R5P C2  C3   sing N N 267 
R5P C3  O3   sing N N 268 
R5P C3  C4   sing N N 269 
R5P C4  O4   sing N N 270 
R5P C4  C5   sing N N 271 
R5P C5  O5   sing N N 272 
R5P O5  P    sing N N 273 
R5P P   O1P  doub N N 274 
R5P P   O2P  sing N N 275 
R5P P   O3P  sing N N 276 
R5P C1  H11  sing N N 277 
R5P C2  HC2  sing N N 278 
R5P O2  HO2  sing N N 279 
R5P C3  HC3  sing N N 280 
R5P O3  HO3  sing N N 281 
R5P C4  HC4  sing N N 282 
R5P O4  HO4  sing N N 283 
R5P C5  H51  sing N N 284 
R5P C5  H52  sing N N 285 
R5P O2P HOP2 sing N N 286 
R5P O3P HOP3 sing N N 287 
SER N   CA   sing N N 288 
SER N   H    sing N N 289 
SER N   H2   sing N N 290 
SER CA  C    sing N N 291 
SER CA  CB   sing N N 292 
SER CA  HA   sing N N 293 
SER C   O    doub N N 294 
SER C   OXT  sing N N 295 
SER CB  OG   sing N N 296 
SER CB  HB2  sing N N 297 
SER CB  HB3  sing N N 298 
SER OG  HG   sing N N 299 
SER OXT HXT  sing N N 300 
THR N   CA   sing N N 301 
THR N   H    sing N N 302 
THR N   H2   sing N N 303 
THR CA  C    sing N N 304 
THR CA  CB   sing N N 305 
THR CA  HA   sing N N 306 
THR C   O    doub N N 307 
THR C   OXT  sing N N 308 
THR CB  OG1  sing N N 309 
THR CB  CG2  sing N N 310 
THR CB  HB   sing N N 311 
THR OG1 HG1  sing N N 312 
THR CG2 HG21 sing N N 313 
THR CG2 HG22 sing N N 314 
THR CG2 HG23 sing N N 315 
THR OXT HXT  sing N N 316 
TRP N   CA   sing N N 317 
TRP N   H    sing N N 318 
TRP N   H2   sing N N 319 
TRP CA  C    sing N N 320 
TRP CA  CB   sing N N 321 
TRP CA  HA   sing N N 322 
TRP C   O    doub N N 323 
TRP C   OXT  sing N N 324 
TRP CB  CG   sing N N 325 
TRP CB  HB2  sing N N 326 
TRP CB  HB3  sing N N 327 
TRP CG  CD1  doub Y N 328 
TRP CG  CD2  sing Y N 329 
TRP CD1 NE1  sing Y N 330 
TRP CD1 HD1  sing N N 331 
TRP CD2 CE2  doub Y N 332 
TRP CD2 CE3  sing Y N 333 
TRP NE1 CE2  sing Y N 334 
TRP NE1 HE1  sing N N 335 
TRP CE2 CZ2  sing Y N 336 
TRP CE3 CZ3  doub Y N 337 
TRP CE3 HE3  sing N N 338 
TRP CZ2 CH2  doub Y N 339 
TRP CZ2 HZ2  sing N N 340 
TRP CZ3 CH2  sing Y N 341 
TRP CZ3 HZ3  sing N N 342 
TRP CH2 HH2  sing N N 343 
TRP OXT HXT  sing N N 344 
TYR N   CA   sing N N 345 
TYR N   H    sing N N 346 
TYR N   H2   sing N N 347 
TYR CA  C    sing N N 348 
TYR CA  CB   sing N N 349 
TYR CA  HA   sing N N 350 
TYR C   O    doub N N 351 
TYR C   OXT  sing N N 352 
TYR CB  CG   sing N N 353 
TYR CB  HB2  sing N N 354 
TYR CB  HB3  sing N N 355 
TYR CG  CD1  doub Y N 356 
TYR CG  CD2  sing Y N 357 
TYR CD1 CE1  sing Y N 358 
TYR CD1 HD1  sing N N 359 
TYR CD2 CE2  doub Y N 360 
TYR CD2 HD2  sing N N 361 
TYR CE1 CZ   doub Y N 362 
TYR CE1 HE1  sing N N 363 
TYR CE2 CZ   sing Y N 364 
TYR CE2 HE2  sing N N 365 
TYR CZ  OH   sing N N 366 
TYR OH  HH   sing N N 367 
TYR OXT HXT  sing N N 368 
VAL N   CA   sing N N 369 
VAL N   H    sing N N 370 
VAL N   H2   sing N N 371 
VAL CA  C    sing N N 372 
VAL CA  CB   sing N N 373 
VAL CA  HA   sing N N 374 
VAL C   O    doub N N 375 
VAL C   OXT  sing N N 376 
VAL CB  CG1  sing N N 377 
VAL CB  CG2  sing N N 378 
VAL CB  HB   sing N N 379 
VAL CG1 HG11 sing N N 380 
VAL CG1 HG12 sing N N 381 
VAL CG1 HG13 sing N N 382 
VAL CG2 HG21 sing N N 383 
VAL CG2 HG22 sing N N 384 
VAL CG2 HG23 sing N N 385 
VAL OXT HXT  sing N N 386 
# 
_atom_sites.entry_id                    1V8T 
_atom_sites.fract_transf_matrix[1][1]   -0.01885173 
_atom_sites.fract_transf_matrix[1][2]   -0.00053712 
_atom_sites.fract_transf_matrix[1][3]   -0.01338459 
_atom_sites.fract_transf_matrix[2][1]   -0.02071551 
_atom_sites.fract_transf_matrix[2][2]   -0.00423259 
_atom_sites.fract_transf_matrix[2][3]   0.00936829 
_atom_sites.fract_transf_matrix[3][1]   -0.00112908 
_atom_sites.fract_transf_matrix[3][2]   0.00830794 
_atom_sites.fract_transf_matrix[3][3]   0.00125687 
_atom_sites.fract_transf_vector[1]      0.029287 
_atom_sites.fract_transf_vector[2]      0.445174 
_atom_sites.fract_transf_vector[3]      0.257691 
# 
loop_
_atom_type.symbol 
C  
N  
O  
P  
S  
ZN 
# 
loop_
_atom_site.group_PDB 
_atom_site.id 
_atom_site.type_symbol 
_atom_site.label_atom_id 
_atom_site.label_alt_id 
_atom_site.label_comp_id 
_atom_site.label_asym_id 
_atom_site.label_entity_id 
_atom_site.label_seq_id 
_atom_site.pdbx_PDB_ins_code 
_atom_site.Cartn_x 
_atom_site.Cartn_y 
_atom_site.Cartn_z 
_atom_site.occupancy 
_atom_site.B_iso_or_equiv 
_atom_site.pdbx_formal_charge 
_atom_site.auth_seq_id 
_atom_site.auth_comp_id 
_atom_site.auth_asym_id 
_atom_site.auth_atom_id 
_atom_site.pdbx_PDB_model_num 
ATOM   1    N  N   . ARG A 1 11  ? 1.094   20.471  -21.317 1.00 37.21 ? 11  ARG A N   1 
ATOM   2    C  CA  . ARG A 1 11  ? 1.611   19.154  -20.838 1.00 37.40 ? 11  ARG A CA  1 
ATOM   3    C  C   . ARG A 1 11  ? 2.693   18.629  -21.774 1.00 37.38 ? 11  ARG A C   1 
ATOM   4    O  O   . ARG A 1 11  ? 2.398   17.940  -22.744 1.00 37.43 ? 11  ARG A O   1 
ATOM   5    C  CB  . ARG A 1 11  ? 0.479   18.135  -20.779 1.00 37.40 ? 11  ARG A CB  1 
ATOM   6    C  CG  . ARG A 1 11  ? 0.788   16.903  -19.946 1.00 37.21 ? 11  ARG A CG  1 
ATOM   7    C  CD  . ARG A 1 11  ? 0.525   17.181  -18.482 1.00 38.16 ? 11  ARG A CD  1 
ATOM   8    N  NE  . ARG A 1 11  ? 0.163   15.967  -17.758 1.00 38.93 ? 11  ARG A NE  1 
ATOM   9    C  CZ  . ARG A 1 11  ? -0.421  15.958  -16.564 1.00 38.75 ? 11  ARG A CZ  1 
ATOM   10   N  NH1 . ARG A 1 11  ? -0.708  17.098  -15.957 1.00 38.53 ? 11  ARG A NH1 1 
ATOM   11   N  NH2 . ARG A 1 11  ? -0.729  14.807  -15.982 1.00 39.96 ? 11  ARG A NH2 1 
ATOM   12   N  N   . THR A 1 12  ? 3.944   18.951  -21.469 1.00 37.73 ? 12  THR A N   1 
ATOM   13   C  CA  . THR A 1 12  ? 5.081   18.522  -22.276 1.00 37.78 ? 12  THR A CA  1 
ATOM   14   C  C   . THR A 1 12  ? 5.823   17.415  -21.536 1.00 37.52 ? 12  THR A C   1 
ATOM   15   O  O   . THR A 1 12  ? 6.215   17.593  -20.385 1.00 38.65 ? 12  THR A O   1 
ATOM   16   C  CB  . THR A 1 12  ? 6.044   19.690  -22.496 1.00 37.91 ? 12  THR A CB  1 
ATOM   17   O  OG1 . THR A 1 12  ? 5.291   20.866  -22.813 1.00 38.48 ? 12  THR A OG1 1 
ATOM   18   C  CG2 . THR A 1 12  ? 6.999   19.386  -23.634 1.00 39.82 ? 12  THR A CG2 1 
ATOM   19   N  N   . TYR A 1 13  ? 6.033   16.278  -22.187 1.00 36.45 ? 13  TYR A N   1 
ATOM   20   C  CA  . TYR A 1 13  ? 6.718   15.172  -21.531 1.00 34.95 ? 13  TYR A CA  1 
ATOM   21   C  C   . TYR A 1 13  ? 8.236   15.178  -21.664 1.00 34.71 ? 13  TYR A C   1 
ATOM   22   O  O   . TYR A 1 13  ? 8.781   15.330  -22.758 1.00 35.55 ? 13  TYR A O   1 
ATOM   23   C  CB  . TYR A 1 13  ? 6.158   13.837  -22.029 1.00 33.96 ? 13  TYR A CB  1 
ATOM   24   C  CG  . TYR A 1 13  ? 4.703   13.654  -21.681 1.00 33.19 ? 13  TYR A CG  1 
ATOM   25   C  CD1 . TYR A 1 13  ? 3.711   14.349  -22.368 1.00 31.52 ? 13  TYR A CD1 1 
ATOM   26   C  CD2 . TYR A 1 13  ? 4.320   12.842  -20.615 1.00 32.94 ? 13  TYR A CD2 1 
ATOM   27   C  CE1 . TYR A 1 13  ? 2.375   14.244  -22.000 1.00 31.74 ? 13  TYR A CE1 1 
ATOM   28   C  CE2 . TYR A 1 13  ? 2.982   12.732  -20.237 1.00 32.57 ? 13  TYR A CE2 1 
ATOM   29   C  CZ  . TYR A 1 13  ? 2.017   13.438  -20.932 1.00 32.19 ? 13  TYR A CZ  1 
ATOM   30   O  OH  . TYR A 1 13  ? 0.699   13.352  -20.547 1.00 32.35 ? 13  TYR A OH  1 
ATOM   31   N  N   . LEU A 1 14  ? 8.909   15.014  -20.529 1.00 33.62 ? 14  LEU A N   1 
ATOM   32   C  CA  . LEU A 1 14  ? 10.364  14.977  -20.488 1.00 33.40 ? 14  LEU A CA  1 
ATOM   33   C  C   . LEU A 1 14  ? 10.819  13.536  -20.314 1.00 32.95 ? 14  LEU A C   1 
ATOM   34   O  O   . LEU A 1 14  ? 12.007  13.237  -20.422 1.00 32.24 ? 14  LEU A O   1 
ATOM   35   C  CB  . LEU A 1 14  ? 10.900  15.803  -19.313 1.00 33.31 ? 14  LEU A CB  1 
ATOM   36   C  CG  . LEU A 1 14  ? 10.780  17.329  -19.309 1.00 34.21 ? 14  LEU A CG  1 
ATOM   37   C  CD1 . LEU A 1 14  ? 9.324   17.722  -19.384 1.00 35.67 ? 14  LEU A CD1 1 
ATOM   38   C  CD2 . LEU A 1 14  ? 11.408  17.896  -18.043 1.00 33.64 ? 14  LEU A CD2 1 
ATOM   39   N  N   . TYR A 1 15  ? 9.871   12.644  -20.045 1.00 32.73 ? 15  TYR A N   1 
ATOM   40   C  CA  . TYR A 1 15  ? 10.199  11.240  -19.830 1.00 33.09 ? 15  TYR A CA  1 
ATOM   41   C  C   . TYR A 1 15  ? 8.970   10.348  -19.752 1.00 33.61 ? 15  TYR A C   1 
ATOM   42   O  O   . TYR A 1 15  ? 7.958   10.713  -19.157 1.00 35.86 ? 15  TYR A O   1 
ATOM   43   C  CB  . TYR A 1 15  ? 10.992  11.092  -18.533 1.00 32.46 ? 15  TYR A CB  1 
ATOM   44   C  CG  . TYR A 1 15  ? 11.391  9.670   -18.202 1.00 32.95 ? 15  TYR A CG  1 
ATOM   45   C  CD1 . TYR A 1 15  ? 12.366  9.005   -18.946 1.00 33.40 ? 15  TYR A CD1 1 
ATOM   46   C  CD2 . TYR A 1 15  ? 10.819  9.000   -17.122 1.00 33.54 ? 15  TYR A CD2 1 
ATOM   47   C  CE1 . TYR A 1 15  ? 12.766  7.704   -18.617 1.00 33.19 ? 15  TYR A CE1 1 
ATOM   48   C  CE2 . TYR A 1 15  ? 11.212  7.702   -16.784 1.00 32.29 ? 15  TYR A CE2 1 
ATOM   49   C  CZ  . TYR A 1 15  ? 12.184  7.065   -17.535 1.00 32.67 ? 15  TYR A CZ  1 
ATOM   50   O  OH  . TYR A 1 15  ? 12.581  5.797   -17.199 1.00 32.48 ? 15  TYR A OH  1 
ATOM   51   N  N   . ARG A 1 16  ? 9.069   9.173   -20.358 1.00 32.97 ? 16  ARG A N   1 
ATOM   52   C  CA  . ARG A 1 16  ? 7.993   8.197   -20.334 1.00 32.85 ? 16  ARG A CA  1 
ATOM   53   C  C   . ARG A 1 16  ? 8.648   6.908   -19.872 1.00 33.27 ? 16  ARG A C   1 
ATOM   54   O  O   . ARG A 1 16  ? 9.207   6.175   -20.680 1.00 33.76 ? 16  ARG A O   1 
ATOM   55   C  CB  . ARG A 1 16  ? 7.399   8.007   -21.728 1.00 31.67 ? 16  ARG A CB  1 
ATOM   56   C  CG  . ARG A 1 16  ? 6.589   9.182   -22.236 1.00 32.56 ? 16  ARG A CG  1 
ATOM   57   C  CD  . ARG A 1 16  ? 6.096   8.916   -23.657 1.00 33.41 ? 16  ARG A CD  1 
ATOM   58   N  NE  . ARG A 1 16  ? 5.302   10.013  -24.207 1.00 34.80 ? 16  ARG A NE  1 
ATOM   59   C  CZ  . ARG A 1 16  ? 4.119   10.397  -23.732 1.00 36.42 ? 16  ARG A CZ  1 
ATOM   60   N  NH1 . ARG A 1 16  ? 3.582   9.772   -22.688 1.00 35.96 ? 16  ARG A NH1 1 
ATOM   61   N  NH2 . ARG A 1 16  ? 3.469   11.408  -24.305 1.00 36.85 ? 16  ARG A NH2 1 
ATOM   62   N  N   . GLY A 1 17  ? 8.586   6.637   -18.571 1.00 34.27 ? 17  GLY A N   1 
ATOM   63   C  CA  . GLY A 1 17  ? 9.216   5.440   -18.032 1.00 33.92 ? 17  GLY A CA  1 
ATOM   64   C  C   . GLY A 1 17  ? 8.347   4.214   -17.829 1.00 33.36 ? 17  GLY A C   1 
ATOM   65   O  O   . GLY A 1 17  ? 7.275   4.091   -18.412 1.00 33.01 ? 17  GLY A O   1 
ATOM   66   N  N   . ARG A 1 18  ? 8.824   3.307   -16.983 1.00 34.46 ? 18  ARG A N   1 
ATOM   67   C  CA  . ARG A 1 18  ? 8.125   2.059   -16.691 1.00 35.66 ? 18  ARG A CA  1 
ATOM   68   C  C   . ARG A 1 18  ? 6.940   2.255   -15.738 1.00 34.35 ? 18  ARG A C   1 
ATOM   69   O  O   . ARG A 1 18  ? 5.822   1.848   -16.050 1.00 33.69 ? 18  ARG A O   1 
ATOM   70   C  CB  . ARG A 1 18  ? 9.102   1.036   -16.087 1.00 37.98 ? 18  ARG A CB  1 
ATOM   71   C  CG  . ARG A 1 18  ? 10.453  0.909   -16.806 1.00 40.88 ? 18  ARG A CG  1 
ATOM   72   C  CD  . ARG A 1 18  ? 11.399  -0.006  -16.016 1.00 43.84 ? 18  ARG A CD  1 
ATOM   73   N  NE  . ARG A 1 18  ? 12.774  -0.032  -16.524 1.00 45.45 ? 18  ARG A NE  1 
ATOM   74   C  CZ  . ARG A 1 18  ? 13.628  0.988   -16.456 1.00 46.50 ? 18  ARG A CZ  1 
ATOM   75   N  NH1 . ARG A 1 18  ? 13.263  2.135   -15.905 1.00 47.10 ? 18  ARG A NH1 1 
ATOM   76   N  NH2 . ARG A 1 18  ? 14.861  0.858   -16.929 1.00 48.07 ? 18  ARG A NH2 1 
ATOM   77   N  N   . ILE A 1 19  ? 7.179   2.864   -14.577 1.00 33.29 ? 19  ILE A N   1 
ATOM   78   C  CA  . ILE A 1 19  ? 6.090   3.083   -13.616 1.00 32.87 ? 19  ILE A CA  1 
ATOM   79   C  C   . ILE A 1 19  ? 5.706   4.553   -13.468 1.00 31.94 ? 19  ILE A C   1 
ATOM   80   O  O   . ILE A 1 19  ? 4.856   4.884   -12.643 1.00 32.88 ? 19  ILE A O   1 
ATOM   81   C  CB  . ILE A 1 19  ? 6.432   2.565   -12.188 1.00 31.96 ? 19  ILE A CB  1 
ATOM   82   C  CG1 . ILE A 1 19  ? 7.419   3.511   -11.512 1.00 30.52 ? 19  ILE A CG1 1 
ATOM   83   C  CG2 . ILE A 1 19  ? 7.000   1.156   -12.255 1.00 32.01 ? 19  ILE A CG2 1 
ATOM   84   C  CD1 . ILE A 1 19  ? 7.716   3.147   -10.087 1.00 31.00 ? 19  ILE A CD1 1 
ATOM   85   N  N   . LEU A 1 20  ? 6.326   5.429   -14.252 1.00 30.66 ? 20  LEU A N   1 
ATOM   86   C  CA  . LEU A 1 20  ? 6.015   6.852   -14.165 1.00 29.00 ? 20  LEU A CA  1 
ATOM   87   C  C   . LEU A 1 20  ? 6.440   7.645   -15.401 1.00 29.29 ? 20  LEU A C   1 
ATOM   88   O  O   . LEU A 1 20  ? 7.283   7.206   -16.184 1.00 28.97 ? 20  LEU A O   1 
ATOM   89   C  CB  . LEU A 1 20  ? 6.690   7.450   -12.922 1.00 27.25 ? 20  LEU A CB  1 
ATOM   90   C  CG  . LEU A 1 20  ? 8.223   7.538   -12.929 1.00 25.98 ? 20  LEU A CG  1 
ATOM   91   C  CD1 . LEU A 1 20  ? 8.664   8.718   -13.776 1.00 25.82 ? 20  LEU A CD1 1 
ATOM   92   C  CD2 . LEU A 1 20  ? 8.739   7.717   -11.521 1.00 23.67 ? 20  LEU A CD2 1 
ATOM   93   N  N   . ASN A 1 21  ? 5.834   8.815   -15.562 1.00 29.07 ? 21  ASN A N   1 
ATOM   94   C  CA  . ASN A 1 21  ? 6.155   9.728   -16.652 1.00 29.35 ? 21  ASN A CA  1 
ATOM   95   C  C   . ASN A 1 21  ? 6.457   11.066  -15.991 1.00 30.08 ? 21  ASN A C   1 
ATOM   96   O  O   . ASN A 1 21  ? 5.838   11.418  -14.982 1.00 30.09 ? 21  ASN A O   1 
ATOM   97   C  CB  . ASN A 1 21  ? 4.971   9.931   -17.607 1.00 29.03 ? 21  ASN A CB  1 
ATOM   98   C  CG  . ASN A 1 21  ? 4.630   8.692   -18.399 1.00 29.18 ? 21  ASN A CG  1 
ATOM   99   O  OD1 . ASN A 1 21  ? 5.474   7.815   -18.601 1.00 30.57 ? 21  ASN A OD1 1 
ATOM   100  N  ND2 . ASN A 1 21  ? 3.391   8.620   -18.872 1.00 26.73 ? 21  ASN A ND2 1 
ATOM   101  N  N   . LEU A 1 22  ? 7.415   11.802  -16.539 1.00 29.85 ? 22  LEU A N   1 
ATOM   102  C  CA  . LEU A 1 22  ? 7.743   13.116  -16.008 1.00 28.76 ? 22  LEU A CA  1 
ATOM   103  C  C   . LEU A 1 22  ? 7.285   14.106  -17.064 1.00 28.28 ? 22  LEU A C   1 
ATOM   104  O  O   . LEU A 1 22  ? 7.684   14.008  -18.221 1.00 28.17 ? 22  LEU A O   1 
ATOM   105  C  CB  . LEU A 1 22  ? 9.244   13.258  -15.776 1.00 27.67 ? 22  LEU A CB  1 
ATOM   106  C  CG  . LEU A 1 22  ? 9.679   14.709  -15.564 1.00 26.78 ? 22  LEU A CG  1 
ATOM   107  C  CD1 . LEU A 1 22  ? 8.816   15.347  -14.490 1.00 26.26 ? 22  LEU A CD1 1 
ATOM   108  C  CD2 . LEU A 1 22  ? 11.150  14.760  -15.184 1.00 26.09 ? 22  LEU A CD2 1 
ATOM   109  N  N   . ALA A 1 23  ? 6.431   15.044  -16.674 1.00 28.19 ? 23  ALA A N   1 
ATOM   110  C  CA  . ALA A 1 23  ? 5.919   16.032  -17.616 1.00 28.14 ? 23  ALA A CA  1 
ATOM   111  C  C   . ALA A 1 23  ? 5.969   17.428  -17.033 1.00 29.49 ? 23  ALA A C   1 
ATOM   112  O  O   . ALA A 1 23  ? 6.301   17.619  -15.862 1.00 29.20 ? 23  ALA A O   1 
ATOM   113  C  CB  . ALA A 1 23  ? 4.488   15.696  -18.007 1.00 25.83 ? 23  ALA A CB  1 
ATOM   114  N  N   . LEU A 1 24  ? 5.643   18.409  -17.865 1.00 30.73 ? 24  LEU A N   1 
ATOM   115  C  CA  . LEU A 1 24  ? 5.624   19.789  -17.427 1.00 32.37 ? 24  LEU A CA  1 
ATOM   116  C  C   . LEU A 1 24  ? 4.324   20.431  -17.874 1.00 33.63 ? 24  LEU A C   1 
ATOM   117  O  O   . LEU A 1 24  ? 3.791   20.112  -18.936 1.00 33.74 ? 24  LEU A O   1 
ATOM   118  C  CB  . LEU A 1 24  ? 6.812   20.560  -18.010 1.00 31.89 ? 24  LEU A CB  1 
ATOM   119  C  CG  . LEU A 1 24  ? 8.221   20.160  -17.550 1.00 31.99 ? 24  LEU A CG  1 
ATOM   120  C  CD1 . LEU A 1 24  ? 9.246   20.963  -18.328 1.00 30.33 ? 24  LEU A CD1 1 
ATOM   121  C  CD2 . LEU A 1 24  ? 8.387   20.393  -16.046 1.00 31.93 ? 24  LEU A CD2 1 
ATOM   122  N  N   . GLU A 1 25  ? 3.799   21.308  -17.030 1.00 35.60 ? 25  GLU A N   1 
ATOM   123  C  CA  . GLU A 1 25  ? 2.587   22.048  -17.333 1.00 37.60 ? 25  GLU A CA  1 
ATOM   124  C  C   . GLU A 1 25  ? 2.942   23.502  -17.067 1.00 39.20 ? 25  GLU A C   1 
ATOM   125  O  O   . GLU A 1 25  ? 2.366   24.157  -16.196 1.00 39.67 ? 25  GLU A O   1 
ATOM   126  C  CB  . GLU A 1 25  ? 1.437   21.600  -16.440 1.00 36.94 ? 25  GLU A CB  1 
ATOM   127  C  CG  . GLU A 1 25  ? 0.792   20.330  -16.929 1.00 37.74 ? 25  GLU A CG  1 
ATOM   128  C  CD  . GLU A 1 25  ? -0.714  20.329  -16.733 1.00 38.85 ? 25  GLU A CD  1 
ATOM   129  O  OE1 . GLU A 1 25  ? -1.374  19.374  -17.205 1.00 39.10 ? 25  GLU A OE1 1 
ATOM   130  O  OE2 . GLU A 1 25  ? -1.233  21.283  -16.110 1.00 37.01 ? 25  GLU A OE2 1 
ATOM   131  N  N   . GLY A 1 26  ? 3.913   23.990  -17.835 1.00 40.15 ? 26  GLY A N   1 
ATOM   132  C  CA  . GLY A 1 26  ? 4.379   25.347  -17.660 1.00 41.92 ? 26  GLY A CA  1 
ATOM   133  C  C   . GLY A 1 26  ? 5.187   25.331  -16.382 1.00 43.01 ? 26  GLY A C   1 
ATOM   134  O  O   . GLY A 1 26  ? 6.356   24.942  -16.375 1.00 43.79 ? 26  GLY A O   1 
ATOM   135  N  N   . ARG A 1 27  ? 4.557   25.741  -15.289 1.00 43.44 ? 27  ARG A N   1 
ATOM   136  C  CA  . ARG A 1 27  ? 5.213   25.749  -13.991 1.00 45.18 ? 27  ARG A CA  1 
ATOM   137  C  C   . ARG A 1 27  ? 5.474   24.324  -13.510 1.00 43.88 ? 27  ARG A C   1 
ATOM   138  O  O   . ARG A 1 27  ? 6.609   23.843  -13.465 1.00 42.86 ? 27  ARG A O   1 
ATOM   139  C  CB  . ARG A 1 27  ? 4.320   26.431  -12.948 1.00 48.48 ? 27  ARG A CB  1 
ATOM   140  C  CG  . ARG A 1 27  ? 4.587   27.889  -12.716 1.00 52.92 ? 27  ARG A CG  1 
ATOM   141  C  CD  . ARG A 1 27  ? 4.388   28.713  -13.967 1.00 57.65 ? 27  ARG A CD  1 
ATOM   142  N  NE  . ARG A 1 27  ? 5.524   29.607  -14.164 1.00 62.22 ? 27  ARG A NE  1 
ATOM   143  C  CZ  . ARG A 1 27  ? 5.985   30.440  -13.235 1.00 64.12 ? 27  ARG A CZ  1 
ATOM   144  N  NH1 . ARG A 1 27  ? 5.402   30.498  -12.042 1.00 65.50 ? 27  ARG A NH1 1 
ATOM   145  N  NH2 . ARG A 1 27  ? 7.040   31.207  -13.490 1.00 65.23 ? 27  ARG A NH2 1 
ATOM   146  N  N   . TYR A 1 28  ? 4.369   23.670  -13.170 1.00 42.30 ? 28  TYR A N   1 
ATOM   147  C  CA  . TYR A 1 28  ? 4.332   22.330  -12.612 1.00 40.50 ? 28  TYR A CA  1 
ATOM   148  C  C   . TYR A 1 28  ? 5.042   21.160  -13.264 1.00 38.06 ? 28  TYR A C   1 
ATOM   149  O  O   . TYR A 1 28  ? 4.921   20.898  -14.464 1.00 38.31 ? 28  TYR A O   1 
ATOM   150  C  CB  . TYR A 1 28  ? 2.872   21.953  -12.352 1.00 41.91 ? 28  TYR A CB  1 
ATOM   151  C  CG  . TYR A 1 28  ? 2.141   23.041  -11.605 1.00 43.37 ? 28  TYR A CG  1 
ATOM   152  C  CD1 . TYR A 1 28  ? 1.678   24.177  -12.275 1.00 43.83 ? 28  TYR A CD1 1 
ATOM   153  C  CD2 . TYR A 1 28  ? 1.981   22.982  -10.220 1.00 43.38 ? 28  TYR A CD2 1 
ATOM   154  C  CE1 . TYR A 1 28  ? 1.079   25.227  -11.588 1.00 44.53 ? 28  TYR A CE1 1 
ATOM   155  C  CE2 . TYR A 1 28  ? 1.383   24.028  -9.524  1.00 44.64 ? 28  TYR A CE2 1 
ATOM   156  C  CZ  . TYR A 1 28  ? 0.936   25.150  -10.214 1.00 44.96 ? 28  TYR A CZ  1 
ATOM   157  O  OH  . TYR A 1 28  ? 0.350   26.196  -9.536  1.00 45.38 ? 28  TYR A OH  1 
ATOM   158  N  N   . GLU A 1 29  ? 5.788   20.465  -12.414 1.00 35.02 ? 29  GLU A N   1 
ATOM   159  C  CA  . GLU A 1 29  ? 6.529   19.269  -12.759 1.00 32.92 ? 29  GLU A CA  1 
ATOM   160  C  C   . GLU A 1 29  ? 5.551   18.186  -12.306 1.00 31.30 ? 29  GLU A C   1 
ATOM   161  O  O   . GLU A 1 29  ? 5.219   18.092  -11.127 1.00 32.29 ? 29  GLU A O   1 
ATOM   162  C  CB  . GLU A 1 29  ? 7.825   19.231  -11.952 1.00 31.64 ? 29  GLU A CB  1 
ATOM   163  C  CG  . GLU A 1 29  ? 8.663   20.476  -12.162 1.00 31.94 ? 29  GLU A CG  1 
ATOM   164  C  CD  . GLU A 1 29  ? 9.709   20.686  -11.084 1.00 33.55 ? 29  GLU A CD  1 
ATOM   165  O  OE1 . GLU A 1 29  ? 9.336   20.829  -9.901  1.00 34.57 ? 29  GLU A OE1 1 
ATOM   166  O  OE2 . GLU A 1 29  ? 10.910  20.716  -11.421 1.00 34.54 ? 29  GLU A OE2 1 
ATOM   167  N  N   . ILE A 1 30  ? 5.069   17.385  -13.247 1.00 29.30 ? 30  ILE A N   1 
ATOM   168  C  CA  . ILE A 1 30  ? 4.084   16.360  -12.935 1.00 26.41 ? 30  ILE A CA  1 
ATOM   169  C  C   . ILE A 1 30  ? 4.520   14.930  -13.224 1.00 25.24 ? 30  ILE A C   1 
ATOM   170  O  O   . ILE A 1 30  ? 4.859   14.589  -14.355 1.00 26.57 ? 30  ILE A O   1 
ATOM   171  C  CB  . ILE A 1 30  ? 2.779   16.656  -13.708 1.00 25.67 ? 30  ILE A CB  1 
ATOM   172  C  CG1 . ILE A 1 30  ? 2.239   18.023  -13.280 1.00 26.41 ? 30  ILE A CG1 1 
ATOM   173  C  CG2 . ILE A 1 30  ? 1.759   15.569  -13.470 1.00 24.24 ? 30  ILE A CG2 1 
ATOM   174  C  CD1 . ILE A 1 30  ? 0.979   18.453  -14.007 1.00 27.83 ? 30  ILE A CD1 1 
ATOM   175  N  N   . VAL A 1 31  ? 4.508   14.093  -12.193 1.00 23.57 ? 31  VAL A N   1 
ATOM   176  C  CA  . VAL A 1 31  ? 4.862   12.689  -12.349 1.00 21.81 ? 31  VAL A CA  1 
ATOM   177  C  C   . VAL A 1 31  ? 3.569   11.877  -12.451 1.00 23.05 ? 31  VAL A C   1 
ATOM   178  O  O   . VAL A 1 31  ? 2.876   11.685  -11.449 1.00 24.28 ? 31  VAL A O   1 
ATOM   179  C  CB  . VAL A 1 31  ? 5.656   12.161  -11.142 1.00 19.87 ? 31  VAL A CB  1 
ATOM   180  C  CG1 . VAL A 1 31  ? 6.004   10.696  -11.355 1.00 18.69 ? 31  VAL A CG1 1 
ATOM   181  C  CG2 . VAL A 1 31  ? 6.914   12.977  -10.945 1.00 19.52 ? 31  VAL A CG2 1 
ATOM   182  N  N   . GLU A 1 32  ? 3.230   11.420  -13.656 1.00 22.05 ? 32  GLU A N   1 
ATOM   183  C  CA  . GLU A 1 32  ? 2.028   10.612  -13.835 1.00 20.69 ? 32  GLU A CA  1 
ATOM   184  C  C   . GLU A 1 32  ? 2.394   9.232   -13.333 1.00 19.74 ? 32  GLU A C   1 
ATOM   185  O  O   . GLU A 1 32  ? 3.463   8.711   -13.637 1.00 20.68 ? 32  GLU A O   1 
ATOM   186  C  CB  . GLU A 1 32  ? 1.625   10.540  -15.305 1.00 20.66 ? 32  GLU A CB  1 
ATOM   187  C  CG  . GLU A 1 32  ? 1.487   11.895  -15.968 1.00 22.37 ? 32  GLU A CG  1 
ATOM   188  C  CD  . GLU A 1 32  ? 1.203   11.776  -17.443 1.00 22.82 ? 32  GLU A CD  1 
ATOM   189  O  OE1 . GLU A 1 32  ? 1.772   10.862  -18.080 1.00 23.86 ? 32  GLU A OE1 1 
ATOM   190  O  OE2 . GLU A 1 32  ? 0.426   12.601  -17.967 1.00 24.16 ? 32  GLU A OE2 1 
ATOM   191  N  N   . HIS A 1 33  ? 1.503   8.631   -12.565 1.00 19.62 ? 33  HIS A N   1 
ATOM   192  C  CA  . HIS A 1 33  ? 1.788   7.328   -11.995 1.00 17.68 ? 33  HIS A CA  1 
ATOM   193  C  C   . HIS A 1 33  ? 0.553   6.444   -12.037 1.00 18.03 ? 33  HIS A C   1 
ATOM   194  O  O   . HIS A 1 33  ? -0.574  6.937   -11.979 1.00 18.94 ? 33  HIS A O   1 
ATOM   195  C  CB  . HIS A 1 33  ? 2.248   7.541   -10.564 1.00 16.22 ? 33  HIS A CB  1 
ATOM   196  C  CG  . HIS A 1 33  ? 2.815   6.325   -9.916  1.00 13.86 ? 33  HIS A CG  1 
ATOM   197  N  ND1 . HIS A 1 33  ? 2.079   5.180   -9.714  1.00 12.13 ? 33  HIS A ND1 1 
ATOM   198  C  CD2 . HIS A 1 33  ? 4.031   6.095   -9.371  1.00 12.70 ? 33  HIS A CD2 1 
ATOM   199  C  CE1 . HIS A 1 33  ? 2.818   4.297   -9.069  1.00 10.89 ? 33  HIS A CE1 1 
ATOM   200  N  NE2 . HIS A 1 33  ? 4.006   4.829   -8.848  1.00 11.98 ? 33  HIS A NE2 1 
ATOM   201  N  N   . LYS A 1 34  ? 0.764   5.138   -12.152 1.00 18.73 ? 34  LYS A N   1 
ATOM   202  C  CA  . LYS A 1 34  ? -0.350  4.201   -12.201 1.00 18.30 ? 34  LYS A CA  1 
ATOM   203  C  C   . LYS A 1 34  ? -1.088  4.165   -10.870 1.00 16.19 ? 34  LYS A C   1 
ATOM   204  O  O   . LYS A 1 34  ? -0.488  4.333   -9.810  1.00 14.79 ? 34  LYS A O   1 
ATOM   205  C  CB  . LYS A 1 34  ? 0.142   2.789   -12.525 1.00 21.56 ? 34  LYS A CB  1 
ATOM   206  C  CG  . LYS A 1 34  ? 0.620   2.576   -13.947 1.00 24.92 ? 34  LYS A CG  1 
ATOM   207  C  CD  . LYS A 1 34  ? 1.013   1.110   -14.141 1.00 27.89 ? 34  LYS A CD  1 
ATOM   208  C  CE  . LYS A 1 34  ? 1.641   0.862   -15.505 1.00 31.66 ? 34  LYS A CE  1 
ATOM   209  N  NZ  . LYS A 1 34  ? 0.698   1.148   -16.631 1.00 33.09 ? 34  LYS A NZ  1 
ATOM   210  N  N   . PRO A 1 35  ? -2.411  3.952   -10.910 1.00 14.70 ? 35  PRO A N   1 
ATOM   211  C  CA  . PRO A 1 35  ? -3.162  3.901   -9.659  1.00 13.54 ? 35  PRO A CA  1 
ATOM   212  C  C   . PRO A 1 35  ? -2.744  2.637   -8.912  1.00 13.28 ? 35  PRO A C   1 
ATOM   213  O  O   . PRO A 1 35  ? -2.288  1.672   -9.527  1.00 12.81 ? 35  PRO A O   1 
ATOM   214  C  CB  . PRO A 1 35  ? -4.610  3.872   -10.133 1.00 13.40 ? 35  PRO A CB  1 
ATOM   215  C  CG  . PRO A 1 35  ? -4.512  3.135   -11.433 1.00 13.17 ? 35  PRO A CG  1 
ATOM   216  C  CD  . PRO A 1 35  ? -3.300  3.754   -12.069 1.00 13.51 ? 35  PRO A CD  1 
ATOM   217  N  N   . ALA A 1 36  ? -2.889  2.649   -7.591  1.00 12.10 ? 36  ALA A N   1 
ATOM   218  C  CA  . ALA A 1 36  ? -2.492  1.507   -6.789  1.00 11.11 ? 36  ALA A CA  1 
ATOM   219  C  C   . ALA A 1 36  ? -3.563  1.059   -5.800  1.00 11.91 ? 36  ALA A C   1 
ATOM   220  O  O   . ALA A 1 36  ? -4.575  1.737   -5.608  1.00 12.27 ? 36  ALA A O   1 
ATOM   221  C  CB  . ALA A 1 36  ? -1.214  1.839   -6.047  1.00 10.81 ? 36  ALA A CB  1 
ATOM   222  N  N   . VAL A 1 37  ? -3.325  -0.087  -5.171  1.00 11.25 ? 37  VAL A N   1 
ATOM   223  C  CA  . VAL A 1 37  ? -4.253  -0.626  -4.191  1.00 11.52 ? 37  VAL A CA  1 
ATOM   224  C  C   . VAL A 1 37  ? -3.500  -0.978  -2.911  1.00 12.38 ? 37  VAL A C   1 
ATOM   225  O  O   . VAL A 1 37  ? -2.274  -1.132  -2.926  1.00 12.01 ? 37  VAL A O   1 
ATOM   226  C  CB  . VAL A 1 37  ? -4.954  -1.904  -4.718  1.00 11.98 ? 37  VAL A CB  1 
ATOM   227  C  CG1 . VAL A 1 37  ? -5.846  -1.563  -5.921  1.00 11.65 ? 37  VAL A CG1 1 
ATOM   228  C  CG2 . VAL A 1 37  ? -3.905  -2.955  -5.098  1.00 11.50 ? 37  VAL A CG2 1 
ATOM   229  N  N   . ALA A 1 38  ? -4.244  -1.096  -1.811  1.00 12.95 ? 38  ALA A N   1 
ATOM   230  C  CA  . ALA A 1 38  ? -3.687  -1.454  -0.504  1.00 12.72 ? 38  ALA A CA  1 
ATOM   231  C  C   . ALA A 1 38  ? -4.708  -2.315  0.240   1.00 13.36 ? 38  ALA A C   1 
ATOM   232  O  O   . ALA A 1 38  ? -5.914  -2.078  0.165   1.00 13.28 ? 38  ALA A O   1 
ATOM   233  C  CB  . ALA A 1 38  ? -3.374  -0.202  0.303   1.00 13.85 ? 38  ALA A CB  1 
ATOM   234  N  N   . VAL A 1 39  ? -4.224  -3.312  0.968   1.00 13.75 ? 39  VAL A N   1 
ATOM   235  C  CA  . VAL A 1 39  ? -5.115  -4.207  1.686   1.00 13.07 ? 39  VAL A CA  1 
ATOM   236  C  C   . VAL A 1 39  ? -4.858  -4.246  3.179   1.00 13.46 ? 39  VAL A C   1 
ATOM   237  O  O   . VAL A 1 39  ? -3.744  -4.540  3.620   1.00 13.34 ? 39  VAL A O   1 
ATOM   238  C  CB  . VAL A 1 39  ? -4.993  -5.648  1.147   1.00 13.83 ? 39  VAL A CB  1 
ATOM   239  C  CG1 . VAL A 1 39  ? -6.015  -6.546  1.836   1.00 12.37 ? 39  VAL A CG1 1 
ATOM   240  C  CG2 . VAL A 1 39  ? -5.180  -5.656  -0.370  1.00 11.09 ? 39  VAL A CG2 1 
ATOM   241  N  N   . ILE A 1 40  ? -5.903  -3.953  3.945   1.00 13.39 ? 40  ILE A N   1 
ATOM   242  C  CA  . ILE A 1 40  ? -5.832  -3.976  5.401   1.00 13.78 ? 40  ILE A CA  1 
ATOM   243  C  C   . ILE A 1 40  ? -6.426  -5.293  5.910   1.00 14.21 ? 40  ILE A C   1 
ATOM   244  O  O   . ILE A 1 40  ? -7.597  -5.608  5.658   1.00 13.36 ? 40  ILE A O   1 
ATOM   245  C  CB  . ILE A 1 40  ? -6.637  -2.818  6.035   1.00 13.33 ? 40  ILE A CB  1 
ATOM   246  C  CG1 . ILE A 1 40  ? -6.036  -1.474  5.629   1.00 15.03 ? 40  ILE A CG1 1 
ATOM   247  C  CG2 . ILE A 1 40  ? -6.646  -2.961  7.544   1.00 11.57 ? 40  ILE A CG2 1 
ATOM   248  C  CD1 . ILE A 1 40  ? -6.674  -0.272  6.327   1.00 13.72 ? 40  ILE A CD1 1 
ATOM   249  N  N   . ALA A 1 41  ? -5.623  -6.062  6.625   1.00 13.74 ? 41  ALA A N   1 
ATOM   250  C  CA  . ALA A 1 41  ? -6.101  -7.325  7.152   1.00 14.89 ? 41  ALA A CA  1 
ATOM   251  C  C   . ALA A 1 41  ? -5.725  -7.500  8.620   1.00 16.11 ? 41  ALA A C   1 
ATOM   252  O  O   . ALA A 1 41  ? -4.564  -7.349  9.015   1.00 16.35 ? 41  ALA A O   1 
ATOM   253  C  CB  . ALA A 1 41  ? -5.551  -8.482  6.322   1.00 15.37 ? 41  ALA A CB  1 
ATOM   254  N  N   . LEU A 1 42  ? -6.725  -7.811  9.430   1.00 16.50 ? 42  LEU A N   1 
ATOM   255  C  CA  . LEU A 1 42  ? -6.497  -8.016  10.846  1.00 17.85 ? 42  LEU A CA  1 
ATOM   256  C  C   . LEU A 1 42  ? -6.783  -9.479  11.125  1.00 18.12 ? 42  LEU A C   1 
ATOM   257  O  O   . LEU A 1 42  ? -7.660  -10.062 10.504  1.00 17.95 ? 42  LEU A O   1 
ATOM   258  C  CB  . LEU A 1 42  ? -7.435  -7.132  11.673  1.00 17.56 ? 42  LEU A CB  1 
ATOM   259  C  CG  . LEU A 1 42  ? -7.038  -6.950  13.142  1.00 18.31 ? 42  LEU A CG  1 
ATOM   260  C  CD1 . LEU A 1 42  ? -5.780  -6.108  13.213  1.00 17.55 ? 42  LEU A CD1 1 
ATOM   261  C  CD2 . LEU A 1 42  ? -8.159  -6.276  13.919  1.00 20.13 ? 42  LEU A CD2 1 
ATOM   262  N  N   . ARG A 1 43  ? -6.020  -10.077 12.032  1.00 18.71 ? 43  ARG A N   1 
ATOM   263  C  CA  . ARG A 1 43  ? -6.231  -11.468 12.397  1.00 17.90 ? 43  ARG A CA  1 
ATOM   264  C  C   . ARG A 1 43  ? -5.663  -11.723 13.777  1.00 17.88 ? 43  ARG A C   1 
ATOM   265  O  O   . ARG A 1 43  ? -4.452  -11.633 13.999  1.00 16.25 ? 43  ARG A O   1 
ATOM   266  C  CB  . ARG A 1 43  ? -5.582  -12.415 11.396  1.00 18.68 ? 43  ARG A CB  1 
ATOM   267  C  CG  . ARG A 1 43  ? -5.928  -13.880 11.660  1.00 21.59 ? 43  ARG A CG  1 
ATOM   268  C  CD  . ARG A 1 43  ? -5.474  -14.764 10.511  1.00 25.30 ? 43  ARG A CD  1 
ATOM   269  N  NE  . ARG A 1 43  ? -5.964  -16.139 10.611  1.00 28.45 ? 43  ARG A NE  1 
ATOM   270  C  CZ  . ARG A 1 43  ? -5.539  -17.027 11.507  1.00 29.73 ? 43  ARG A CZ  1 
ATOM   271  N  NH1 . ARG A 1 43  ? -4.609  -16.690 12.395  1.00 31.02 ? 43  ARG A NH1 1 
ATOM   272  N  NH2 . ARG A 1 43  ? -6.029  -18.260 11.505  1.00 29.30 ? 43  ARG A NH2 1 
ATOM   273  N  N   . GLU A 1 44  ? -6.557  -12.036 14.704  1.00 18.41 ? 44  GLU A N   1 
ATOM   274  C  CA  . GLU A 1 44  ? -6.180  -12.302 16.082  1.00 19.33 ? 44  GLU A CA  1 
ATOM   275  C  C   . GLU A 1 44  ? -5.372  -11.149 16.653  1.00 17.95 ? 44  GLU A C   1 
ATOM   276  O  O   . GLU A 1 44  ? -4.326  -11.350 17.279  1.00 19.49 ? 44  GLU A O   1 
ATOM   277  C  CB  . GLU A 1 44  ? -5.390  -13.606 16.166  1.00 21.30 ? 44  GLU A CB  1 
ATOM   278  C  CG  . GLU A 1 44  ? -6.084  -14.736 15.438  1.00 25.90 ? 44  GLU A CG  1 
ATOM   279  C  CD  . GLU A 1 44  ? -5.420  -16.069 15.665  1.00 27.87 ? 44  GLU A CD  1 
ATOM   280  O  OE1 . GLU A 1 44  ? -4.182  -16.146 15.539  1.00 29.89 ? 44  GLU A OE1 1 
ATOM   281  O  OE2 . GLU A 1 44  ? -6.143  -17.041 15.960  1.00 30.95 ? 44  GLU A OE2 1 
ATOM   282  N  N   . GLY A 1 45  ? -5.874  -9.939  16.418  1.00 16.01 ? 45  GLY A N   1 
ATOM   283  C  CA  . GLY A 1 45  ? -5.232  -8.744  16.924  1.00 15.07 ? 45  GLY A CA  1 
ATOM   284  C  C   . GLY A 1 45  ? -3.972  -8.297  16.211  1.00 16.68 ? 45  GLY A C   1 
ATOM   285  O  O   . GLY A 1 45  ? -3.357  -7.316  16.627  1.00 17.55 ? 45  GLY A O   1 
ATOM   286  N  N   . ARG A 1 46  ? -3.565  -9.004  15.157  1.00 16.54 ? 46  ARG A N   1 
ATOM   287  C  CA  . ARG A 1 46  ? -2.367  -8.610  14.424  1.00 14.86 ? 46  ARG A CA  1 
ATOM   288  C  C   . ARG A 1 46  ? -2.712  -8.119  13.026  1.00 13.47 ? 46  ARG A C   1 
ATOM   289  O  O   . ARG A 1 46  ? -3.590  -8.674  12.348  1.00 11.80 ? 46  ARG A O   1 
ATOM   290  C  CB  . ARG A 1 46  ? -1.384  -9.774  14.299  1.00 17.63 ? 46  ARG A CB  1 
ATOM   291  C  CG  . ARG A 1 46  ? -1.017  -10.446 15.596  1.00 20.41 ? 46  ARG A CG  1 
ATOM   292  C  CD  . ARG A 1 46  ? 0.226   -11.289 15.407  1.00 23.12 ? 46  ARG A CD  1 
ATOM   293  N  NE  . ARG A 1 46  ? 0.491   -12.119 16.572  1.00 24.82 ? 46  ARG A NE  1 
ATOM   294  C  CZ  . ARG A 1 46  ? -0.255  -13.159 16.925  1.00 26.45 ? 46  ARG A CZ  1 
ATOM   295  N  NH1 . ARG A 1 46  ? -1.312  -13.493 16.190  1.00 26.28 ? 46  ARG A NH1 1 
ATOM   296  N  NH2 . ARG A 1 46  ? 0.049   -13.856 18.017  1.00 24.62 ? 46  ARG A NH2 1 
ATOM   297  N  N   . MET A 1 47  ? -2.016  -7.074  12.595  1.00 12.43 ? 47  MET A N   1 
ATOM   298  C  CA  . MET A 1 47  ? -2.244  -6.543  11.269  1.00 13.14 ? 47  MET A CA  1 
ATOM   299  C  C   . MET A 1 47  ? -1.199  -7.149  10.344  1.00 14.29 ? 47  MET A C   1 
ATOM   300  O  O   . MET A 1 47  ? -0.065  -7.420  10.758  1.00 13.53 ? 47  MET A O   1 
ATOM   301  C  CB  . MET A 1 47  ? -2.143  -5.019  11.261  1.00 12.05 ? 47  MET A CB  1 
ATOM   302  C  CG  . MET A 1 47  ? -2.560  -4.409  9.931   1.00 11.94 ? 47  MET A CG  1 
ATOM   303  S  SD  . MET A 1 47  ? -2.919  -2.636  10.045  1.00 13.64 ? 47  MET A SD  1 
ATOM   304  C  CE  . MET A 1 47  ? -4.647  -2.652  10.457  1.00 9.64  ? 47  MET A CE  1 
ATOM   305  N  N   . LEU A 1 48  ? -1.596  -7.376  9.097   1.00 15.21 ? 48  LEU A N   1 
ATOM   306  C  CA  . LEU A 1 48  ? -0.706  -7.954  8.110   1.00 16.31 ? 48  LEU A CA  1 
ATOM   307  C  C   . LEU A 1 48  ? 0.114   -6.877  7.411   1.00 17.25 ? 48  LEU A C   1 
ATOM   308  O  O   . LEU A 1 48  ? -0.334  -6.258  6.435   1.00 18.12 ? 48  LEU A O   1 
ATOM   309  C  CB  . LEU A 1 48  ? -1.509  -8.755  7.079   1.00 17.88 ? 48  LEU A CB  1 
ATOM   310  C  CG  . LEU A 1 48  ? -0.707  -9.410  5.947   1.00 18.84 ? 48  LEU A CG  1 
ATOM   311  C  CD1 . LEU A 1 48  ? 0.350   -10.321 6.524   1.00 18.98 ? 48  LEU A CD1 1 
ATOM   312  C  CD2 . LEU A 1 48  ? -1.636  -10.194 5.038   1.00 20.05 ? 48  LEU A CD2 1 
ATOM   313  N  N   . PHE A 1 49  ? 1.314   -6.644  7.930   1.00 17.46 ? 49  PHE A N   1 
ATOM   314  C  CA  . PHE A 1 49  ? 2.222   -5.668  7.345   1.00 18.00 ? 49  PHE A CA  1 
ATOM   315  C  C   . PHE A 1 49  ? 3.177   -6.437  6.448   1.00 17.25 ? 49  PHE A C   1 
ATOM   316  O  O   . PHE A 1 49  ? 3.232   -7.663  6.507   1.00 17.94 ? 49  PHE A O   1 
ATOM   317  C  CB  . PHE A 1 49  ? 3.050   -4.957  8.419   1.00 18.49 ? 49  PHE A CB  1 
ATOM   318  C  CG  . PHE A 1 49  ? 2.243   -4.149  9.388   1.00 18.94 ? 49  PHE A CG  1 
ATOM   319  C  CD1 . PHE A 1 49  ? 1.937   -4.655  10.649  1.00 19.75 ? 49  PHE A CD1 1 
ATOM   320  C  CD2 . PHE A 1 49  ? 1.819   -2.866  9.057   1.00 19.63 ? 49  PHE A CD2 1 
ATOM   321  C  CE1 . PHE A 1 49  ? 1.218   -3.891  11.578  1.00 19.76 ? 49  PHE A CE1 1 
ATOM   322  C  CE2 . PHE A 1 49  ? 1.102   -2.090  9.970   1.00 19.79 ? 49  PHE A CE2 1 
ATOM   323  C  CZ  . PHE A 1 49  ? 0.800   -2.605  11.237  1.00 20.24 ? 49  PHE A CZ  1 
ATOM   324  N  N   . VAL A 1 50  ? 3.927   -5.719  5.624   1.00 17.14 ? 50  VAL A N   1 
ATOM   325  C  CA  . VAL A 1 50  ? 4.907   -6.341  4.740   1.00 16.95 ? 50  VAL A CA  1 
ATOM   326  C  C   . VAL A 1 50  ? 6.088   -5.403  4.595   1.00 17.45 ? 50  VAL A C   1 
ATOM   327  O  O   . VAL A 1 50  ? 5.969   -4.199  4.813   1.00 16.31 ? 50  VAL A O   1 
ATOM   328  C  CB  . VAL A 1 50  ? 4.339   -6.615  3.328   1.00 16.37 ? 50  VAL A CB  1 
ATOM   329  C  CG1 . VAL A 1 50  ? 3.299   -7.729  3.379   1.00 15.26 ? 50  VAL A CG1 1 
ATOM   330  C  CG2 . VAL A 1 50  ? 3.739   -5.338  2.764   1.00 17.51 ? 50  VAL A CG2 1 
ATOM   331  N  N   . ARG A 1 51  ? 7.232   -5.969  4.236   1.00 18.82 ? 51  ARG A N   1 
ATOM   332  C  CA  . ARG A 1 51  ? 8.440   -5.185  4.036   1.00 20.39 ? 51  ARG A CA  1 
ATOM   333  C  C   . ARG A 1 51  ? 9.248   -5.699  2.858   1.00 21.07 ? 51  ARG A C   1 
ATOM   334  O  O   . ARG A 1 51  ? 9.347   -6.906  2.624   1.00 20.82 ? 51  ARG A O   1 
ATOM   335  C  CB  . ARG A 1 51  ? 9.304   -5.182  5.297   1.00 20.81 ? 51  ARG A CB  1 
ATOM   336  C  CG  . ARG A 1 51  ? 8.745   -4.288  6.378   1.00 22.39 ? 51  ARG A CG  1 
ATOM   337  C  CD  . ARG A 1 51  ? 9.726   -4.119  7.504   1.00 23.31 ? 51  ARG A CD  1 
ATOM   338  N  NE  . ARG A 1 51  ? 10.004  -5.393  8.147   1.00 25.97 ? 51  ARG A NE  1 
ATOM   339  C  CZ  . ARG A 1 51  ? 10.518  -5.514  9.366   1.00 28.25 ? 51  ARG A CZ  1 
ATOM   340  N  NH1 . ARG A 1 51  ? 10.812  -4.426  10.076  1.00 27.59 ? 51  ARG A NH1 1 
ATOM   341  N  NH2 . ARG A 1 51  ? 10.726  -6.725  9.881   1.00 29.67 ? 51  ARG A NH2 1 
ATOM   342  N  N   . GLN A 1 52  ? 9.813   -4.763  2.109   1.00 21.64 ? 52  GLN A N   1 
ATOM   343  C  CA  . GLN A 1 52  ? 10.623  -5.091  0.953   1.00 22.22 ? 52  GLN A CA  1 
ATOM   344  C  C   . GLN A 1 52  ? 11.637  -3.971  0.850   1.00 22.49 ? 52  GLN A C   1 
ATOM   345  O  O   . GLN A 1 52  ? 11.378  -2.861  1.311   1.00 22.09 ? 52  GLN A O   1 
ATOM   346  C  CB  . GLN A 1 52  ? 9.744   -5.159  -0.297  1.00 21.51 ? 52  GLN A CB  1 
ATOM   347  C  CG  . GLN A 1 52  ? 9.146   -3.836  -0.726  1.00 23.57 ? 52  GLN A CG  1 
ATOM   348  C  CD  . GLN A 1 52  ? 7.940   -4.011  -1.637  1.00 25.16 ? 52  GLN A CD  1 
ATOM   349  O  OE1 . GLN A 1 52  ? 6.799   -4.050  -1.171  1.00 24.33 ? 52  GLN A OE1 1 
ATOM   350  N  NE2 . GLN A 1 52  ? 8.189   -4.132  -2.944  1.00 24.09 ? 52  GLN A NE2 1 
ATOM   351  N  N   . MET A 1 53  ? 12.802  -4.251  0.277   1.00 23.65 ? 53  MET A N   1 
ATOM   352  C  CA  . MET A 1 53  ? 13.796  -3.200  0.172   1.00 23.27 ? 53  MET A CA  1 
ATOM   353  C  C   . MET A 1 53  ? 13.270  -2.169  -0.788  1.00 21.49 ? 53  MET A C   1 
ATOM   354  O  O   . MET A 1 53  ? 12.719  -2.506  -1.830  1.00 19.86 ? 53  MET A O   1 
ATOM   355  C  CB  . MET A 1 53  ? 15.145  -3.730  -0.316  1.00 26.50 ? 53  MET A CB  1 
ATOM   356  C  CG  . MET A 1 53  ? 16.232  -2.654  -0.299  1.00 31.75 ? 53  MET A CG  1 
ATOM   357  S  SD  . MET A 1 53  ? 16.063  -1.459  1.104   1.00 38.05 ? 53  MET A SD  1 
ATOM   358  C  CE  . MET A 1 53  ? 16.756  -2.446  2.505   1.00 34.53 ? 53  MET A CE  1 
ATOM   359  N  N   . ARG A 1 54  ? 13.428  -0.907  -0.412  1.00 20.87 ? 54  ARG A N   1 
ATOM   360  C  CA  . ARG A 1 54  ? 12.971  0.208   -1.229  1.00 20.05 ? 54  ARG A CA  1 
ATOM   361  C  C   . ARG A 1 54  ? 14.148  1.105   -1.600  1.00 20.37 ? 54  ARG A C   1 
ATOM   362  O  O   . ARG A 1 54  ? 14.558  1.975   -0.821  1.00 21.22 ? 54  ARG A O   1 
ATOM   363  C  CB  . ARG A 1 54  ? 11.921  1.020   -0.466  1.00 17.76 ? 54  ARG A CB  1 
ATOM   364  C  CG  . ARG A 1 54  ? 10.662  0.253   -0.148  1.00 15.45 ? 54  ARG A CG  1 
ATOM   365  C  CD  . ARG A 1 54  ? 9.991   -0.236  -1.428  1.00 15.30 ? 54  ARG A CD  1 
ATOM   366  N  NE  . ARG A 1 54  ? 8.543   -0.280  -1.285  1.00 12.36 ? 54  ARG A NE  1 
ATOM   367  C  CZ  . ARG A 1 54  ? 7.705   -0.730  -2.212  1.00 13.33 ? 54  ARG A CZ  1 
ATOM   368  N  NH1 . ARG A 1 54  ? 8.170   -1.186  -3.367  1.00 10.69 ? 54  ARG A NH1 1 
ATOM   369  N  NH2 . ARG A 1 54  ? 6.397   -0.710  -1.981  1.00 12.09 ? 54  ARG A NH2 1 
ATOM   370  N  N   . PRO A 1 55  ? 14.721  0.896   -2.793  1.00 20.59 ? 55  PRO A N   1 
ATOM   371  C  CA  . PRO A 1 55  ? 15.855  1.724   -3.220  1.00 20.23 ? 55  PRO A CA  1 
ATOM   372  C  C   . PRO A 1 55  ? 15.566  3.236   -3.272  1.00 19.55 ? 55  PRO A C   1 
ATOM   373  O  O   . PRO A 1 55  ? 16.478  4.051   -3.110  1.00 20.64 ? 55  PRO A O   1 
ATOM   374  C  CB  . PRO A 1 55  ? 16.232  1.127   -4.586  1.00 19.29 ? 55  PRO A CB  1 
ATOM   375  C  CG  . PRO A 1 55  ? 14.978  0.409   -5.034  1.00 20.17 ? 55  PRO A CG  1 
ATOM   376  C  CD  . PRO A 1 55  ? 14.465  -0.189  -3.757  1.00 20.21 ? 55  PRO A CD  1 
ATOM   377  N  N   . ALA A 1 56  ? 14.310  3.613   -3.493  1.00 18.56 ? 56  ALA A N   1 
ATOM   378  C  CA  . ALA A 1 56  ? 13.963  5.028   -3.541  1.00 18.60 ? 56  ALA A CA  1 
ATOM   379  C  C   . ALA A 1 56  ? 14.171  5.697   -2.183  1.00 19.57 ? 56  ALA A C   1 
ATOM   380  O  O   . ALA A 1 56  ? 14.439  6.897   -2.122  1.00 20.20 ? 56  ALA A O   1 
ATOM   381  C  CB  . ALA A 1 56  ? 12.530  5.207   -3.989  1.00 17.01 ? 56  ALA A CB  1 
ATOM   382  N  N   . VAL A 1 57  ? 14.053  4.936   -1.091  1.00 19.74 ? 57  VAL A N   1 
ATOM   383  C  CA  . VAL A 1 57  ? 14.248  5.521   0.236   1.00 19.73 ? 57  VAL A CA  1 
ATOM   384  C  C   . VAL A 1 57  ? 15.403  4.931   1.035   1.00 20.12 ? 57  VAL A C   1 
ATOM   385  O  O   . VAL A 1 57  ? 15.651  5.350   2.165   1.00 20.28 ? 57  VAL A O   1 
ATOM   386  C  CB  . VAL A 1 57  ? 12.970  5.445   1.105   1.00 19.62 ? 57  VAL A CB  1 
ATOM   387  C  CG1 . VAL A 1 57  ? 11.848  6.221   0.444   1.00 21.58 ? 57  VAL A CG1 1 
ATOM   388  C  CG2 . VAL A 1 57  ? 12.574  4.006   1.330   1.00 20.08 ? 57  VAL A CG2 1 
ATOM   389  N  N   . GLY A 1 58  ? 16.103  3.956   0.460   1.00 20.18 ? 58  GLY A N   1 
ATOM   390  C  CA  . GLY A 1 58  ? 17.245  3.370   1.140   1.00 20.07 ? 58  GLY A CA  1 
ATOM   391  C  C   . GLY A 1 58  ? 16.955  2.514   2.362   1.00 22.82 ? 58  GLY A C   1 
ATOM   392  O  O   . GLY A 1 58  ? 17.888  2.063   3.044   1.00 22.30 ? 58  GLY A O   1 
ATOM   393  N  N   . LEU A 1 59  ? 15.677  2.295   2.663   1.00 22.92 ? 59  LEU A N   1 
ATOM   394  C  CA  . LEU A 1 59  ? 15.315  1.454   3.796   1.00 21.92 ? 59  LEU A CA  1 
ATOM   395  C  C   . LEU A 1 59  ? 14.049  0.655   3.506   1.00 21.53 ? 59  LEU A C   1 
ATOM   396  O  O   . LEU A 1 59  ? 13.488  0.753   2.416   1.00 21.90 ? 59  LEU A O   1 
ATOM   397  C  CB  . LEU A 1 59  ? 15.169  2.298   5.073   1.00 20.70 ? 59  LEU A CB  1 
ATOM   398  C  CG  . LEU A 1 59  ? 14.271  3.531   5.153   1.00 20.89 ? 59  LEU A CG  1 
ATOM   399  C  CD1 . LEU A 1 59  ? 12.809  3.115   5.221   1.00 18.61 ? 59  LEU A CD1 1 
ATOM   400  C  CD2 . LEU A 1 59  ? 14.639  4.326   6.401   1.00 17.82 ? 59  LEU A CD2 1 
ATOM   401  N  N   . ALA A 1 60  ? 13.618  -0.156  4.469   1.00 20.77 ? 60  ALA A N   1 
ATOM   402  C  CA  . ALA A 1 60  ? 12.421  -0.976  4.299   1.00 19.71 ? 60  ALA A CA  1 
ATOM   403  C  C   . ALA A 1 60  ? 11.345  -0.562  5.300   1.00 18.74 ? 60  ALA A C   1 
ATOM   404  O  O   . ALA A 1 60  ? 11.272  -1.089  6.409   1.00 17.48 ? 60  ALA A O   1 
ATOM   405  C  CB  . ALA A 1 60  ? 12.768  -2.456  4.480   1.00 18.52 ? 60  ALA A CB  1 
ATOM   406  N  N   . PRO A 1 61  ? 10.485  0.390   4.912   1.00 18.89 ? 61  PRO A N   1 
ATOM   407  C  CA  . PRO A 1 61  ? 9.422   0.855   5.807   1.00 17.85 ? 61  PRO A CA  1 
ATOM   408  C  C   . PRO A 1 61  ? 8.344   -0.199  6.058   1.00 18.03 ? 61  PRO A C   1 
ATOM   409  O  O   . PRO A 1 61  ? 8.257   -1.207  5.348   1.00 16.96 ? 61  PRO A O   1 
ATOM   410  C  CB  . PRO A 1 61  ? 8.883   2.086   5.081   1.00 17.69 ? 61  PRO A CB  1 
ATOM   411  C  CG  . PRO A 1 61  ? 9.048   1.719   3.639   1.00 18.06 ? 61  PRO A CG  1 
ATOM   412  C  CD  . PRO A 1 61  ? 10.417  1.068   3.602   1.00 18.87 ? 61  PRO A CD  1 
ATOM   413  N  N   . LEU A 1 62  ? 7.535   0.032   7.083   1.00 17.08 ? 62  LEU A N   1 
ATOM   414  C  CA  . LEU A 1 62  ? 6.454   -0.883  7.404   1.00 16.38 ? 62  LEU A CA  1 
ATOM   415  C  C   . LEU A 1 62  ? 5.294   -0.546  6.450   1.00 15.91 ? 62  LEU A C   1 
ATOM   416  O  O   . LEU A 1 62  ? 4.873   0.606   6.344   1.00 14.62 ? 62  LEU A O   1 
ATOM   417  C  CB  . LEU A 1 62  ? 6.050   -0.701  8.871   1.00 16.76 ? 62  LEU A CB  1 
ATOM   418  C  CG  . LEU A 1 62  ? 5.328   -1.854  9.584   1.00 18.01 ? 62  LEU A CG  1 
ATOM   419  C  CD1 . LEU A 1 62  ? 6.127   -3.153  9.474   1.00 15.33 ? 62  LEU A CD1 1 
ATOM   420  C  CD2 . LEU A 1 62  ? 5.137   -1.471  11.044  1.00 18.82 ? 62  LEU A CD2 1 
ATOM   421  N  N   . GLU A 1 63  ? 4.799   -1.549  5.736   1.00 16.06 ? 63  GLU A N   1 
ATOM   422  C  CA  . GLU A 1 63  ? 3.715   -1.339  4.776   1.00 16.74 ? 63  GLU A CA  1 
ATOM   423  C  C   . GLU A 1 63  ? 2.667   -2.434  4.906   1.00 16.10 ? 63  GLU A C   1 
ATOM   424  O  O   . GLU A 1 63  ? 2.773   -3.311  5.761   1.00 17.13 ? 63  GLU A O   1 
ATOM   425  C  CB  . GLU A 1 63  ? 4.269   -1.371  3.342   1.00 17.56 ? 63  GLU A CB  1 
ATOM   426  C  CG  . GLU A 1 63  ? 5.360   -0.355  3.051   1.00 19.39 ? 63  GLU A CG  1 
ATOM   427  C  CD  . GLU A 1 63  ? 5.888   -0.439  1.621   1.00 20.23 ? 63  GLU A CD  1 
ATOM   428  O  OE1 . GLU A 1 63  ? 5.066   -0.482  0.677   1.00 17.67 ? 63  GLU A OE1 1 
ATOM   429  O  OE2 . GLU A 1 63  ? 7.128   -0.451  1.444   1.00 21.31 ? 63  GLU A OE2 1 
ATOM   430  N  N   . ILE A 1 64  ? 1.645   -2.370  4.060   1.00 14.25 ? 64  ILE A N   1 
ATOM   431  C  CA  . ILE A 1 64  ? 0.617   -3.401  4.045   1.00 14.81 ? 64  ILE A CA  1 
ATOM   432  C  C   . ILE A 1 64  ? 0.549   -3.866  2.603   1.00 13.47 ? 64  ILE A C   1 
ATOM   433  O  O   . ILE A 1 64  ? 0.936   -3.135  1.697   1.00 13.57 ? 64  ILE A O   1 
ATOM   434  C  CB  . ILE A 1 64  ? -0.766  -2.879  4.504   1.00 15.07 ? 64  ILE A CB  1 
ATOM   435  C  CG1 . ILE A 1 64  ? -1.198  -1.689  3.651   1.00 14.39 ? 64  ILE A CG1 1 
ATOM   436  C  CG2 . ILE A 1 64  ? -0.712  -2.527  5.987   1.00 13.78 ? 64  ILE A CG2 1 
ATOM   437  C  CD1 . ILE A 1 64  ? -2.585  -1.166  4.008   1.00 15.83 ? 64  ILE A CD1 1 
ATOM   438  N  N   . PRO A 1 65  ? 0.067   -5.091  2.369   1.00 13.42 ? 65  PRO A N   1 
ATOM   439  C  CA  . PRO A 1 65  ? 0.004   -5.556  0.979   1.00 13.17 ? 65  PRO A CA  1 
ATOM   440  C  C   . PRO A 1 65  ? -0.506  -4.473  0.014   1.00 13.35 ? 65  PRO A C   1 
ATOM   441  O  O   . PRO A 1 65  ? -1.581  -3.897  0.221   1.00 11.72 ? 65  PRO A O   1 
ATOM   442  C  CB  . PRO A 1 65  ? -0.904  -6.783  1.078   1.00 11.52 ? 65  PRO A CB  1 
ATOM   443  C  CG  . PRO A 1 65  ? -0.530  -7.346  2.434   1.00 11.19 ? 65  PRO A CG  1 
ATOM   444  C  CD  . PRO A 1 65  ? -0.502  -6.088  3.297   1.00 12.52 ? 65  PRO A CD  1 
ATOM   445  N  N   . ALA A 1 66  ? 0.281   -4.196  -1.032  1.00 12.89 ? 66  ALA A N   1 
ATOM   446  C  CA  . ALA A 1 66  ? -0.070  -3.167  -2.013  1.00 12.71 ? 66  ALA A CA  1 
ATOM   447  C  C   . ALA A 1 66  ? 0.622   -3.357  -3.357  1.00 12.29 ? 66  ALA A C   1 
ATOM   448  O  O   . ALA A 1 66  ? 1.566   -4.135  -3.472  1.00 14.27 ? 66  ALA A O   1 
ATOM   449  C  CB  . ALA A 1 66  ? 0.271   -1.780  -1.452  1.00 11.33 ? 66  ALA A CB  1 
ATOM   450  N  N   . GLY A 1 67  ? 0.154   -2.629  -4.369  1.00 12.66 ? 67  GLY A N   1 
ATOM   451  C  CA  . GLY A 1 67  ? 0.746   -2.725  -5.691  1.00 13.41 ? 67  GLY A CA  1 
ATOM   452  C  C   . GLY A 1 67  ? 0.065   -1.871  -6.749  1.00 14.74 ? 67  GLY A C   1 
ATOM   453  O  O   . GLY A 1 67  ? -0.925  -1.190  -6.488  1.00 15.31 ? 67  GLY A O   1 
ATOM   454  N  N   . LEU A 1 68  ? 0.604   -1.907  -7.958  1.00 15.53 ? 68  LEU A N   1 
ATOM   455  C  CA  . LEU A 1 68  ? 0.049   -1.152  -9.068  1.00 15.78 ? 68  LEU A CA  1 
ATOM   456  C  C   . LEU A 1 68  ? -1.065  -1.933  -9.763  1.00 16.51 ? 68  LEU A C   1 
ATOM   457  O  O   . LEU A 1 68  ? -0.975  -3.151  -9.931  1.00 16.54 ? 68  LEU A O   1 
ATOM   458  C  CB  . LEU A 1 68  ? 1.150   -0.847  -10.086 1.00 16.15 ? 68  LEU A CB  1 
ATOM   459  C  CG  . LEU A 1 68  ? 1.924   0.473   -10.012 1.00 16.85 ? 68  LEU A CG  1 
ATOM   460  C  CD1 . LEU A 1 68  ? 2.171   0.888   -8.574  1.00 15.82 ? 68  LEU A CD1 1 
ATOM   461  C  CD2 . LEU A 1 68  ? 3.234   0.304   -10.765 1.00 14.87 ? 68  LEU A CD2 1 
ATOM   462  N  N   . ILE A 1 69  ? -2.118  -1.224  -10.162 1.00 15.92 ? 69  ILE A N   1 
ATOM   463  C  CA  . ILE A 1 69  ? -3.231  -1.843  -10.868 1.00 14.19 ? 69  ILE A CA  1 
ATOM   464  C  C   . ILE A 1 69  ? -2.750  -2.112  -12.287 1.00 15.49 ? 69  ILE A C   1 
ATOM   465  O  O   . ILE A 1 69  ? -2.342  -1.190  -12.989 1.00 15.61 ? 69  ILE A O   1 
ATOM   466  C  CB  . ILE A 1 69  ? -4.439  -0.902  -10.947 1.00 12.49 ? 69  ILE A CB  1 
ATOM   467  C  CG1 . ILE A 1 69  ? -4.882  -0.512  -9.538  1.00 12.39 ? 69  ILE A CG1 1 
ATOM   468  C  CG2 . ILE A 1 69  ? -5.559  -1.564  -11.720 1.00 8.77  ? 69  ILE A CG2 1 
ATOM   469  C  CD1 . ILE A 1 69  ? -6.028  0.473   -9.508  1.00 14.45 ? 69  ILE A CD1 1 
ATOM   470  N  N   . GLU A 1 70  ? -2.791  -3.375  -12.696 1.00 16.50 ? 70  GLU A N   1 
ATOM   471  C  CA  . GLU A 1 70  ? -2.360  -3.785  -14.028 1.00 17.52 ? 70  GLU A CA  1 
ATOM   472  C  C   . GLU A 1 70  ? -3.413  -3.450  -15.077 1.00 17.25 ? 70  GLU A C   1 
ATOM   473  O  O   . GLU A 1 70  ? -4.575  -3.191  -14.748 1.00 17.58 ? 70  GLU A O   1 
ATOM   474  C  CB  . GLU A 1 70  ? -2.115  -5.290  -14.041 1.00 20.51 ? 70  GLU A CB  1 
ATOM   475  C  CG  . GLU A 1 70  ? -1.100  -5.728  -13.019 1.00 25.09 ? 70  GLU A CG  1 
ATOM   476  C  CD  . GLU A 1 70  ? 0.270   -5.196  -13.344 1.00 28.62 ? 70  GLU A CD  1 
ATOM   477  O  OE1 . GLU A 1 70  ? 0.924   -5.768  -14.244 1.00 31.45 ? 70  GLU A OE1 1 
ATOM   478  O  OE2 . GLU A 1 70  ? 0.682   -4.200  -12.716 1.00 29.66 ? 70  GLU A OE2 1 
ATOM   479  N  N   . PRO A 1 71  ? -3.018  -3.439  -16.359 1.00 16.79 ? 71  PRO A N   1 
ATOM   480  C  CA  . PRO A 1 71  ? -4.010  -3.128  -17.386 1.00 16.35 ? 71  PRO A CA  1 
ATOM   481  C  C   . PRO A 1 71  ? -5.166  -4.116  -17.369 1.00 16.73 ? 71  PRO A C   1 
ATOM   482  O  O   . PRO A 1 71  ? -4.972  -5.301  -17.102 1.00 16.88 ? 71  PRO A O   1 
ATOM   483  C  CB  . PRO A 1 71  ? -3.198  -3.175  -18.686 1.00 15.72 ? 71  PRO A CB  1 
ATOM   484  C  CG  . PRO A 1 71  ? -1.957  -3.946  -18.332 1.00 16.36 ? 71  PRO A CG  1 
ATOM   485  C  CD  . PRO A 1 71  ? -1.665  -3.504  -16.936 1.00 16.62 ? 71  PRO A CD  1 
ATOM   486  N  N   . GLY A 1 72  ? -6.373  -3.612  -17.634 1.00 18.23 ? 72  GLY A N   1 
ATOM   487  C  CA  . GLY A 1 72  ? -7.561  -4.459  -17.664 1.00 18.94 ? 72  GLY A CA  1 
ATOM   488  C  C   . GLY A 1 72  ? -8.025  -4.943  -16.305 1.00 18.18 ? 72  GLY A C   1 
ATOM   489  O  O   . GLY A 1 72  ? -8.970  -5.706  -16.188 1.00 19.64 ? 72  GLY A O   1 
ATOM   490  N  N   . GLU A 1 73  ? -7.367  -4.471  -15.265 1.00 18.53 ? 73  GLU A N   1 
ATOM   491  C  CA  . GLU A 1 73  ? -7.691  -4.879  -13.911 1.00 18.81 ? 73  GLU A CA  1 
ATOM   492  C  C   . GLU A 1 73  ? -8.301  -3.707  -13.126 1.00 17.98 ? 73  GLU A C   1 
ATOM   493  O  O   . GLU A 1 73  ? -7.900  -2.556  -13.308 1.00 17.78 ? 73  GLU A O   1 
ATOM   494  C  CB  . GLU A 1 73  ? -6.389  -5.369  -13.283 1.00 19.48 ? 73  GLU A CB  1 
ATOM   495  C  CG  . GLU A 1 73  ? -6.413  -5.782  -11.852 1.00 21.07 ? 73  GLU A CG  1 
ATOM   496  C  CD  . GLU A 1 73  ? -5.026  -6.195  -11.411 1.00 23.29 ? 73  GLU A CD  1 
ATOM   497  O  OE1 . GLU A 1 73  ? -4.762  -7.411  -11.297 1.00 25.87 ? 73  GLU A OE1 1 
ATOM   498  O  OE2 . GLU A 1 73  ? -4.184  -5.298  -11.204 1.00 24.49 ? 73  GLU A OE2 1 
ATOM   499  N  N   . ASP A 1 74  ? -9.298  -3.982  -12.288 1.00 16.45 ? 74  ASP A N   1 
ATOM   500  C  CA  . ASP A 1 74  ? -9.885  -2.911  -11.496 1.00 16.53 ? 74  ASP A CA  1 
ATOM   501  C  C   . ASP A 1 74  ? -9.345  -3.013  -10.068 1.00 15.92 ? 74  ASP A C   1 
ATOM   502  O  O   . ASP A 1 74  ? -8.739  -4.024  -9.692  1.00 14.31 ? 74  ASP A O   1 
ATOM   503  C  CB  . ASP A 1 74  ? -11.423 -2.953  -11.527 1.00 16.47 ? 74  ASP A CB  1 
ATOM   504  C  CG  . ASP A 1 74  ? -12.001 -4.108  -10.756 1.00 17.96 ? 74  ASP A CG  1 
ATOM   505  O  OD1 . ASP A 1 74  ? -11.302 -4.656  -9.879  1.00 19.38 ? 74  ASP A OD1 1 
ATOM   506  O  OD2 . ASP A 1 74  ? -13.179 -4.454  -11.015 1.00 18.73 ? 74  ASP A OD2 1 
ATOM   507  N  N   . PRO A 1 75  ? -9.547  -1.963  -9.257  1.00 16.16 ? 75  PRO A N   1 
ATOM   508  C  CA  . PRO A 1 75  ? -9.072  -1.921  -7.865  1.00 16.73 ? 75  PRO A CA  1 
ATOM   509  C  C   . PRO A 1 75  ? -9.233  -3.216  -7.065  1.00 17.12 ? 75  PRO A C   1 
ATOM   510  O  O   . PRO A 1 75  ? -8.266  -3.754  -6.514  1.00 17.38 ? 75  PRO A O   1 
ATOM   511  C  CB  . PRO A 1 75  ? -9.870  -0.764  -7.271  1.00 15.00 ? 75  PRO A CB  1 
ATOM   512  C  CG  . PRO A 1 75  ? -9.979  0.177   -8.442  1.00 15.95 ? 75  PRO A CG  1 
ATOM   513  C  CD  . PRO A 1 75  ? -10.326 -0.751  -9.582  1.00 14.87 ? 75  PRO A CD  1 
ATOM   514  N  N   . LEU A 1 76  ? -10.463 -3.709  -7.005  1.00 17.17 ? 76  LEU A N   1 
ATOM   515  C  CA  . LEU A 1 76  ? -10.759 -4.919  -6.265  1.00 17.64 ? 76  LEU A CA  1 
ATOM   516  C  C   . LEU A 1 76  ? -9.880  -6.051  -6.763  1.00 17.83 ? 76  LEU A C   1 
ATOM   517  O  O   . LEU A 1 76  ? -9.166  -6.682  -5.981  1.00 18.83 ? 76  LEU A O   1 
ATOM   518  C  CB  . LEU A 1 76  ? -12.237 -5.286  -6.426  1.00 18.41 ? 76  LEU A CB  1 
ATOM   519  C  CG  . LEU A 1 76  ? -12.751 -6.478  -5.614  1.00 19.88 ? 76  LEU A CG  1 
ATOM   520  C  CD1 . LEU A 1 76  ? -12.441 -6.283  -4.136  1.00 19.87 ? 76  LEU A CD1 1 
ATOM   521  C  CD2 . LEU A 1 76  ? -14.243 -6.617  -5.822  1.00 18.76 ? 76  LEU A CD2 1 
ATOM   522  N  N   . GLU A 1 77  ? -9.923  -6.297  -8.070  1.00 16.16 ? 77  GLU A N   1 
ATOM   523  C  CA  . GLU A 1 77  ? -9.131  -7.363  -8.661  1.00 14.27 ? 77  GLU A CA  1 
ATOM   524  C  C   . GLU A 1 77  ? -7.653  -7.196  -8.310  1.00 13.86 ? 77  GLU A C   1 
ATOM   525  O  O   . GLU A 1 77  ? -6.998  -8.152  -7.875  1.00 11.98 ? 77  GLU A O   1 
ATOM   526  C  CB  . GLU A 1 77  ? -9.376  -7.392  -10.169 1.00 12.97 ? 77  GLU A CB  1 
ATOM   527  C  CG  . GLU A 1 77  ? -10.808 -7.791  -10.449 1.00 12.80 ? 77  GLU A CG  1 
ATOM   528  C  CD  . GLU A 1 77  ? -11.295 -7.424  -11.829 1.00 15.43 ? 77  GLU A CD  1 
ATOM   529  O  OE1 . GLU A 1 77  ? -10.744 -6.466  -12.422 1.00 16.66 ? 77  GLU A OE1 1 
ATOM   530  O  OE2 . GLU A 1 77  ? -12.254 -8.081  -12.304 1.00 16.42 ? 77  GLU A OE2 1 
ATOM   531  N  N   . ALA A 1 78  ? -7.144  -5.978  -8.478  1.00 13.38 ? 78  ALA A N   1 
ATOM   532  C  CA  . ALA A 1 78  ? -5.758  -5.672  -8.143  1.00 12.47 ? 78  ALA A CA  1 
ATOM   533  C  C   . ALA A 1 78  ? -5.519  -6.010  -6.670  1.00 12.01 ? 78  ALA A C   1 
ATOM   534  O  O   . ALA A 1 78  ? -4.513  -6.626  -6.316  1.00 11.76 ? 78  ALA A O   1 
ATOM   535  C  CB  . ALA A 1 78  ? -5.475  -4.195  -8.384  1.00 11.21 ? 78  ALA A CB  1 
ATOM   536  N  N   . ALA A 1 79  ? -6.453  -5.607  -5.815  1.00 11.78 ? 79  ALA A N   1 
ATOM   537  C  CA  . ALA A 1 79  ? -6.334  -5.867  -4.383  1.00 11.97 ? 79  ALA A CA  1 
ATOM   538  C  C   . ALA A 1 79  ? -6.170  -7.360  -4.123  1.00 12.76 ? 79  ALA A C   1 
ATOM   539  O  O   . ALA A 1 79  ? -5.294  -7.779  -3.371  1.00 13.84 ? 79  ALA A O   1 
ATOM   540  C  CB  . ALA A 1 79  ? -7.568  -5.332  -3.653  1.00 10.03 ? 79  ALA A CB  1 
ATOM   541  N  N   . ARG A 1 80  ? -7.021  -8.161  -4.759  1.00 13.99 ? 80  ARG A N   1 
ATOM   542  C  CA  . ARG A 1 80  ? -6.990  -9.609  -4.607  1.00 14.45 ? 80  ARG A CA  1 
ATOM   543  C  C   . ARG A 1 80  ? -5.633  -10.189 -5.024  1.00 13.72 ? 80  ARG A C   1 
ATOM   544  O  O   . ARG A 1 80  ? -5.046  -11.006 -4.311  1.00 13.66 ? 80  ARG A O   1 
ATOM   545  C  CB  . ARG A 1 80  ? -8.101  -10.238 -5.456  1.00 16.24 ? 80  ARG A CB  1 
ATOM   546  C  CG  . ARG A 1 80  ? -8.020  -11.762 -5.567  1.00 19.17 ? 80  ARG A CG  1 
ATOM   547  C  CD  . ARG A 1 80  ? -8.641  -12.263 -6.863  1.00 22.88 ? 80  ARG A CD  1 
ATOM   548  N  NE  . ARG A 1 80  ? -7.873  -11.844 -8.038  1.00 25.40 ? 80  ARG A NE  1 
ATOM   549  C  CZ  . ARG A 1 80  ? -6.718  -12.385 -8.414  1.00 27.86 ? 80  ARG A CZ  1 
ATOM   550  N  NH1 . ARG A 1 80  ? -6.183  -13.381 -7.711  1.00 28.23 ? 80  ARG A NH1 1 
ATOM   551  N  NH2 . ARG A 1 80  ? -6.093  -11.923 -9.492  1.00 29.82 ? 80  ARG A NH2 1 
ATOM   552  N  N   . ARG A 1 81  ? -5.146  -9.762  -6.186  1.00 12.52 ? 81  ARG A N   1 
ATOM   553  C  CA  . ARG A 1 81  ? -3.875  -10.238 -6.716  1.00 12.59 ? 81  ARG A CA  1 
ATOM   554  C  C   . ARG A 1 81  ? -2.710  -9.910  -5.796  1.00 14.37 ? 81  ARG A C   1 
ATOM   555  O  O   . ARG A 1 81  ? -1.874  -10.772 -5.501  1.00 15.83 ? 81  ARG A O   1 
ATOM   556  C  CB  . ARG A 1 81  ? -3.630  -9.632  -8.094  1.00 10.47 ? 81  ARG A CB  1 
ATOM   557  C  CG  . ARG A 1 81  ? -2.350  -10.089 -8.764  1.00 10.65 ? 81  ARG A CG  1 
ATOM   558  C  CD  . ARG A 1 81  ? -2.280  -9.545  -10.191 1.00 9.60  ? 81  ARG A CD  1 
ATOM   559  N  NE  . ARG A 1 81  ? -2.502  -8.105  -10.201 1.00 8.96  ? 81  ARG A NE  1 
ATOM   560  C  CZ  . ARG A 1 81  ? -1.660  -7.214  -9.687  1.00 9.71  ? 81  ARG A CZ  1 
ATOM   561  N  NH1 . ARG A 1 81  ? -0.523  -7.612  -9.128  1.00 7.18  ? 81  ARG A NH1 1 
ATOM   562  N  NH2 . ARG A 1 81  ? -1.974  -5.924  -9.702  1.00 9.33  ? 81  ARG A NH2 1 
ATOM   563  N  N   . GLU A 1 82  ? -2.652  -8.665  -5.330  1.00 13.69 ? 82  GLU A N   1 
ATOM   564  C  CA  . GLU A 1 82  ? -1.568  -8.253  -4.452  1.00 14.11 ? 82  GLU A CA  1 
ATOM   565  C  C   . GLU A 1 82  ? -1.521  -9.041  -3.148  1.00 13.74 ? 82  GLU A C   1 
ATOM   566  O  O   . GLU A 1 82  ? -0.456  -9.460  -2.699  1.00 12.32 ? 82  GLU A O   1 
ATOM   567  C  CB  . GLU A 1 82  ? -1.671  -6.757  -4.163  1.00 15.24 ? 82  GLU A CB  1 
ATOM   568  C  CG  . GLU A 1 82  ? -1.323  -5.890  -5.366  1.00 16.01 ? 82  GLU A CG  1 
ATOM   569  C  CD  . GLU A 1 82  ? 0.073   -6.165  -5.891  1.00 19.93 ? 82  GLU A CD  1 
ATOM   570  O  OE1 . GLU A 1 82  ? 0.435   -5.620  -6.960  1.00 22.04 ? 82  GLU A OE1 1 
ATOM   571  O  OE2 . GLU A 1 82  ? 0.814   -6.928  -5.233  1.00 20.59 ? 82  GLU A OE2 1 
ATOM   572  N  N   . LEU A 1 83  ? -2.681  -9.247  -2.541  1.00 14.21 ? 83  LEU A N   1 
ATOM   573  C  CA  . LEU A 1 83  ? -2.740  -9.986  -1.296  1.00 13.17 ? 83  LEU A CA  1 
ATOM   574  C  C   . LEU A 1 83  ? -2.187  -11.385 -1.536  1.00 14.42 ? 83  LEU A C   1 
ATOM   575  O  O   . LEU A 1 83  ? -1.375  -11.891 -0.761  1.00 14.51 ? 83  LEU A O   1 
ATOM   576  C  CB  . LEU A 1 83  ? -4.183  -10.081 -0.809  1.00 11.37 ? 83  LEU A CB  1 
ATOM   577  C  CG  . LEU A 1 83  ? -4.349  -10.814 0.524   1.00 12.39 ? 83  LEU A CG  1 
ATOM   578  C  CD1 . LEU A 1 83  ? -3.778  -9.948  1.666   1.00 9.74  ? 83  LEU A CD1 1 
ATOM   579  C  CD2 . LEU A 1 83  ? -5.825  -11.121 0.754   1.00 11.03 ? 83  LEU A CD2 1 
ATOM   580  N  N   . ALA A 1 84  ? -2.622  -12.001 -2.628  1.00 14.95 ? 84  ALA A N   1 
ATOM   581  C  CA  . ALA A 1 84  ? -2.183  -13.349 -2.966  1.00 16.13 ? 84  ALA A CA  1 
ATOM   582  C  C   . ALA A 1 84  ? -0.703  -13.428 -3.351  1.00 16.32 ? 84  ALA A C   1 
ATOM   583  O  O   . ALA A 1 84  ? 0.012   -14.303 -2.867  1.00 15.81 ? 84  ALA A O   1 
ATOM   584  C  CB  . ALA A 1 84  ? -3.055  -13.919 -4.095  1.00 13.63 ? 84  ALA A CB  1 
ATOM   585  N  N   . GLU A 1 85  ? -0.236  -12.520 -4.207  1.00 15.36 ? 85  GLU A N   1 
ATOM   586  C  CA  . GLU A 1 85  ? 1.160   -12.565 -4.620  1.00 16.14 ? 85  GLU A CA  1 
ATOM   587  C  C   . GLU A 1 85  ? 2.140   -12.181 -3.522  1.00 16.19 ? 85  GLU A C   1 
ATOM   588  O  O   . GLU A 1 85  ? 3.257   -12.687 -3.484  1.00 16.46 ? 85  GLU A O   1 
ATOM   589  C  CB  . GLU A 1 85  ? 1.402   -11.669 -5.838  1.00 16.85 ? 85  GLU A CB  1 
ATOM   590  C  CG  . GLU A 1 85  ? 0.497   -11.974 -7.008  1.00 16.85 ? 85  GLU A CG  1 
ATOM   591  C  CD  . GLU A 1 85  ? 0.946   -11.302 -8.285  1.00 19.16 ? 85  GLU A CD  1 
ATOM   592  O  OE1 . GLU A 1 85  ? 1.379   -10.120 -8.225  1.00 18.94 ? 85  GLU A OE1 1 
ATOM   593  O  OE2 . GLU A 1 85  ? 0.849   -11.956 -9.352  1.00 17.65 ? 85  GLU A OE2 1 
ATOM   594  N  N   . GLU A 1 86  ? 1.735   -11.293 -2.622  1.00 15.82 ? 86  GLU A N   1 
ATOM   595  C  CA  . GLU A 1 86  ? 2.645   -10.877 -1.563  1.00 14.97 ? 86  GLU A CA  1 
ATOM   596  C  C   . GLU A 1 86  ? 2.541   -11.673 -0.263  1.00 14.20 ? 86  GLU A C   1 
ATOM   597  O  O   . GLU A 1 86  ? 3.515   -11.760 0.479   1.00 13.77 ? 86  GLU A O   1 
ATOM   598  C  CB  . GLU A 1 86  ? 2.471   -9.380  -1.271  1.00 14.88 ? 86  GLU A CB  1 
ATOM   599  C  CG  . GLU A 1 86  ? 2.673   -8.478  -2.489  1.00 15.73 ? 86  GLU A CG  1 
ATOM   600  C  CD  . GLU A 1 86  ? 2.777   -7.003  -2.122  1.00 18.01 ? 86  GLU A CD  1 
ATOM   601  O  OE1 . GLU A 1 86  ? 2.190   -6.603  -1.091  1.00 19.52 ? 86  GLU A OE1 1 
ATOM   602  O  OE2 . GLU A 1 86  ? 3.432   -6.238  -2.867  1.00 17.90 ? 86  GLU A OE2 1 
ATOM   603  N  N   . THR A 1 87  ? 1.379   -12.259 0.016   1.00 14.75 ? 87  THR A N   1 
ATOM   604  C  CA  . THR A 1 87  ? 1.211   -13.019 1.253   1.00 15.72 ? 87  THR A CA  1 
ATOM   605  C  C   . THR A 1 87  ? 0.598   -14.403 1.056   1.00 16.92 ? 87  THR A C   1 
ATOM   606  O  O   . THR A 1 87  ? 0.487   -15.174 2.008   1.00 18.33 ? 87  THR A O   1 
ATOM   607  C  CB  . THR A 1 87  ? 0.342   -12.254 2.279   1.00 15.31 ? 87  THR A CB  1 
ATOM   608  O  OG1 . THR A 1 87  ? -1.015  -12.218 1.826   1.00 16.25 ? 87  THR A OG1 1 
ATOM   609  C  CG2 . THR A 1 87  ? 0.846   -10.836 2.453   1.00 13.88 ? 87  THR A CG2 1 
ATOM   610  N  N   . GLY A 1 88  ? 0.196   -14.717 -0.168  1.00 17.81 ? 88  GLY A N   1 
ATOM   611  C  CA  . GLY A 1 88  ? -0.380  -16.025 -0.431  1.00 19.14 ? 88  GLY A CA  1 
ATOM   612  C  C   . GLY A 1 88  ? -1.732  -16.281 0.215   1.00 20.51 ? 88  GLY A C   1 
ATOM   613  O  O   . GLY A 1 88  ? -2.141  -17.437 0.365   1.00 21.28 ? 88  GLY A O   1 
ATOM   614  N  N   . LEU A 1 89  ? -2.430  -15.210 0.584   1.00 19.98 ? 89  LEU A N   1 
ATOM   615  C  CA  . LEU A 1 89  ? -3.740  -15.321 1.217   1.00 20.28 ? 89  LEU A CA  1 
ATOM   616  C  C   . LEU A 1 89  ? -4.839  -14.699 0.370   1.00 20.88 ? 89  LEU A C   1 
ATOM   617  O  O   . LEU A 1 89  ? -4.587  -13.839 -0.471  1.00 21.91 ? 89  LEU A O   1 
ATOM   618  C  CB  . LEU A 1 89  ? -3.747  -14.613 2.569   1.00 19.84 ? 89  LEU A CB  1 
ATOM   619  C  CG  . LEU A 1 89  ? -2.582  -14.871 3.513   1.00 20.12 ? 89  LEU A CG  1 
ATOM   620  C  CD1 . LEU A 1 89  ? -2.762  -13.999 4.744   1.00 18.72 ? 89  LEU A CD1 1 
ATOM   621  C  CD2 . LEU A 1 89  ? -2.512  -16.351 3.877   1.00 17.93 ? 89  LEU A CD2 1 
ATOM   622  N  N   . SER A 1 90  ? -6.066  -15.139 0.614   1.00 20.72 ? 90  SER A N   1 
ATOM   623  C  CA  . SER A 1 90  ? -7.222  -14.599 -0.085  1.00 21.94 ? 90  SER A CA  1 
ATOM   624  C  C   . SER A 1 90  ? -8.256  -14.388 1.010   1.00 21.52 ? 90  SER A C   1 
ATOM   625  O  O   . SER A 1 90  ? -8.173  -15.017 2.063   1.00 21.38 ? 90  SER A O   1 
ATOM   626  C  CB  . SER A 1 90  ? -7.755  -15.585 -1.131  1.00 20.76 ? 90  SER A CB  1 
ATOM   627  O  OG  . SER A 1 90  ? -8.481  -16.631 -0.520  1.00 22.52 ? 90  SER A OG  1 
ATOM   628  N  N   . GLY A 1 91  ? -9.215  -13.501 0.776   1.00 21.19 ? 91  GLY A N   1 
ATOM   629  C  CA  . GLY A 1 91  ? -10.232 -13.253 1.783   1.00 21.56 ? 91  GLY A CA  1 
ATOM   630  C  C   . GLY A 1 91  ? -11.385 -12.448 1.228   1.00 20.93 ? 91  GLY A C   1 
ATOM   631  O  O   . GLY A 1 91  ? -11.492 -12.250 0.020   1.00 21.46 ? 91  GLY A O   1 
ATOM   632  N  N   . ASP A 1 92  ? -12.264 -11.985 2.100   1.00 20.97 ? 92  ASP A N   1 
ATOM   633  C  CA  . ASP A 1 92  ? -13.389 -11.190 1.646   1.00 22.44 ? 92  ASP A CA  1 
ATOM   634  C  C   . ASP A 1 92  ? -12.964 -9.736  1.720   1.00 22.12 ? 92  ASP A C   1 
ATOM   635  O  O   . ASP A 1 92  ? -12.676 -9.218  2.795   1.00 23.40 ? 92  ASP A O   1 
ATOM   636  C  CB  . ASP A 1 92  ? -14.614 -11.477 2.518   1.00 24.01 ? 92  ASP A CB  1 
ATOM   637  C  CG  . ASP A 1 92  ? -15.067 -12.937 2.414   1.00 26.40 ? 92  ASP A CG  1 
ATOM   638  O  OD1 . ASP A 1 92  ? -15.414 -13.386 1.295   1.00 24.69 ? 92  ASP A OD1 1 
ATOM   639  O  OD2 . ASP A 1 92  ? -15.060 -13.641 3.449   1.00 27.10 ? 92  ASP A OD2 1 
ATOM   640  N  N   . LEU A 1 93  ? -12.898 -9.086  0.563   1.00 22.63 ? 93  LEU A N   1 
ATOM   641  C  CA  . LEU A 1 93  ? -12.462 -7.695  0.495   1.00 21.70 ? 93  LEU A CA  1 
ATOM   642  C  C   . LEU A 1 93  ? -13.596 -6.694  0.377   1.00 20.81 ? 93  LEU A C   1 
ATOM   643  O  O   . LEU A 1 93  ? -14.567 -6.914  -0.350  1.00 19.55 ? 93  LEU A O   1 
ATOM   644  C  CB  . LEU A 1 93  ? -11.514 -7.510  -0.689  1.00 22.29 ? 93  LEU A CB  1 
ATOM   645  C  CG  . LEU A 1 93  ? -10.322 -8.468  -0.718  1.00 23.07 ? 93  LEU A CG  1 
ATOM   646  C  CD1 . LEU A 1 93  ? -9.591  -8.297  -2.034  1.00 26.08 ? 93  LEU A CD1 1 
ATOM   647  C  CD2 . LEU A 1 93  ? -9.392  -8.201  0.449   1.00 22.23 ? 93  LEU A CD2 1 
ATOM   648  N  N   . THR A 1 94  ? -13.454 -5.582  1.093   1.00 20.10 ? 94  THR A N   1 
ATOM   649  C  CA  . THR A 1 94  ? -14.453 -4.524  1.079   1.00 18.06 ? 94  THR A CA  1 
ATOM   650  C  C   . THR A 1 94  ? -13.745 -3.208  0.777   1.00 15.88 ? 94  THR A C   1 
ATOM   651  O  O   . THR A 1 94  ? -12.701 -2.916  1.354   1.00 15.91 ? 94  THR A O   1 
ATOM   652  C  CB  . THR A 1 94  ? -15.170 -4.422  2.448   1.00 19.69 ? 94  THR A CB  1 
ATOM   653  O  OG1 . THR A 1 94  ? -15.559 -5.732  2.878   1.00 21.34 ? 94  THR A OG1 1 
ATOM   654  C  CG2 . THR A 1 94  ? -16.421 -3.561  2.341   1.00 18.04 ? 94  THR A CG2 1 
ATOM   655  N  N   . TYR A 1 95  ? -14.305 -2.425  -0.136  1.00 14.40 ? 95  TYR A N   1 
ATOM   656  C  CA  . TYR A 1 95  ? -13.708 -1.144  -0.485  1.00 15.41 ? 95  TYR A CA  1 
ATOM   657  C  C   . TYR A 1 95  ? -13.905 -0.141  0.643   1.00 14.68 ? 95  TYR A C   1 
ATOM   658  O  O   . TYR A 1 95  ? -15.030 0.138   1.026   1.00 14.63 ? 95  TYR A O   1 
ATOM   659  C  CB  . TYR A 1 95  ? -14.329 -0.581  -1.764  1.00 14.26 ? 95  TYR A CB  1 
ATOM   660  C  CG  . TYR A 1 95  ? -13.723 0.749   -2.139  1.00 15.75 ? 95  TYR A CG  1 
ATOM   661  C  CD1 . TYR A 1 95  ? -12.350 0.863   -2.351  1.00 15.20 ? 95  TYR A CD1 1 
ATOM   662  C  CD2 . TYR A 1 95  ? -14.506 1.903   -2.227  1.00 14.62 ? 95  TYR A CD2 1 
ATOM   663  C  CE1 . TYR A 1 95  ? -11.770 2.087   -2.634  1.00 17.68 ? 95  TYR A CE1 1 
ATOM   664  C  CE2 . TYR A 1 95  ? -13.933 3.137   -2.512  1.00 15.51 ? 95  TYR A CE2 1 
ATOM   665  C  CZ  . TYR A 1 95  ? -12.562 3.221   -2.711  1.00 17.59 ? 95  TYR A CZ  1 
ATOM   666  O  OH  . TYR A 1 95  ? -11.961 4.439   -2.962  1.00 20.86 ? 95  TYR A OH  1 
ATOM   667  N  N   . LEU A 1 96  ? -12.818 0.411   1.163   1.00 14.27 ? 96  LEU A N   1 
ATOM   668  C  CA  . LEU A 1 96  ? -12.928 1.374   2.257   1.00 14.25 ? 96  LEU A CA  1 
ATOM   669  C  C   . LEU A 1 96  ? -12.922 2.830   1.794   1.00 14.68 ? 96  LEU A C   1 
ATOM   670  O  O   . LEU A 1 96  ? -13.883 3.576   2.014   1.00 14.96 ? 96  LEU A O   1 
ATOM   671  C  CB  . LEU A 1 96  ? -11.792 1.166   3.268   1.00 12.42 ? 96  LEU A CB  1 
ATOM   672  C  CG  . LEU A 1 96  ? -11.834 -0.121  4.094   1.00 12.56 ? 96  LEU A CG  1 
ATOM   673  C  CD1 . LEU A 1 96  ? -10.601 -0.218  4.992   1.00 11.72 ? 96  LEU A CD1 1 
ATOM   674  C  CD2 . LEU A 1 96  ? -13.090 -0.137  4.928   1.00 8.90  ? 96  LEU A CD2 1 
ATOM   675  N  N   . PHE A 1 97  ? -11.837 3.232   1.149   1.00 13.25 ? 97  PHE A N   1 
ATOM   676  C  CA  . PHE A 1 97  ? -11.705 4.598   0.678   1.00 12.27 ? 97  PHE A CA  1 
ATOM   677  C  C   . PHE A 1 97  ? -10.454 4.687   -0.180  1.00 12.01 ? 97  PHE A C   1 
ATOM   678  O  O   . PHE A 1 97  ? -9.783  3.679   -0.408  1.00 11.69 ? 97  PHE A O   1 
ATOM   679  C  CB  . PHE A 1 97  ? -11.600 5.539   1.882   1.00 13.14 ? 97  PHE A CB  1 
ATOM   680  C  CG  . PHE A 1 97  ? -10.807 4.964   3.035   1.00 12.07 ? 97  PHE A CG  1 
ATOM   681  C  CD1 . PHE A 1 97  ? -11.392 4.808   4.292   1.00 10.78 ? 97  PHE A CD1 1 
ATOM   682  C  CD2 . PHE A 1 97  ? -9.483  4.555   2.859   1.00 10.12 ? 97  PHE A CD2 1 
ATOM   683  C  CE1 . PHE A 1 97  ? -10.675 4.251   5.357   1.00 8.80  ? 97  PHE A CE1 1 
ATOM   684  C  CE2 . PHE A 1 97  ? -8.760  3.996   3.919   1.00 10.02 ? 97  PHE A CE2 1 
ATOM   685  C  CZ  . PHE A 1 97  ? -9.358  3.843   5.168   1.00 9.53  ? 97  PHE A CZ  1 
ATOM   686  N  N   . SER A 1 98  ? -10.133 5.890   -0.641  1.00 10.27 ? 98  SER A N   1 
ATOM   687  C  CA  . SER A 1 98  ? -8.959  6.083   -1.475  1.00 10.69 ? 98  SER A CA  1 
ATOM   688  C  C   . SER A 1 98  ? -8.331  7.451   -1.210  1.00 10.25 ? 98  SER A C   1 
ATOM   689  O  O   . SER A 1 98  ? -8.949  8.308   -0.577  1.00 9.26  ? 98  SER A O   1 
ATOM   690  C  CB  . SER A 1 98  ? -9.356  5.970   -2.943  1.00 11.26 ? 98  SER A CB  1 
ATOM   691  O  OG  . SER A 1 98  ? -10.336 6.946   -3.261  1.00 13.91 ? 98  SER A OG  1 
ATOM   692  N  N   . TYR A 1 99  ? -7.105  7.651   -1.690  1.00 9.82  ? 99  TYR A N   1 
ATOM   693  C  CA  . TYR A 1 99  ? -6.402  8.923   -1.508  1.00 9.91  ? 99  TYR A CA  1 
ATOM   694  C  C   . TYR A 1 99  ? -5.284  9.106   -2.528  1.00 10.21 ? 99  TYR A C   1 
ATOM   695  O  O   . TYR A 1 99  ? -4.767  8.138   -3.079  1.00 10.40 ? 99  TYR A O   1 
ATOM   696  C  CB  . TYR A 1 99  ? -5.778  9.002   -0.109  1.00 9.70  ? 99  TYR A CB  1 
ATOM   697  C  CG  . TYR A 1 99  ? -4.693  7.969   0.110   1.00 10.07 ? 99  TYR A CG  1 
ATOM   698  C  CD1 . TYR A 1 99  ? -4.996  6.706   0.633   1.00 9.09  ? 99  TYR A CD1 1 
ATOM   699  C  CD2 . TYR A 1 99  ? -3.376  8.223   -0.284  1.00 9.48  ? 99  TYR A CD2 1 
ATOM   700  C  CE1 . TYR A 1 99  ? -4.011  5.718   0.751   1.00 10.72 ? 99  TYR A CE1 1 
ATOM   701  C  CE2 . TYR A 1 99  ? -2.387  7.247   -0.177  1.00 11.01 ? 99  TYR A CE2 1 
ATOM   702  C  CZ  . TYR A 1 99  ? -2.707  5.995   0.340   1.00 12.63 ? 99  TYR A CZ  1 
ATOM   703  O  OH  . TYR A 1 99  ? -1.727  5.030   0.437   1.00 12.89 ? 99  TYR A OH  1 
ATOM   704  N  N   . PHE A 1 100 ? -4.911  10.358  -2.769  1.00 10.86 ? 100 PHE A N   1 
ATOM   705  C  CA  . PHE A 1 100 ? -3.807  10.666  -3.671  1.00 11.81 ? 100 PHE A CA  1 
ATOM   706  C  C   . PHE A 1 100 ? -2.540  10.751  -2.814  1.00 11.85 ? 100 PHE A C   1 
ATOM   707  O  O   . PHE A 1 100 ? -2.445  11.595  -1.919  1.00 12.53 ? 100 PHE A O   1 
ATOM   708  C  CB  . PHE A 1 100 ? -4.042  12.005  -4.369  1.00 12.02 ? 100 PHE A CB  1 
ATOM   709  C  CG  . PHE A 1 100 ? -5.144  11.977  -5.382  1.00 10.59 ? 100 PHE A CG  1 
ATOM   710  C  CD1 . PHE A 1 100 ? -6.389  12.505  -5.084  1.00 11.35 ? 100 PHE A CD1 1 
ATOM   711  C  CD2 . PHE A 1 100 ? -4.931  11.417  -6.638  1.00 10.68 ? 100 PHE A CD2 1 
ATOM   712  C  CE1 . PHE A 1 100 ? -7.421  12.479  -6.028  1.00 13.21 ? 100 PHE A CE1 1 
ATOM   713  C  CE2 . PHE A 1 100 ? -5.945  11.383  -7.584  1.00 10.94 ? 100 PHE A CE2 1 
ATOM   714  C  CZ  . PHE A 1 100 ? -7.194  11.916  -7.279  1.00 12.86 ? 100 PHE A CZ  1 
ATOM   715  N  N   . VAL A 1 101 ? -1.567  9.889   -3.082  1.00 11.86 ? 101 VAL A N   1 
ATOM   716  C  CA  . VAL A 1 101 ? -0.341  9.884   -2.287  1.00 12.82 ? 101 VAL A CA  1 
ATOM   717  C  C   . VAL A 1 101 ? 0.297   11.258  -2.066  1.00 13.31 ? 101 VAL A C   1 
ATOM   718  O  O   . VAL A 1 101 ? 0.657   11.602  -0.943  1.00 15.28 ? 101 VAL A O   1 
ATOM   719  C  CB  . VAL A 1 101 ? 0.706   8.924   -2.890  1.00 12.52 ? 101 VAL A CB  1 
ATOM   720  C  CG1 . VAL A 1 101 ? 0.062   7.567   -3.120  1.00 13.25 ? 101 VAL A CG1 1 
ATOM   721  C  CG2 . VAL A 1 101 ? 1.264   9.484   -4.185  1.00 10.64 ? 101 VAL A CG2 1 
ATOM   722  N  N   . SER A 1 102 ? 0.440   12.047  -3.122  1.00 13.22 ? 102 SER A N   1 
ATOM   723  C  CA  . SER A 1 102 ? 1.037   13.374  -2.996  1.00 13.30 ? 102 SER A CA  1 
ATOM   724  C  C   . SER A 1 102 ? 0.581   14.221  -4.185  1.00 13.25 ? 102 SER A C   1 
ATOM   725  O  O   . SER A 1 102 ? 1.350   14.486  -5.104  1.00 14.34 ? 102 SER A O   1 
ATOM   726  C  CB  . SER A 1 102 ? 2.560   13.260  -2.974  1.00 12.44 ? 102 SER A CB  1 
ATOM   727  O  OG  . SER A 1 102 ? 3.161   14.513  -2.703  1.00 11.66 ? 102 SER A OG  1 
ATOM   728  N  N   . PRO A 1 103 ? -0.686  14.673  -4.159  1.00 13.32 ? 103 PRO A N   1 
ATOM   729  C  CA  . PRO A 1 103 ? -1.304  15.486  -5.215  1.00 13.36 ? 103 PRO A CA  1 
ATOM   730  C  C   . PRO A 1 103 ? -0.550  16.757  -5.580  1.00 13.65 ? 103 PRO A C   1 
ATOM   731  O  O   . PRO A 1 103 ? -0.947  17.496  -6.486  1.00 15.14 ? 103 PRO A O   1 
ATOM   732  C  CB  . PRO A 1 103 ? -2.702  15.760  -4.660  1.00 12.01 ? 103 PRO A CB  1 
ATOM   733  C  CG  . PRO A 1 103 ? -2.460  15.812  -3.183  1.00 12.05 ? 103 PRO A CG  1 
ATOM   734  C  CD  . PRO A 1 103 ? -1.549  14.631  -2.964  1.00 11.66 ? 103 PRO A CD  1 
ATOM   735  N  N   . GLY A 1 104 ? 0.546   17.008  -4.882  1.00 13.88 ? 104 GLY A N   1 
ATOM   736  C  CA  . GLY A 1 104 ? 1.318   18.196  -5.167  1.00 13.52 ? 104 GLY A CA  1 
ATOM   737  C  C   . GLY A 1 104 ? 2.181   18.062  -6.407  1.00 14.32 ? 104 GLY A C   1 
ATOM   738  O  O   . GLY A 1 104 ? 2.543   19.070  -7.016  1.00 14.02 ? 104 GLY A O   1 
ATOM   739  N  N   . PHE A 1 105 ? 2.518   16.829  -6.785  1.00 14.86 ? 105 PHE A N   1 
ATOM   740  C  CA  . PHE A 1 105 ? 3.333   16.621  -7.971  1.00 15.79 ? 105 PHE A CA  1 
ATOM   741  C  C   . PHE A 1 105 ? 2.956   15.360  -8.723  1.00 16.35 ? 105 PHE A C   1 
ATOM   742  O  O   . PHE A 1 105 ? 3.228   15.255  -9.917  1.00 19.45 ? 105 PHE A O   1 
ATOM   743  C  CB  . PHE A 1 105 ? 4.824   16.583  -7.607  1.00 16.15 ? 105 PHE A CB  1 
ATOM   744  C  CG  . PHE A 1 105 ? 5.272   15.290  -6.972  1.00 17.53 ? 105 PHE A CG  1 
ATOM   745  C  CD1 . PHE A 1 105 ? 5.913   14.311  -7.732  1.00 17.48 ? 105 PHE A CD1 1 
ATOM   746  C  CD2 . PHE A 1 105 ? 5.064   15.052  -5.618  1.00 16.55 ? 105 PHE A CD2 1 
ATOM   747  C  CE1 . PHE A 1 105 ? 6.342   13.120  -7.157  1.00 13.86 ? 105 PHE A CE1 1 
ATOM   748  C  CE2 . PHE A 1 105 ? 5.489   13.861  -5.033  1.00 16.38 ? 105 PHE A CE2 1 
ATOM   749  C  CZ  . PHE A 1 105 ? 6.132   12.894  -5.810  1.00 15.33 ? 105 PHE A CZ  1 
ATOM   750  N  N   . THR A 1 106 ? 2.327   14.405  -8.047  1.00 14.59 ? 106 THR A N   1 
ATOM   751  C  CA  . THR A 1 106 ? 1.947   13.163  -8.718  1.00 13.75 ? 106 THR A CA  1 
ATOM   752  C  C   . THR A 1 106 ? 0.451   12.883  -8.639  1.00 13.87 ? 106 THR A C   1 
ATOM   753  O  O   . THR A 1 106 ? -0.235  13.362  -7.743  1.00 14.51 ? 106 THR A O   1 
ATOM   754  C  CB  . THR A 1 106 ? 2.719   11.946  -8.138  1.00 13.85 ? 106 THR A CB  1 
ATOM   755  O  OG1 . THR A 1 106 ? 2.365   10.764  -8.863  1.00 13.87 ? 106 THR A OG1 1 
ATOM   756  C  CG2 . THR A 1 106 ? 2.388   11.738  -6.668  1.00 11.44 ? 106 THR A CG2 1 
ATOM   757  N  N   . ASP A 1 107 ? -0.055  12.109  -9.587  1.00 13.06 ? 107 ASP A N   1 
ATOM   758  C  CA  . ASP A 1 107 ? -1.472  11.777  -9.605  1.00 13.24 ? 107 ASP A CA  1 
ATOM   759  C  C   . ASP A 1 107 ? -1.720  10.350  -9.121  1.00 12.77 ? 107 ASP A C   1 
ATOM   760  O  O   . ASP A 1 107 ? -2.790  9.795   -9.356  1.00 11.89 ? 107 ASP A O   1 
ATOM   761  C  CB  . ASP A 1 107 ? -2.036  11.930  -11.021 1.00 12.95 ? 107 ASP A CB  1 
ATOM   762  C  CG  . ASP A 1 107 ? -1.346  11.020  -12.029 1.00 14.21 ? 107 ASP A CG  1 
ATOM   763  O  OD1 . ASP A 1 107 ? -1.768  11.019  -13.205 1.00 15.52 ? 107 ASP A OD1 1 
ATOM   764  O  OD2 . ASP A 1 107 ? -0.381  10.309  -11.657 1.00 13.15 ? 107 ASP A OD2 1 
ATOM   765  N  N   . GLU A 1 108 ? -0.731  9.744   -8.470  1.00 13.47 ? 108 GLU A N   1 
ATOM   766  C  CA  . GLU A 1 108 ? -0.912  8.382   -7.979  1.00 13.81 ? 108 GLU A CA  1 
ATOM   767  C  C   . GLU A 1 108 ? -2.072  8.363   -7.004  1.00 13.59 ? 108 GLU A C   1 
ATOM   768  O  O   . GLU A 1 108 ? -2.119  9.159   -6.062  1.00 13.61 ? 108 GLU A O   1 
ATOM   769  C  CB  . GLU A 1 108 ? 0.350   7.858   -7.280  1.00 13.47 ? 108 GLU A CB  1 
ATOM   770  C  CG  . GLU A 1 108 ? 0.103   6.576   -6.476  1.00 12.10 ? 108 GLU A CG  1 
ATOM   771  C  CD  . GLU A 1 108 ? 1.378   5.901   -5.988  1.00 12.45 ? 108 GLU A CD  1 
ATOM   772  O  OE1 . GLU A 1 108 ? 2.382   6.603   -5.722  1.00 14.83 ? 108 GLU A OE1 1 
ATOM   773  O  OE2 . GLU A 1 108 ? 1.372   4.659   -5.858  1.00 11.94 ? 108 GLU A OE2 1 
ATOM   774  N  N   . LYS A 1 109 ? -3.017  7.464   -7.249  1.00 13.78 ? 109 LYS A N   1 
ATOM   775  C  CA  . LYS A 1 109 ? -4.180  7.329   -6.386  1.00 14.36 ? 109 LYS A CA  1 
ATOM   776  C  C   . LYS A 1 109 ? -4.219  5.903   -5.870  1.00 14.28 ? 109 LYS A C   1 
ATOM   777  O  O   . LYS A 1 109 ? -4.090  4.944   -6.641  1.00 13.86 ? 109 LYS A O   1 
ATOM   778  C  CB  . LYS A 1 109 ? -5.467  7.647   -7.152  1.00 15.19 ? 109 LYS A CB  1 
ATOM   779  C  CG  . LYS A 1 109 ? -6.723  7.619   -6.297  1.00 16.16 ? 109 LYS A CG  1 
ATOM   780  C  CD  . LYS A 1 109 ? -7.916  8.148   -7.066  1.00 16.19 ? 109 LYS A CD  1 
ATOM   781  C  CE  . LYS A 1 109 ? -9.185  8.082   -6.225  1.00 17.72 ? 109 LYS A CE  1 
ATOM   782  N  NZ  . LYS A 1 109 ? -10.407 8.455   -7.010  1.00 18.35 ? 109 LYS A NZ  1 
ATOM   783  N  N   . THR A 1 110 ? -4.398  5.774   -4.560  1.00 13.76 ? 110 THR A N   1 
ATOM   784  C  CA  . THR A 1 110 ? -4.425  4.472   -3.911  1.00 13.50 ? 110 THR A CA  1 
ATOM   785  C  C   . THR A 1 110 ? -5.828  4.108   -3.443  1.00 12.23 ? 110 THR A C   1 
ATOM   786  O  O   . THR A 1 110 ? -6.526  4.934   -2.858  1.00 12.00 ? 110 THR A O   1 
ATOM   787  C  CB  . THR A 1 110 ? -3.475  4.473   -2.701  1.00 13.60 ? 110 THR A CB  1 
ATOM   788  O  OG1 . THR A 1 110 ? -2.253  5.122   -3.068  1.00 15.83 ? 110 THR A OG1 1 
ATOM   789  C  CG2 . THR A 1 110 ? -3.169  3.058   -2.254  1.00 14.00 ? 110 THR A CG2 1 
ATOM   790  N  N   . HIS A 1 111 ? -6.238  2.873   -3.713  1.00 11.84 ? 111 HIS A N   1 
ATOM   791  C  CA  . HIS A 1 111 ? -7.550  2.391   -3.294  1.00 10.91 ? 111 HIS A CA  1 
ATOM   792  C  C   . HIS A 1 111 ? -7.335  1.397   -2.160  1.00 10.50 ? 111 HIS A C   1 
ATOM   793  O  O   . HIS A 1 111 ? -6.720  0.349   -2.351  1.00 10.20 ? 111 HIS A O   1 
ATOM   794  C  CB  . HIS A 1 111 ? -8.270  1.708   -4.455  1.00 10.34 ? 111 HIS A CB  1 
ATOM   795  C  CG  . HIS A 1 111 ? -8.551  2.624   -5.601  1.00 10.38 ? 111 HIS A CG  1 
ATOM   796  N  ND1 . HIS A 1 111 ? -7.553  3.140   -6.402  1.00 9.35  ? 111 HIS A ND1 1 
ATOM   797  C  CD2 . HIS A 1 111 ? -9.711  3.158   -6.052  1.00 9.84  ? 111 HIS A CD2 1 
ATOM   798  C  CE1 . HIS A 1 111 ? -8.086  3.955   -7.294  1.00 9.48  ? 111 HIS A CE1 1 
ATOM   799  N  NE2 . HIS A 1 111 ? -9.393  3.986   -7.102  1.00 9.22  ? 111 HIS A NE2 1 
ATOM   800  N  N   . VAL A 1 112 ? -7.848  1.732   -0.983  1.00 10.43 ? 112 VAL A N   1 
ATOM   801  C  CA  . VAL A 1 112 ? -7.676  0.890   0.186   1.00 11.50 ? 112 VAL A CA  1 
ATOM   802  C  C   . VAL A 1 112 ? -8.821  -0.090  0.437   1.00 12.89 ? 112 VAL A C   1 
ATOM   803  O  O   . VAL A 1 112 ? -9.996  0.280   0.398   1.00 13.07 ? 112 VAL A O   1 
ATOM   804  C  CB  . VAL A 1 112 ? -7.479  1.759   1.430   1.00 10.60 ? 112 VAL A CB  1 
ATOM   805  C  CG1 . VAL A 1 112 ? -7.000  0.899   2.596   1.00 9.90  ? 112 VAL A CG1 1 
ATOM   806  C  CG2 . VAL A 1 112 ? -6.501  2.880   1.119   1.00 8.92  ? 112 VAL A CG2 1 
ATOM   807  N  N   . PHE A 1 113 ? -8.461  -1.342  0.716   1.00 12.92 ? 113 PHE A N   1 
ATOM   808  C  CA  . PHE A 1 113 ? -9.443  -2.386  0.974   1.00 13.39 ? 113 PHE A CA  1 
ATOM   809  C  C   . PHE A 1 113 ? -9.208  -3.058  2.309   1.00 13.78 ? 113 PHE A C   1 
ATOM   810  O  O   . PHE A 1 113 ? -8.110  -2.994  2.862   1.00 15.64 ? 113 PHE A O   1 
ATOM   811  C  CB  . PHE A 1 113 ? -9.392  -3.459  -0.117  1.00 12.94 ? 113 PHE A CB  1 
ATOM   812  C  CG  . PHE A 1 113 ? -9.899  -2.998  -1.448  1.00 12.91 ? 113 PHE A CG  1 
ATOM   813  C  CD1 . PHE A 1 113 ? -9.143  -2.140  -2.240  1.00 13.29 ? 113 PHE A CD1 1 
ATOM   814  C  CD2 . PHE A 1 113 ? -11.154 -3.397  -1.900  1.00 11.57 ? 113 PHE A CD2 1 
ATOM   815  C  CE1 . PHE A 1 113 ? -9.633  -1.683  -3.464  1.00 13.73 ? 113 PHE A CE1 1 
ATOM   816  C  CE2 . PHE A 1 113 ? -11.652 -2.948  -3.117  1.00 11.64 ? 113 PHE A CE2 1 
ATOM   817  C  CZ  . PHE A 1 113 ? -10.893 -2.091  -3.901  1.00 12.07 ? 113 PHE A CZ  1 
ATOM   818  N  N   . LEU A 1 114 ? -10.253 -3.694  2.825   1.00 13.58 ? 114 LEU A N   1 
ATOM   819  C  CA  . LEU A 1 114 ? -10.167 -4.436  4.071   1.00 13.69 ? 114 LEU A CA  1 
ATOM   820  C  C   . LEU A 1 114 ? -10.337 -5.905  3.685   1.00 15.14 ? 114 LEU A C   1 
ATOM   821  O  O   . LEU A 1 114 ? -11.185 -6.242  2.844   1.00 13.94 ? 114 LEU A O   1 
ATOM   822  C  CB  . LEU A 1 114 ? -11.287 -4.046  5.032   1.00 12.76 ? 114 LEU A CB  1 
ATOM   823  C  CG  . LEU A 1 114 ? -11.294 -4.854  6.343   1.00 13.24 ? 114 LEU A CG  1 
ATOM   824  C  CD1 . LEU A 1 114 ? -10.352 -4.218  7.367   1.00 10.40 ? 114 LEU A CD1 1 
ATOM   825  C  CD2 . LEU A 1 114 ? -12.705 -4.911  6.899   1.00 10.17 ? 114 LEU A CD2 1 
ATOM   826  N  N   . ALA A 1 115 ? -9.529  -6.775  4.284   1.00 15.31 ? 115 ALA A N   1 
ATOM   827  C  CA  . ALA A 1 115 ? -9.620  -8.198  3.992   1.00 16.50 ? 115 ALA A CA  1 
ATOM   828  C  C   . ALA A 1 115 ? -10.054 -8.944  5.242   1.00 17.54 ? 115 ALA A C   1 
ATOM   829  O  O   . ALA A 1 115 ? -9.538  -8.698  6.331   1.00 18.33 ? 115 ALA A O   1 
ATOM   830  C  CB  . ALA A 1 115 ? -8.278  -8.725  3.508   1.00 14.96 ? 115 ALA A CB  1 
ATOM   831  N  N   . GLU A 1 116 ? -10.997 -9.862  5.080   1.00 19.19 ? 116 GLU A N   1 
ATOM   832  C  CA  . GLU A 1 116 ? -11.503 -10.649 6.201   1.00 21.84 ? 116 GLU A CA  1 
ATOM   833  C  C   . GLU A 1 116 ? -11.602 -12.125 5.846   1.00 22.45 ? 116 GLU A C   1 
ATOM   834  O  O   . GLU A 1 116 ? -11.693 -12.479 4.670   1.00 23.50 ? 116 GLU A O   1 
ATOM   835  C  CB  . GLU A 1 116 ? -12.879 -10.135 6.611   1.00 23.32 ? 116 GLU A CB  1 
ATOM   836  C  CG  . GLU A 1 116 ? -12.861 -8.692  7.052   1.00 25.64 ? 116 GLU A CG  1 
ATOM   837  C  CD  . GLU A 1 116 ? -14.243 -8.140  7.267   1.00 26.43 ? 116 GLU A CD  1 
ATOM   838  O  OE1 . GLU A 1 116 ? -14.971 -7.934  6.269   1.00 28.03 ? 116 GLU A OE1 1 
ATOM   839  O  OE2 . GLU A 1 116 ? -14.602 -7.917  8.438   1.00 27.44 ? 116 GLU A OE2 1 
ATOM   840  N  N   . ASN A 1 117 ? -11.587 -12.981 6.864   1.00 22.89 ? 117 ASN A N   1 
ATOM   841  C  CA  . ASN A 1 117 ? -11.676 -14.415 6.639   1.00 24.69 ? 117 ASN A CA  1 
ATOM   842  C  C   . ASN A 1 117 ? -10.547 -14.848 5.704   1.00 25.58 ? 117 ASN A C   1 
ATOM   843  O  O   . ASN A 1 117 ? -10.769 -15.500 4.680   1.00 25.65 ? 117 ASN A O   1 
ATOM   844  C  CB  . ASN A 1 117 ? -13.030 -14.745 6.023   1.00 26.52 ? 117 ASN A CB  1 
ATOM   845  C  CG  . ASN A 1 117 ? -14.160 -13.994 6.690   1.00 29.47 ? 117 ASN A CG  1 
ATOM   846  O  OD1 . ASN A 1 117 ? -14.339 -14.077 7.908   1.00 30.03 ? 117 ASN A OD1 1 
ATOM   847  N  ND2 . ASN A 1 117 ? -14.928 -13.246 5.901   1.00 31.56 ? 117 ASN A ND2 1 
ATOM   848  N  N   . LEU A 1 118 ? -9.331  -14.463 6.059   1.00 25.61 ? 118 LEU A N   1 
ATOM   849  C  CA  . LEU A 1 118 ? -8.169  -14.801 5.261   1.00 26.45 ? 118 LEU A CA  1 
ATOM   850  C  C   . LEU A 1 118 ? -7.938  -16.298 5.271   1.00 27.63 ? 118 LEU A C   1 
ATOM   851  O  O   . LEU A 1 118 ? -8.039  -16.939 6.313   1.00 27.94 ? 118 LEU A O   1 
ATOM   852  C  CB  . LEU A 1 118 ? -6.940  -14.103 5.830   1.00 25.25 ? 118 LEU A CB  1 
ATOM   853  C  CG  . LEU A 1 118 ? -6.990  -12.579 5.845   1.00 24.80 ? 118 LEU A CG  1 
ATOM   854  C  CD1 . LEU A 1 118 ? -5.818  -12.048 6.646   1.00 25.21 ? 118 LEU A CD1 1 
ATOM   855  C  CD2 . LEU A 1 118 ? -6.961  -12.061 4.419   1.00 24.86 ? 118 LEU A CD2 1 
ATOM   856  N  N   . LYS A 1 119 ? -7.632  -16.858 4.109   1.00 30.03 ? 119 LYS A N   1 
ATOM   857  C  CA  . LYS A 1 119 ? -7.347  -18.276 4.022   1.00 32.64 ? 119 LYS A CA  1 
ATOM   858  C  C   . LYS A 1 119 ? -6.064  -18.464 3.195   1.00 33.71 ? 119 LYS A C   1 
ATOM   859  O  O   . LYS A 1 119 ? -5.838  -17.770 2.204   1.00 32.99 ? 119 LYS A O   1 
ATOM   860  C  CB  . LYS A 1 119 ? -8.532  -19.026 3.398   1.00 33.47 ? 119 LYS A CB  1 
ATOM   861  C  CG  . LYS A 1 119 ? -8.829  -18.655 1.965   1.00 36.47 ? 119 LYS A CG  1 
ATOM   862  C  CD  . LYS A 1 119 ? -9.697  -19.718 1.321   1.00 38.50 ? 119 LYS A CD  1 
ATOM   863  C  CE  . LYS A 1 119 ? -9.783  -19.522 -0.187  1.00 41.69 ? 119 LYS A CE  1 
ATOM   864  N  NZ  . LYS A 1 119 ? -10.285 -20.749 -0.881  1.00 43.03 ? 119 LYS A NZ  1 
ATOM   865  N  N   . GLU A 1 120 ? -5.211  -19.379 3.649   1.00 35.50 ? 120 GLU A N   1 
ATOM   866  C  CA  . GLU A 1 120 ? -3.962  -19.672 2.974   1.00 37.87 ? 120 GLU A CA  1 
ATOM   867  C  C   . GLU A 1 120 ? -4.276  -20.331 1.638   1.00 38.74 ? 120 GLU A C   1 
ATOM   868  O  O   . GLU A 1 120 ? -4.769  -21.458 1.575   1.00 39.25 ? 120 GLU A O   1 
ATOM   869  C  CB  . GLU A 1 120 ? -3.103  -20.608 3.835   1.00 39.22 ? 120 GLU A CB  1 
ATOM   870  C  CG  . GLU A 1 120 ? -1.711  -20.890 3.276   1.00 42.50 ? 120 GLU A CG  1 
ATOM   871  C  CD  . GLU A 1 120 ? -0.599  -20.285 4.121   1.00 43.62 ? 120 GLU A CD  1 
ATOM   872  O  OE1 . GLU A 1 120 ? 0.471   -19.981 3.560   1.00 44.69 ? 120 GLU A OE1 1 
ATOM   873  O  OE2 . GLU A 1 120 ? -0.784  -20.124 5.346   1.00 44.35 ? 120 GLU A OE2 1 
ATOM   874  N  N   . VAL A 1 121 ? -4.004  -19.611 0.568   1.00 39.79 ? 121 VAL A N   1 
ATOM   875  C  CA  . VAL A 1 121 ? -4.234  -20.107 -0.776  1.00 41.16 ? 121 VAL A CA  1 
ATOM   876  C  C   . VAL A 1 121 ? -2.884  -20.368 -1.446  1.00 42.45 ? 121 VAL A C   1 
ATOM   877  O  O   . VAL A 1 121 ? -2.809  -20.925 -2.538  1.00 43.18 ? 121 VAL A O   1 
ATOM   878  C  CB  . VAL A 1 121 ? -5.054  -19.070 -1.560  1.00 40.83 ? 121 VAL A CB  1 
ATOM   879  C  CG1 . VAL A 1 121 ? -4.920  -19.259 -3.054  1.00 41.03 ? 121 VAL A CG1 1 
ATOM   880  C  CG2 . VAL A 1 121 ? -6.487  -19.186 -1.149  1.00 39.87 ? 121 VAL A CG2 1 
ATOM   881  N  N   . GLU A 1 122 ? -1.807  -19.977 -0.761  1.00 44.72 ? 122 GLU A N   1 
ATOM   882  C  CA  . GLU A 1 122 ? -0.459  -20.146 -1.298  1.00 45.83 ? 122 GLU A CA  1 
ATOM   883  C  C   . GLU A 1 122 ? 0.605   -20.240 -0.202  1.00 46.18 ? 122 GLU A C   1 
ATOM   884  O  O   . GLU A 1 122 ? 0.503   -19.593 0.856   1.00 47.23 ? 122 GLU A O   1 
ATOM   885  C  CB  . GLU A 1 122 ? -0.124  -18.975 -2.221  1.00 47.37 ? 122 GLU A CB  1 
ATOM   886  C  CG  . GLU A 1 122 ? 0.227   -19.352 -3.652  1.00 48.19 ? 122 GLU A CG  1 
ATOM   887  C  CD  . GLU A 1 122 ? 0.314   -18.123 -4.552  1.00 49.01 ? 122 GLU A CD  1 
ATOM   888  O  OE1 . GLU A 1 122 ? 1.139   -17.230 -4.265  1.00 48.61 ? 122 GLU A OE1 1 
ATOM   889  O  OE2 . GLU A 1 122 ? -0.448  -18.042 -5.539  1.00 50.12 ? 122 GLU A OE2 1 
ATOM   890  N  N   . ALA A 1 123 ? 1.626   -21.062 -0.463  1.00 45.34 ? 123 ALA A N   1 
ATOM   891  C  CA  . ALA A 1 123 ? 2.749   -21.257 0.472   1.00 44.27 ? 123 ALA A CA  1 
ATOM   892  C  C   . ALA A 1 123 ? 4.047   -20.928 -0.247  1.00 42.89 ? 123 ALA A C   1 
ATOM   893  O  O   . ALA A 1 123 ? 4.079   -20.052 -1.103  1.00 42.40 ? 123 ALA A O   1 
ATOM   894  C  CB  . ALA A 1 123 ? 2.802   -22.703 0.969   1.00 44.38 ? 123 ALA A CB  1 
ATOM   895  N  N   . ALA A 1 130 ? 11.326  -11.700 -2.080  1.00 34.21 ? 130 ALA A N   1 
ATOM   896  C  CA  . ALA A 1 130 ? 11.880  -11.006 -0.925  1.00 33.81 ? 130 ALA A CA  1 
ATOM   897  C  C   . ALA A 1 130 ? 10.981  -9.853  -0.477  1.00 33.27 ? 130 ALA A C   1 
ATOM   898  O  O   . ALA A 1 130 ? 11.365  -8.677  -0.434  1.00 31.59 ? 130 ALA A O   1 
ATOM   899  C  CB  . ALA A 1 130 ? 13.278  -10.495 -1.235  1.00 33.63 ? 130 ALA A CB  1 
ATOM   900  N  N   . ILE A 1 131 ? 9.757   -10.232 -0.140  1.00 32.13 ? 131 ILE A N   1 
ATOM   901  C  CA  . ILE A 1 131 ? 8.765   -9.307  0.353   1.00 29.57 ? 131 ILE A CA  1 
ATOM   902  C  C   . ILE A 1 131 ? 8.381   -9.939  1.689   1.00 27.75 ? 131 ILE A C   1 
ATOM   903  O  O   . ILE A 1 131 ? 7.549   -10.835 1.751   1.00 29.24 ? 131 ILE A O   1 
ATOM   904  C  CB  . ILE A 1 131 ? 7.568   -9.211  -0.643  1.00 29.79 ? 131 ILE A CB  1 
ATOM   905  C  CG1 . ILE A 1 131 ? 6.535   -8.197  -0.143  1.00 29.62 ? 131 ILE A CG1 1 
ATOM   906  C  CG2 . ILE A 1 131 ? 6.951   -10.592 -0.864  1.00 31.19 ? 131 ILE A CG2 1 
ATOM   907  C  CD1 . ILE A 1 131 ? 5.655   -8.695  0.973   1.00 29.76 ? 131 ILE A CD1 1 
ATOM   908  N  N   . GLU A 1 132 ? 9.029   -9.494  2.756   1.00 25.31 ? 132 GLU A N   1 
ATOM   909  C  CA  . GLU A 1 132 ? 8.785   -10.027 4.087   1.00 22.01 ? 132 GLU A CA  1 
ATOM   910  C  C   . GLU A 1 132 ? 7.372   -9.819  4.644   1.00 20.64 ? 132 GLU A C   1 
ATOM   911  O  O   . GLU A 1 132 ? 6.902   -8.686  4.742   1.00 20.90 ? 132 GLU A O   1 
ATOM   912  C  CB  . GLU A 1 132 ? 9.801   -9.441  5.069   1.00 20.58 ? 132 GLU A CB  1 
ATOM   913  C  CG  . GLU A 1 132 ? 9.473   -9.731  6.526   1.00 22.46 ? 132 GLU A CG  1 
ATOM   914  C  CD  . GLU A 1 132 ? 10.433  -9.087  7.506   1.00 23.54 ? 132 GLU A CD  1 
ATOM   915  O  OE1 . GLU A 1 132 ? 10.853  -7.939  7.264   1.00 24.27 ? 132 GLU A OE1 1 
ATOM   916  O  OE2 . GLU A 1 132 ? 10.754  -9.725  8.530   1.00 25.13 ? 132 GLU A OE2 1 
ATOM   917  N  N   . VAL A 1 133 ? 6.699   -10.917 5.003   1.00 18.83 ? 133 VAL A N   1 
ATOM   918  C  CA  . VAL A 1 133 ? 5.366   -10.844 5.614   1.00 16.71 ? 133 VAL A CA  1 
ATOM   919  C  C   . VAL A 1 133 ? 5.595   -10.594 7.109   1.00 16.72 ? 133 VAL A C   1 
ATOM   920  O  O   . VAL A 1 133 ? 6.272   -11.372 7.784   1.00 16.99 ? 133 VAL A O   1 
ATOM   921  C  CB  . VAL A 1 133 ? 4.564   -12.161 5.436   1.00 14.89 ? 133 VAL A CB  1 
ATOM   922  C  CG1 . VAL A 1 133 ? 3.252   -12.068 6.189   1.00 11.77 ? 133 VAL A CG1 1 
ATOM   923  C  CG2 . VAL A 1 133 ? 4.293   -12.415 3.967   1.00 12.39 ? 133 VAL A CG2 1 
ATOM   924  N  N   . VAL A 1 134 ? 5.024   -9.505  7.615   1.00 16.05 ? 134 VAL A N   1 
ATOM   925  C  CA  . VAL A 1 134 ? 5.199   -9.114  9.011   1.00 13.89 ? 134 VAL A CA  1 
ATOM   926  C  C   . VAL A 1 134 ? 3.887   -8.934  9.779   1.00 14.92 ? 134 VAL A C   1 
ATOM   927  O  O   . VAL A 1 134 ? 3.273   -7.858  9.742   1.00 14.08 ? 134 VAL A O   1 
ATOM   928  C  CB  . VAL A 1 134 ? 6.003   -7.781  9.097   1.00 14.27 ? 134 VAL A CB  1 
ATOM   929  C  CG1 . VAL A 1 134 ? 6.316   -7.429  10.557  1.00 13.33 ? 134 VAL A CG1 1 
ATOM   930  C  CG2 . VAL A 1 134 ? 7.278   -7.885  8.271   1.00 12.85 ? 134 VAL A CG2 1 
ATOM   931  N  N   . TRP A 1 135 ? 3.450   -9.990  10.463  1.00 14.53 ? 135 TRP A N   1 
ATOM   932  C  CA  . TRP A 1 135 ? 2.235   -9.913  11.267  1.00 12.52 ? 135 TRP A CA  1 
ATOM   933  C  C   . TRP A 1 135 ? 2.637   -9.167  12.525  1.00 12.98 ? 135 TRP A C   1 
ATOM   934  O  O   . TRP A 1 135 ? 3.630   -9.521  13.167  1.00 13.56 ? 135 TRP A O   1 
ATOM   935  C  CB  . TRP A 1 135 ? 1.715   -11.308 11.641  1.00 10.90 ? 135 TRP A CB  1 
ATOM   936  C  CG  . TRP A 1 135 ? 0.928   -11.990 10.547  1.00 10.32 ? 135 TRP A CG  1 
ATOM   937  C  CD1 . TRP A 1 135 ? 1.345   -13.017 9.754   1.00 10.06 ? 135 TRP A CD1 1 
ATOM   938  C  CD2 . TRP A 1 135 ? -0.428  -11.713 10.164  1.00 9.60  ? 135 TRP A CD2 1 
ATOM   939  N  NE1 . TRP A 1 135 ? 0.334   -13.403 8.910   1.00 10.32 ? 135 TRP A NE1 1 
ATOM   940  C  CE2 . TRP A 1 135 ? -0.765  -12.620 9.141   1.00 8.49  ? 135 TRP A CE2 1 
ATOM   941  C  CE3 . TRP A 1 135 ? -1.391  -10.784 10.591  1.00 11.01 ? 135 TRP A CE3 1 
ATOM   942  C  CZ2 . TRP A 1 135 ? -2.023  -12.632 8.540   1.00 9.29  ? 135 TRP A CZ2 1 
ATOM   943  C  CZ3 . TRP A 1 135 ? -2.644  -10.797 9.991   1.00 10.07 ? 135 TRP A CZ3 1 
ATOM   944  C  CH2 . TRP A 1 135 ? -2.948  -11.718 8.977   1.00 9.31  ? 135 TRP A CH2 1 
ATOM   945  N  N   . MET A 1 136 ? 1.878   -8.132  12.870  1.00 13.47 ? 136 MET A N   1 
ATOM   946  C  CA  . MET A 1 136 ? 2.185   -7.335  14.049  1.00 13.28 ? 136 MET A CA  1 
ATOM   947  C  C   . MET A 1 136 ? 0.964   -6.562  14.528  1.00 14.73 ? 136 MET A C   1 
ATOM   948  O  O   . MET A 1 136 ? 0.174   -6.066  13.722  1.00 15.16 ? 136 MET A O   1 
ATOM   949  C  CB  . MET A 1 136 ? 3.311   -6.354  13.718  1.00 12.68 ? 136 MET A CB  1 
ATOM   950  C  CG  . MET A 1 136 ? 3.894   -5.645  14.918  1.00 12.73 ? 136 MET A CG  1 
ATOM   951  S  SD  . MET A 1 136 ? 5.069   -4.338  14.472  1.00 16.25 ? 136 MET A SD  1 
ATOM   952  C  CE  . MET A 1 136 ? 6.557   -5.323  14.012  1.00 14.22 ? 136 MET A CE  1 
ATOM   953  N  N   . ARG A 1 137 ? 0.815   -6.465  15.846  1.00 16.62 ? 137 ARG A N   1 
ATOM   954  C  CA  . ARG A 1 137 ? -0.294  -5.732  16.449  1.00 17.06 ? 137 ARG A CA  1 
ATOM   955  C  C   . ARG A 1 137 ? -0.090  -4.245  16.182  1.00 16.60 ? 137 ARG A C   1 
ATOM   956  O  O   . ARG A 1 137 ? 0.955   -3.681  16.512  1.00 15.05 ? 137 ARG A O   1 
ATOM   957  C  CB  . ARG A 1 137 ? -0.357  -5.988  17.964  1.00 19.67 ? 137 ARG A CB  1 
ATOM   958  C  CG  . ARG A 1 137 ? -0.735  -7.425  18.329  1.00 25.31 ? 137 ARG A CG  1 
ATOM   959  C  CD  . ARG A 1 137 ? -0.912  -7.648  19.837  1.00 29.05 ? 137 ARG A CD  1 
ATOM   960  N  NE  . ARG A 1 137 ? -1.739  -8.833  20.110  1.00 34.88 ? 137 ARG A NE  1 
ATOM   961  C  CZ  . ARG A 1 137 ? -1.311  -10.096 20.080  1.00 37.03 ? 137 ARG A CZ  1 
ATOM   962  N  NH1 . ARG A 1 137 ? -0.042  -10.379 19.801  1.00 38.61 ? 137 ARG A NH1 1 
ATOM   963  N  NH2 . ARG A 1 137 ? -2.165  -11.090 20.301  1.00 37.92 ? 137 ARG A NH2 1 
ATOM   964  N  N   . PRO A 1 138 ? -1.092  -3.589  15.583  1.00 16.02 ? 138 PRO A N   1 
ATOM   965  C  CA  . PRO A 1 138 ? -1.009  -2.163  15.274  1.00 16.51 ? 138 PRO A CA  1 
ATOM   966  C  C   . PRO A 1 138 ? -0.445  -1.320  16.420  1.00 18.51 ? 138 PRO A C   1 
ATOM   967  O  O   . PRO A 1 138 ? 0.256   -0.329  16.190  1.00 20.25 ? 138 PRO A O   1 
ATOM   968  C  CB  . PRO A 1 138 ? -2.453  -1.807  14.951  1.00 16.11 ? 138 PRO A CB  1 
ATOM   969  C  CG  . PRO A 1 138 ? -2.970  -3.069  14.332  1.00 16.04 ? 138 PRO A CG  1 
ATOM   970  C  CD  . PRO A 1 138 ? -2.430  -4.118  15.259  1.00 15.57 ? 138 PRO A CD  1 
ATOM   971  N  N   . GLU A 1 139 ? -0.745  -1.710  17.655  1.00 18.95 ? 139 GLU A N   1 
ATOM   972  C  CA  . GLU A 1 139 ? -0.266  -0.955  18.802  1.00 18.85 ? 139 GLU A CA  1 
ATOM   973  C  C   . GLU A 1 139 ? 1.247   -0.983  18.892  1.00 20.48 ? 139 GLU A C   1 
ATOM   974  O  O   . GLU A 1 139 ? 1.868   0.017   19.263  1.00 21.13 ? 139 GLU A O   1 
ATOM   975  C  CB  . GLU A 1 139 ? -0.876  -1.492  20.101  1.00 17.15 ? 139 GLU A CB  1 
ATOM   976  C  CG  . GLU A 1 139 ? -2.384  -1.322  20.194  1.00 15.53 ? 139 GLU A CG  1 
ATOM   977  C  CD  . GLU A 1 139 ? -3.148  -2.494  19.602  1.00 16.52 ? 139 GLU A CD  1 
ATOM   978  O  OE1 . GLU A 1 139 ? -2.518  -3.348  18.934  1.00 16.52 ? 139 GLU A OE1 1 
ATOM   979  O  OE2 . GLU A 1 139 ? -4.383  -2.557  19.803  1.00 13.31 ? 139 GLU A OE2 1 
ATOM   980  N  N   . GLU A 1 140 ? 1.844   -2.117  18.542  1.00 22.34 ? 140 GLU A N   1 
ATOM   981  C  CA  . GLU A 1 140 ? 3.294   -2.244  18.599  1.00 25.16 ? 140 GLU A CA  1 
ATOM   982  C  C   . GLU A 1 140 ? 3.977   -1.573  17.427  1.00 24.34 ? 140 GLU A C   1 
ATOM   983  O  O   . GLU A 1 140 ? 5.066   -1.016  17.576  1.00 25.62 ? 140 GLU A O   1 
ATOM   984  C  CB  . GLU A 1 140 ? 3.718   -3.715  18.690  1.00 29.32 ? 140 GLU A CB  1 
ATOM   985  C  CG  . GLU A 1 140 ? 3.528   -4.290  20.087  1.00 38.11 ? 140 GLU A CG  1 
ATOM   986  C  CD  . GLU A 1 140 ? 4.269   -3.490  21.166  1.00 43.93 ? 140 GLU A CD  1 
ATOM   987  O  OE1 . GLU A 1 140 ? 3.978   -3.685  22.370  1.00 46.40 ? 140 GLU A OE1 1 
ATOM   988  O  OE2 . GLU A 1 140 ? 5.150   -2.670  20.811  1.00 48.06 ? 140 GLU A OE2 1 
ATOM   989  N  N   . ALA A 1 141 ? 3.346   -1.628  16.260  1.00 22.12 ? 141 ALA A N   1 
ATOM   990  C  CA  . ALA A 1 141 ? 3.900   -0.976  15.086  1.00 20.14 ? 141 ALA A CA  1 
ATOM   991  C  C   . ALA A 1 141 ? 3.960   0.502   15.448  1.00 19.66 ? 141 ALA A C   1 
ATOM   992  O  O   . ALA A 1 141 ? 4.969   1.169   15.235  1.00 18.16 ? 141 ALA A O   1 
ATOM   993  C  CB  . ALA A 1 141 ? 2.992   -1.194  13.894  1.00 20.21 ? 141 ALA A CB  1 
ATOM   994  N  N   . LEU A 1 142 ? 2.870   0.999   16.027  1.00 20.63 ? 142 LEU A N   1 
ATOM   995  C  CA  . LEU A 1 142 ? 2.794   2.398   16.431  1.00 23.17 ? 142 LEU A CA  1 
ATOM   996  C  C   . LEU A 1 142 ? 3.860   2.759   17.458  1.00 24.80 ? 142 LEU A C   1 
ATOM   997  O  O   . LEU A 1 142 ? 4.451   3.828   17.380  1.00 26.24 ? 142 LEU A O   1 
ATOM   998  C  CB  . LEU A 1 142 ? 1.413   2.727   17.008  1.00 20.48 ? 142 LEU A CB  1 
ATOM   999  C  CG  . LEU A 1 142 ? 1.259   4.179   17.478  1.00 18.70 ? 142 LEU A CG  1 
ATOM   1000 C  CD1 . LEU A 1 142 ? 1.573   5.140   16.344  1.00 19.41 ? 142 LEU A CD1 1 
ATOM   1001 C  CD2 . LEU A 1 142 ? -0.150  4.404   17.960  1.00 17.82 ? 142 LEU A CD2 1 
ATOM   1002 N  N   . GLU A 1 143 ? 4.099   1.873   18.420  1.00 27.12 ? 143 GLU A N   1 
ATOM   1003 C  CA  . GLU A 1 143 ? 5.102   2.138   19.452  1.00 28.97 ? 143 GLU A CA  1 
ATOM   1004 C  C   . GLU A 1 143 ? 6.521   2.111   18.883  1.00 26.91 ? 143 GLU A C   1 
ATOM   1005 O  O   . GLU A 1 143 ? 7.331   2.984   19.188  1.00 26.32 ? 143 GLU A O   1 
ATOM   1006 C  CB  . GLU A 1 143 ? 4.995   1.115   20.584  1.00 32.65 ? 143 GLU A CB  1 
ATOM   1007 C  CG  . GLU A 1 143 ? 5.716   1.554   21.850  1.00 38.33 ? 143 GLU A CG  1 
ATOM   1008 C  CD  . GLU A 1 143 ? 5.906   0.428   22.864  1.00 41.98 ? 143 GLU A CD  1 
ATOM   1009 O  OE1 . GLU A 1 143 ? 6.149   0.749   24.049  1.00 42.71 ? 143 GLU A OE1 1 
ATOM   1010 O  OE2 . GLU A 1 143 ? 5.832   -0.767  22.486  1.00 43.34 ? 143 GLU A OE2 1 
ATOM   1011 N  N   . ARG A 1 144 ? 6.817   1.105   18.064  1.00 25.05 ? 144 ARG A N   1 
ATOM   1012 C  CA  . ARG A 1 144 ? 8.136   0.993   17.449  1.00 24.88 ? 144 ARG A CA  1 
ATOM   1013 C  C   . ARG A 1 144 ? 8.466   2.244   16.640  1.00 23.71 ? 144 ARG A C   1 
ATOM   1014 O  O   . ARG A 1 144 ? 9.602   2.725   16.663  1.00 23.83 ? 144 ARG A O   1 
ATOM   1015 C  CB  . ARG A 1 144 ? 8.207   -0.218  16.520  1.00 26.68 ? 144 ARG A CB  1 
ATOM   1016 C  CG  . ARG A 1 144 ? 8.108   -1.565  17.199  1.00 28.86 ? 144 ARG A CG  1 
ATOM   1017 C  CD  . ARG A 1 144 ? 8.460   -2.639  16.192  1.00 31.17 ? 144 ARG A CD  1 
ATOM   1018 N  NE  . ARG A 1 144 ? 8.306   -3.994  16.706  1.00 32.44 ? 144 ARG A NE  1 
ATOM   1019 C  CZ  . ARG A 1 144 ? 9.034   -5.025  16.289  1.00 33.61 ? 144 ARG A CZ  1 
ATOM   1020 N  NH1 . ARG A 1 144 ? 9.968   -4.852  15.358  1.00 32.05 ? 144 ARG A NH1 1 
ATOM   1021 N  NH2 . ARG A 1 144 ? 8.822   -6.231  16.793  1.00 34.99 ? 144 ARG A NH2 1 
ATOM   1022 N  N   . HIS A 1 145 ? 7.476   2.761   15.915  1.00 21.52 ? 145 HIS A N   1 
ATOM   1023 C  CA  . HIS A 1 145 ? 7.680   3.958   15.113  1.00 20.81 ? 145 HIS A CA  1 
ATOM   1024 C  C   . HIS A 1 145 ? 7.929   5.159   16.016  1.00 21.03 ? 145 HIS A C   1 
ATOM   1025 O  O   . HIS A 1 145 ? 8.873   5.911   15.798  1.00 19.46 ? 145 HIS A O   1 
ATOM   1026 C  CB  . HIS A 1 145 ? 6.471   4.228   14.205  1.00 19.02 ? 145 HIS A CB  1 
ATOM   1027 C  CG  . HIS A 1 145 ? 6.611   5.469   13.371  1.00 18.21 ? 145 HIS A CG  1 
ATOM   1028 N  ND1 . HIS A 1 145 ? 6.056   6.680   13.734  1.00 15.60 ? 145 HIS A ND1 1 
ATOM   1029 C  CD2 . HIS A 1 145 ? 7.277   5.695   12.214  1.00 16.72 ? 145 HIS A CD2 1 
ATOM   1030 C  CE1 . HIS A 1 145 ? 6.376   7.595   12.837  1.00 18.02 ? 145 HIS A CE1 1 
ATOM   1031 N  NE2 . HIS A 1 145 ? 7.117   7.024   11.905  1.00 17.85 ? 145 HIS A NE2 1 
ATOM   1032 N  N   . GLN A 1 146 ? 7.086   5.333   17.029  1.00 21.97 ? 146 GLN A N   1 
ATOM   1033 C  CA  . GLN A 1 146 ? 7.241   6.445   17.953  1.00 24.56 ? 146 GLN A CA  1 
ATOM   1034 C  C   . GLN A 1 146 ? 8.613   6.369   18.607  1.00 26.27 ? 146 GLN A C   1 
ATOM   1035 O  O   . GLN A 1 146 ? 9.173   7.384   19.013  1.00 25.87 ? 146 GLN A O   1 
ATOM   1036 C  CB  . GLN A 1 146 ? 6.147   6.405   19.018  1.00 24.28 ? 146 GLN A CB  1 
ATOM   1037 C  CG  . GLN A 1 146 ? 4.741   6.563   18.456  1.00 26.11 ? 146 GLN A CG  1 
ATOM   1038 C  CD  . GLN A 1 146 ? 3.652   6.292   19.487  1.00 27.09 ? 146 GLN A CD  1 
ATOM   1039 O  OE1 . GLN A 1 146 ? 3.676   5.275   20.185  1.00 28.95 ? 146 GLN A OE1 1 
ATOM   1040 N  NE2 . GLN A 1 146 ? 2.686   7.196   19.576  1.00 25.47 ? 146 GLN A NE2 1 
ATOM   1041 N  N   . ARG A 1 147 ? 9.148   5.157   18.708  1.00 28.81 ? 147 ARG A N   1 
ATOM   1042 C  CA  . ARG A 1 147 ? 10.465  4.955   19.295  1.00 30.63 ? 147 ARG A CA  1 
ATOM   1043 C  C   . ARG A 1 147 ? 11.536  5.130   18.221  1.00 30.80 ? 147 ARG A C   1 
ATOM   1044 O  O   . ARG A 1 147 ? 12.730  5.035   18.503  1.00 31.89 ? 147 ARG A O   1 
ATOM   1045 C  CB  . ARG A 1 147 ? 10.560  3.559   19.919  1.00 33.35 ? 147 ARG A CB  1 
ATOM   1046 C  CG  . ARG A 1 147 ? 9.975   3.464   21.324  1.00 35.74 ? 147 ARG A CG  1 
ATOM   1047 C  CD  . ARG A 1 147 ? 9.839   2.011   21.796  1.00 39.48 ? 147 ARG A CD  1 
ATOM   1048 N  NE  . ARG A 1 147 ? 11.090  1.244   21.755  1.00 41.57 ? 147 ARG A NE  1 
ATOM   1049 C  CZ  . ARG A 1 147 ? 11.669  0.689   22.821  1.00 41.89 ? 147 ARG A CZ  1 
ATOM   1050 N  NH1 . ARG A 1 147 ? 11.119  0.817   24.022  1.00 40.72 ? 147 ARG A NH1 1 
ATOM   1051 N  NH2 . ARG A 1 147 ? 12.795  -0.003  22.688  1.00 42.47 ? 147 ARG A NH2 1 
ATOM   1052 N  N   . GLY A 1 148 ? 11.099  5.380   16.988  1.00 30.13 ? 148 GLY A N   1 
ATOM   1053 C  CA  . GLY A 1 148 ? 12.023  5.580   15.882  1.00 28.70 ? 148 GLY A CA  1 
ATOM   1054 C  C   . GLY A 1 148 ? 12.679  4.318   15.358  1.00 28.29 ? 148 GLY A C   1 
ATOM   1055 O  O   . GLY A 1 148 ? 13.618  4.381   14.568  1.00 27.60 ? 148 GLY A O   1 
ATOM   1056 N  N   . GLU A 1 149 ? 12.178  3.164   15.782  1.00 29.06 ? 149 GLU A N   1 
ATOM   1057 C  CA  . GLU A 1 149 ? 12.748  1.897   15.358  1.00 29.84 ? 149 GLU A CA  1 
ATOM   1058 C  C   . GLU A 1 149 ? 12.333  1.515   13.949  1.00 29.07 ? 149 GLU A C   1 
ATOM   1059 O  O   . GLU A 1 149 ? 13.110  0.890   13.229  1.00 29.80 ? 149 GLU A O   1 
ATOM   1060 C  CB  . GLU A 1 149 ? 12.345  0.787   16.328  1.00 33.14 ? 149 GLU A CB  1 
ATOM   1061 C  CG  . GLU A 1 149 ? 12.242  1.261   17.765  1.00 38.42 ? 149 GLU A CG  1 
ATOM   1062 C  CD  . GLU A 1 149 ? 12.693  0.217   18.760  1.00 41.72 ? 149 GLU A CD  1 
ATOM   1063 O  OE1 . GLU A 1 149 ? 13.910  0.161   19.057  1.00 43.09 ? 149 GLU A OE1 1 
ATOM   1064 O  OE2 . GLU A 1 149 ? 11.829  -0.552  19.236  1.00 44.69 ? 149 GLU A OE2 1 
ATOM   1065 N  N   . VAL A 1 150 ? 11.116  1.890   13.556  1.00 27.43 ? 150 VAL A N   1 
ATOM   1066 C  CA  . VAL A 1 150 ? 10.606  1.565   12.224  1.00 26.27 ? 150 VAL A CA  1 
ATOM   1067 C  C   . VAL A 1 150 ? 9.928   2.758   11.536  1.00 24.40 ? 150 VAL A C   1 
ATOM   1068 O  O   . VAL A 1 150 ? 9.426   3.658   12.201  1.00 24.51 ? 150 VAL A O   1 
ATOM   1069 C  CB  . VAL A 1 150 ? 9.594   0.379   12.295  1.00 27.13 ? 150 VAL A CB  1 
ATOM   1070 C  CG1 . VAL A 1 150 ? 8.336   0.802   13.032  1.00 26.89 ? 150 VAL A CG1 1 
ATOM   1071 C  CG2 . VAL A 1 150 ? 9.248   -0.105  10.894  1.00 28.72 ? 150 VAL A CG2 1 
ATOM   1072 N  N   . GLU A 1 151 ? 9.924   2.761   10.203  1.00 22.72 ? 151 GLU A N   1 
ATOM   1073 C  CA  . GLU A 1 151 ? 9.294   3.838   9.436   1.00 20.67 ? 151 GLU A CA  1 
ATOM   1074 C  C   . GLU A 1 151 ? 7.945   3.375   8.904   1.00 18.13 ? 151 GLU A C   1 
ATOM   1075 O  O   . GLU A 1 151 ? 7.613   2.194   8.970   1.00 19.17 ? 151 GLU A O   1 
ATOM   1076 C  CB  . GLU A 1 151 ? 10.156  4.242   8.240   1.00 21.25 ? 151 GLU A CB  1 
ATOM   1077 C  CG  . GLU A 1 151 ? 11.566  4.664   8.577   1.00 23.31 ? 151 GLU A CG  1 
ATOM   1078 C  CD  . GLU A 1 151 ? 11.615  5.765   9.614   1.00 24.78 ? 151 GLU A CD  1 
ATOM   1079 O  OE1 . GLU A 1 151 ? 10.802  6.714   9.536   1.00 25.15 ? 151 GLU A OE1 1 
ATOM   1080 O  OE2 . GLU A 1 151 ? 12.483  5.680   10.505  1.00 26.52 ? 151 GLU A OE2 1 
ATOM   1081 N  N   . PHE A 1 152 ? 7.181   4.304   8.348   1.00 15.66 ? 152 PHE A N   1 
ATOM   1082 C  CA  . PHE A 1 152 ? 5.863   3.977   7.806   1.00 14.48 ? 152 PHE A CA  1 
ATOM   1083 C  C   . PHE A 1 152 ? 5.702   4.467   6.387   1.00 12.99 ? 152 PHE A C   1 
ATOM   1084 O  O   . PHE A 1 152 ? 6.204   5.527   6.029   1.00 14.27 ? 152 PHE A O   1 
ATOM   1085 C  CB  . PHE A 1 152 ? 4.753   4.657   8.613   1.00 14.19 ? 152 PHE A CB  1 
ATOM   1086 C  CG  . PHE A 1 152 ? 4.284   3.884   9.805   1.00 15.22 ? 152 PHE A CG  1 
ATOM   1087 C  CD1 . PHE A 1 152 ? 3.984   4.550   10.991  1.00 12.91 ? 152 PHE A CD1 1 
ATOM   1088 C  CD2 . PHE A 1 152 ? 4.088   2.510   9.735   1.00 15.91 ? 152 PHE A CD2 1 
ATOM   1089 C  CE1 . PHE A 1 152 ? 3.495   3.865   12.086  1.00 13.48 ? 152 PHE A CE1 1 
ATOM   1090 C  CE2 . PHE A 1 152 ? 3.597   1.810   10.831  1.00 16.45 ? 152 PHE A CE2 1 
ATOM   1091 C  CZ  . PHE A 1 152 ? 3.299   2.491   12.011  1.00 15.73 ? 152 PHE A CZ  1 
ATOM   1092 N  N   . SER A 1 153 ? 5.007   3.689   5.575   1.00 11.70 ? 153 SER A N   1 
ATOM   1093 C  CA  . SER A 1 153 ? 4.704   4.128   4.224   1.00 11.05 ? 153 SER A CA  1 
ATOM   1094 C  C   . SER A 1 153 ? 3.316   4.708   4.493   1.00 10.63 ? 153 SER A C   1 
ATOM   1095 O  O   . SER A 1 153 ? 2.809   4.575   5.604   1.00 8.75  ? 153 SER A O   1 
ATOM   1096 C  CB  . SER A 1 153 ? 4.604   2.939   3.257   1.00 9.49  ? 153 SER A CB  1 
ATOM   1097 O  OG  . SER A 1 153 ? 3.561   2.057   3.635   1.00 7.23  ? 153 SER A OG  1 
ATOM   1098 N  N   . ALA A 1 154 ? 2.695   5.350   3.513   1.00 11.42 ? 154 ALA A N   1 
ATOM   1099 C  CA  . ALA A 1 154 ? 1.365   5.890   3.752   1.00 9.69  ? 154 ALA A CA  1 
ATOM   1100 C  C   . ALA A 1 154 ? 0.406   4.735   4.062   1.00 9.58  ? 154 ALA A C   1 
ATOM   1101 O  O   . ALA A 1 154 ? -0.411  4.819   4.980   1.00 10.04 ? 154 ALA A O   1 
ATOM   1102 C  CB  . ALA A 1 154 ? 0.886   6.670   2.532   1.00 9.83  ? 154 ALA A CB  1 
ATOM   1103 N  N   . THR A 1 155 ? 0.522   3.646   3.307   1.00 8.89  ? 155 THR A N   1 
ATOM   1104 C  CA  . THR A 1 155 ? -0.351  2.499   3.512   1.00 8.07  ? 155 THR A CA  1 
ATOM   1105 C  C   . THR A 1 155 ? -0.240  1.939   4.932   1.00 9.52  ? 155 THR A C   1 
ATOM   1106 O  O   . THR A 1 155 ? -1.262  1.699   5.586   1.00 10.72 ? 155 THR A O   1 
ATOM   1107 C  CB  . THR A 1 155 ? -0.072  1.364   2.479   1.00 8.08  ? 155 THR A CB  1 
ATOM   1108 O  OG1 . THR A 1 155 ? 1.292   0.932   2.568   1.00 8.04  ? 155 THR A OG1 1 
ATOM   1109 C  CG2 . THR A 1 155 ? -0.347  1.852   1.068   1.00 8.77  ? 155 THR A CG2 1 
ATOM   1110 N  N   . GLY A 1 156 ? 0.984   1.738   5.414   1.00 6.72  ? 156 GLY A N   1 
ATOM   1111 C  CA  . GLY A 1 156 ? 1.142   1.208   6.753   1.00 4.87  ? 156 GLY A CA  1 
ATOM   1112 C  C   . GLY A 1 156 ? 0.442   2.096   7.765   1.00 6.75  ? 156 GLY A C   1 
ATOM   1113 O  O   . GLY A 1 156 ? -0.379  1.638   8.565   1.00 5.99  ? 156 GLY A O   1 
ATOM   1114 N  N   . LEU A 1 157 ? 0.750   3.387   7.724   1.00 7.09  ? 157 LEU A N   1 
ATOM   1115 C  CA  . LEU A 1 157 ? 0.149   4.325   8.658   1.00 7.12  ? 157 LEU A CA  1 
ATOM   1116 C  C   . LEU A 1 157 ? -1.375  4.284   8.583   1.00 8.37  ? 157 LEU A C   1 
ATOM   1117 O  O   . LEU A 1 157 ? -2.047  4.205   9.603   1.00 9.16  ? 157 LEU A O   1 
ATOM   1118 C  CB  . LEU A 1 157 ? 0.653   5.737   8.383   1.00 5.68  ? 157 LEU A CB  1 
ATOM   1119 C  CG  . LEU A 1 157 ? 0.242   6.777   9.426   1.00 4.55  ? 157 LEU A CG  1 
ATOM   1120 C  CD1 . LEU A 1 157 ? 0.691   6.330   10.797  1.00 4.16  ? 157 LEU A CD1 1 
ATOM   1121 C  CD2 . LEU A 1 157 ? 0.856   8.118   9.079   1.00 3.81  ? 157 LEU A CD2 1 
ATOM   1122 N  N   . VAL A 1 158 ? -1.922  4.330   7.373   1.00 9.36  ? 158 VAL A N   1 
ATOM   1123 C  CA  . VAL A 1 158 ? -3.371  4.299   7.193   1.00 7.50  ? 158 VAL A CA  1 
ATOM   1124 C  C   . VAL A 1 158 ? -3.941  3.014   7.791   1.00 9.35  ? 158 VAL A C   1 
ATOM   1125 O  O   . VAL A 1 158 ? -5.015  3.013   8.397   1.00 8.39  ? 158 VAL A O   1 
ATOM   1126 C  CB  . VAL A 1 158 ? -3.736  4.409   5.678   1.00 5.25  ? 158 VAL A CB  1 
ATOM   1127 C  CG1 . VAL A 1 158 ? -5.163  3.916   5.416   1.00 1.03  ? 158 VAL A CG1 1 
ATOM   1128 C  CG2 . VAL A 1 158 ? -3.591  5.861   5.227   1.00 1.03  ? 158 VAL A CG2 1 
ATOM   1129 N  N   . GLY A 1 159 ? -3.205  1.920   7.634   1.00 11.62 ? 159 GLY A N   1 
ATOM   1130 C  CA  . GLY A 1 159 ? -3.669  0.650   8.161   1.00 11.20 ? 159 GLY A CA  1 
ATOM   1131 C  C   . GLY A 1 159 ? -3.785  0.728   9.667   1.00 11.34 ? 159 GLY A C   1 
ATOM   1132 O  O   . GLY A 1 159 ? -4.803  0.331   10.241  1.00 10.83 ? 159 GLY A O   1 
ATOM   1133 N  N   . VAL A 1 160 ? -2.740  1.253   10.304  1.00 10.69 ? 160 VAL A N   1 
ATOM   1134 C  CA  . VAL A 1 160 ? -2.709  1.383   11.757  1.00 9.13  ? 160 VAL A CA  1 
ATOM   1135 C  C   . VAL A 1 160 ? -3.813  2.301   12.275  1.00 9.04  ? 160 VAL A C   1 
ATOM   1136 O  O   . VAL A 1 160 ? -4.598  1.902   13.137  1.00 7.41  ? 160 VAL A O   1 
ATOM   1137 C  CB  . VAL A 1 160 ? -1.328  1.892   12.224  1.00 8.64  ? 160 VAL A CB  1 
ATOM   1138 C  CG1 . VAL A 1 160 ? -1.411  2.457   13.628  1.00 10.27 ? 160 VAL A CG1 1 
ATOM   1139 C  CG2 . VAL A 1 160 ? -0.335  0.747   12.197  1.00 10.05 ? 160 VAL A CG2 1 
ATOM   1140 N  N   . LEU A 1 161 ? -3.884  3.519   11.743  1.00 9.06  ? 161 LEU A N   1 
ATOM   1141 C  CA  . LEU A 1 161 ? -4.902  4.473   12.163  1.00 8.71  ? 161 LEU A CA  1 
ATOM   1142 C  C   . LEU A 1 161 ? -6.305  3.929   11.922  1.00 10.83 ? 161 LEU A C   1 
ATOM   1143 O  O   . LEU A 1 161 ? -7.170  4.044   12.797  1.00 11.36 ? 161 LEU A O   1 
ATOM   1144 C  CB  . LEU A 1 161 ? -4.725  5.810   11.441  1.00 7.61  ? 161 LEU A CB  1 
ATOM   1145 C  CG  . LEU A 1 161 ? -3.459  6.597   11.827  1.00 8.61  ? 161 LEU A CG  1 
ATOM   1146 C  CD1 . LEU A 1 161 ? -3.415  7.941   11.078  1.00 4.52  ? 161 LEU A CD1 1 
ATOM   1147 C  CD2 . LEU A 1 161 ? -3.445  6.834   13.340  1.00 7.45  ? 161 LEU A CD2 1 
ATOM   1148 N  N   . TYR A 1 162 ? -6.532  3.329   10.756  1.00 11.07 ? 162 TYR A N   1 
ATOM   1149 C  CA  . TYR A 1 162 ? -7.843  2.763   10.449  1.00 12.77 ? 162 TYR A CA  1 
ATOM   1150 C  C   . TYR A 1 162 ? -8.230  1.748   11.518  1.00 14.67 ? 162 TYR A C   1 
ATOM   1151 O  O   . TYR A 1 162 ? -9.370  1.723   12.007  1.00 14.97 ? 162 TYR A O   1 
ATOM   1152 C  CB  . TYR A 1 162 ? -7.846  2.042   9.106   1.00 11.56 ? 162 TYR A CB  1 
ATOM   1153 C  CG  . TYR A 1 162 ? -9.195  1.450   8.798   1.00 10.06 ? 162 TYR A CG  1 
ATOM   1154 C  CD1 . TYR A 1 162 ? -10.225 2.250   8.319   1.00 10.71 ? 162 TYR A CD1 1 
ATOM   1155 C  CD2 . TYR A 1 162 ? -9.469  0.109   9.057   1.00 11.21 ? 162 TYR A CD2 1 
ATOM   1156 C  CE1 . TYR A 1 162 ? -11.504 1.736   8.110   1.00 11.00 ? 162 TYR A CE1 1 
ATOM   1157 C  CE2 . TYR A 1 162 ? -10.748 -0.419  8.854   1.00 11.74 ? 162 TYR A CE2 1 
ATOM   1158 C  CZ  . TYR A 1 162 ? -11.762 0.409   8.382   1.00 12.34 ? 162 TYR A CZ  1 
ATOM   1159 O  OH  . TYR A 1 162 ? -13.048 -0.072  8.218   1.00 16.19 ? 162 TYR A OH  1 
ATOM   1160 N  N   . TYR A 1 163 ? -7.271  0.897   11.861  1.00 15.51 ? 163 TYR A N   1 
ATOM   1161 C  CA  . TYR A 1 163 ? -7.488  -0.123  12.872  1.00 16.61 ? 163 TYR A CA  1 
ATOM   1162 C  C   . TYR A 1 163 ? -7.894  0.513   14.202  1.00 17.52 ? 163 TYR A C   1 
ATOM   1163 O  O   . TYR A 1 163 ? -8.931  0.173   14.780  1.00 17.02 ? 163 TYR A O   1 
ATOM   1164 C  CB  . TYR A 1 163 ? -6.211  -0.939  13.062  1.00 16.50 ? 163 TYR A CB  1 
ATOM   1165 C  CG  . TYR A 1 163 ? -6.174  -1.680  14.372  1.00 16.88 ? 163 TYR A CG  1 
ATOM   1166 C  CD1 . TYR A 1 163 ? -6.712  -2.960  14.491  1.00 16.73 ? 163 TYR A CD1 1 
ATOM   1167 C  CD2 . TYR A 1 163 ? -5.615  -1.085  15.505  1.00 17.08 ? 163 TYR A CD2 1 
ATOM   1168 C  CE1 . TYR A 1 163 ? -6.686  -3.630  15.708  1.00 16.22 ? 163 TYR A CE1 1 
ATOM   1169 C  CE2 . TYR A 1 163 ? -5.586  -1.738  16.718  1.00 15.36 ? 163 TYR A CE2 1 
ATOM   1170 C  CZ  . TYR A 1 163 ? -6.119  -3.009  16.816  1.00 17.06 ? 163 TYR A CZ  1 
ATOM   1171 O  OH  . TYR A 1 163 ? -6.062  -3.653  18.025  1.00 17.57 ? 163 TYR A OH  1 
ATOM   1172 N  N   . HIS A 1 164 ? -7.057  1.433   14.682  1.00 17.51 ? 164 HIS A N   1 
ATOM   1173 C  CA  . HIS A 1 164 ? -7.302  2.116   15.944  1.00 16.62 ? 164 HIS A CA  1 
ATOM   1174 C  C   . HIS A 1 164 ? -8.606  2.878   15.905  1.00 16.44 ? 164 HIS A C   1 
ATOM   1175 O  O   . HIS A 1 164 ? -9.176  3.188   16.941  1.00 14.93 ? 164 HIS A O   1 
ATOM   1176 C  CB  . HIS A 1 164 ? -6.170  3.089   16.249  1.00 17.39 ? 164 HIS A CB  1 
ATOM   1177 C  CG  . HIS A 1 164 ? -4.958  2.449   16.843  1.00 17.78 ? 164 HIS A CG  1 
ATOM   1178 N  ND1 . HIS A 1 164 ? -4.831  2.207   18.194  1.00 17.05 ? 164 HIS A ND1 1 
ATOM   1179 C  CD2 . HIS A 1 164 ? -3.802  2.029   16.275  1.00 18.69 ? 164 HIS A CD2 1 
ATOM   1180 C  CE1 . HIS A 1 164 ? -3.647  1.672   18.436  1.00 17.32 ? 164 HIS A CE1 1 
ATOM   1181 N  NE2 . HIS A 1 164 ? -3.002  1.554   17.288  1.00 19.40 ? 164 HIS A NE2 1 
ATOM   1182 N  N   . ALA A 1 165 ? -9.082  3.179   14.707  1.00 16.79 ? 165 ALA A N   1 
ATOM   1183 C  CA  . ALA A 1 165 ? -10.318 3.928   14.574  1.00 16.09 ? 165 ALA A CA  1 
ATOM   1184 C  C   . ALA A 1 165 ? -11.564 3.058   14.454  1.00 16.96 ? 165 ALA A C   1 
ATOM   1185 O  O   . ALA A 1 165 ? -12.587 3.369   15.064  1.00 16.93 ? 165 ALA A O   1 
ATOM   1186 C  CB  . ALA A 1 165 ? -10.228 4.870   13.377  1.00 14.07 ? 165 ALA A CB  1 
ATOM   1187 N  N   . PHE A 1 166 ? -11.489 1.963   13.699  1.00 15.49 ? 166 PHE A N   1 
ATOM   1188 C  CA  . PHE A 1 166 ? -12.681 1.155   13.513  1.00 14.20 ? 166 PHE A CA  1 
ATOM   1189 C  C   . PHE A 1 166 ? -12.625 -0.338  13.780  1.00 16.16 ? 166 PHE A C   1 
ATOM   1190 O  O   . PHE A 1 166 ? -13.658 -1.008  13.679  1.00 18.05 ? 166 PHE A O   1 
ATOM   1191 C  CB  . PHE A 1 166 ? -13.214 1.336   12.090  1.00 12.12 ? 166 PHE A CB  1 
ATOM   1192 C  CG  . PHE A 1 166 ? -13.295 2.764   11.646  1.00 11.64 ? 166 PHE A CG  1 
ATOM   1193 C  CD1 . PHE A 1 166 ? -12.325 3.299   10.804  1.00 10.75 ? 166 PHE A CD1 1 
ATOM   1194 C  CD2 . PHE A 1 166 ? -14.348 3.577   12.056  1.00 9.66  ? 166 PHE A CD2 1 
ATOM   1195 C  CE1 . PHE A 1 166 ? -12.405 4.626   10.371  1.00 11.12 ? 166 PHE A CE1 1 
ATOM   1196 C  CE2 . PHE A 1 166 ? -14.439 4.904   11.633  1.00 10.04 ? 166 PHE A CE2 1 
ATOM   1197 C  CZ  . PHE A 1 166 ? -13.464 5.430   10.787  1.00 10.85 ? 166 PHE A CZ  1 
ATOM   1198 N  N   . LEU A 1 167 ? -11.464 -0.888  14.116  1.00 16.13 ? 167 LEU A N   1 
ATOM   1199 C  CA  . LEU A 1 167 ? -11.420 -2.331  14.327  1.00 16.65 ? 167 LEU A CA  1 
ATOM   1200 C  C   . LEU A 1 167 ? -11.183 -2.820  15.750  1.00 18.15 ? 167 LEU A C   1 
ATOM   1201 O  O   . LEU A 1 167 ? -11.095 -4.023  15.975  1.00 18.10 ? 167 LEU A O   1 
ATOM   1202 C  CB  . LEU A 1 167 ? -10.389 -2.959  13.385  1.00 15.10 ? 167 LEU A CB  1 
ATOM   1203 C  CG  . LEU A 1 167 ? -10.605 -2.617  11.908  1.00 15.45 ? 167 LEU A CG  1 
ATOM   1204 C  CD1 . LEU A 1 167 ? -9.492  -3.229  11.047  1.00 14.37 ? 167 LEU A CD1 1 
ATOM   1205 C  CD2 . LEU A 1 167 ? -11.974 -3.118  11.479  1.00 14.63 ? 167 LEU A CD2 1 
ATOM   1206 N  N   . ARG A 1 168 ? -11.079 -1.908  16.709  1.00 20.03 ? 168 ARG A N   1 
ATOM   1207 C  CA  . ARG A 1 168 ? -10.870 -2.314  18.096  1.00 21.43 ? 168 ARG A CA  1 
ATOM   1208 C  C   . ARG A 1 168 ? -12.198 -2.588  18.785  1.00 22.31 ? 168 ARG A C   1 
ATOM   1209 O  O   . ARG A 1 168 ? -12.509 -3.729  19.112  1.00 23.56 ? 168 ARG A O   1 
ATOM   1210 C  CB  . ARG A 1 168 ? -10.111 -1.238  18.868  1.00 22.16 ? 168 ARG A CB  1 
ATOM   1211 C  CG  . ARG A 1 168 ? -8.651  -1.133  18.492  1.00 24.61 ? 168 ARG A CG  1 
ATOM   1212 C  CD  . ARG A 1 168 ? -7.934  -0.188  19.421  1.00 25.08 ? 168 ARG A CD  1 
ATOM   1213 N  NE  . ARG A 1 168 ? -8.523  1.146   19.369  1.00 27.63 ? 168 ARG A NE  1 
ATOM   1214 C  CZ  . ARG A 1 168 ? -8.083  2.184   20.073  1.00 28.48 ? 168 ARG A CZ  1 
ATOM   1215 N  NH1 . ARG A 1 168 ? -7.045  2.036   20.891  1.00 27.81 ? 168 ARG A NH1 1 
ATOM   1216 N  NH2 . ARG A 1 168 ? -8.667  3.373   19.948  1.00 28.42 ? 168 ARG A NH2 1 
HETATM 1217 C  C1  . R5P B 2 .   ? 4.626   2.482   -3.764  1.00 39.24 ? 601 R5P A C1  1 
HETATM 1218 O  O1  . R5P B 2 .   ? 4.809   3.367   -2.929  1.00 36.45 ? 601 R5P A O1  1 
HETATM 1219 C  C2  . R5P B 2 .   ? 4.123   2.814   -5.170  1.00 41.58 ? 601 R5P A C2  1 
HETATM 1220 O  O2  . R5P B 2 .   ? 3.089   1.890   -5.516  1.00 38.49 ? 601 R5P A O2  1 
HETATM 1221 C  C3  . R5P B 2 .   ? 5.264   2.757   -6.193  1.00 44.89 ? 601 R5P A C3  1 
HETATM 1222 O  O3  . R5P B 2 .   ? 4.769   3.075   -7.497  1.00 43.45 ? 601 R5P A O3  1 
HETATM 1223 C  C4  . R5P B 2 .   ? 6.011   1.420   -6.247  1.00 48.91 ? 601 R5P A C4  1 
HETATM 1224 O  O4  . R5P B 2 .   ? 6.985   1.460   -7.293  1.00 49.08 ? 601 R5P A O4  1 
HETATM 1225 C  C5  . R5P B 2 .   ? 5.089   0.222   -6.480  1.00 52.02 ? 601 R5P A C5  1 
HETATM 1226 O  O5  . R5P B 2 .   ? 5.834   -0.997  -6.418  1.00 55.97 ? 601 R5P A O5  1 
HETATM 1227 P  P   . R5P B 2 .   ? 5.068   -2.386  -6.141  1.00 59.14 ? 601 R5P A P   1 
HETATM 1228 O  O1P . R5P B 2 .   ? 4.081   -2.732  -7.190  1.00 57.68 ? 601 R5P A O1P 1 
HETATM 1229 O  O2P . R5P B 2 .   ? 6.216   -3.506  -5.996  1.00 58.22 ? 601 R5P A O2P 1 
HETATM 1230 O  O3P . R5P B 2 .   ? 4.391   -2.237  -4.686  1.00 55.47 ? 601 R5P A O3P 1 
HETATM 1231 ZN ZN  . ZN  C 3 .   ? 3.144   -5.905  -6.270  1.00 94.98 ? 300 ZN  A ZN  1 
HETATM 1232 ZN ZN  . ZN  D 3 .   ? 2.943   -4.386  -13.374 1.00 75.31 ? 301 ZN  A ZN  1 
HETATM 1233 O  O   . HOH E 4 .   ? -3.495  -5.945  18.685  1.00 8.52  ? 602 HOH A O   1 
HETATM 1234 O  O   . HOH E 4 .   ? -1.143  11.554  -5.438  1.00 11.74 ? 603 HOH A O   1 
HETATM 1235 O  O   . HOH E 4 .   ? -9.457  -10.533 -9.532  1.00 18.79 ? 604 HOH A O   1 
HETATM 1236 O  O   . HOH E 4 .   ? -12.209 7.285   -5.327  1.00 11.00 ? 605 HOH A O   1 
HETATM 1237 O  O   . HOH E 4 .   ? 8.072   7.224   8.697   1.00 16.36 ? 606 HOH A O   1 
HETATM 1238 O  O   . HOH E 4 .   ? 3.548   -2.728  0.374   1.00 8.44  ? 607 HOH A O   1 
HETATM 1239 O  O   . HOH E 4 .   ? 2.916   0.969   0.598   1.00 11.21 ? 608 HOH A O   1 
HETATM 1240 O  O   . HOH E 4 .   ? 1.290   13.177  1.355   1.00 5.82  ? 609 HOH A O   1 
HETATM 1241 O  O   . HOH E 4 .   ? 8.857   -1.854  2.949   1.00 23.37 ? 610 HOH A O   1 
HETATM 1242 O  O   . HOH E 4 .   ? -2.880  -5.485  6.065   1.00 16.42 ? 611 HOH A O   1 
HETATM 1243 O  O   . HOH E 4 .   ? 0.340   4.265   -3.255  1.00 8.19  ? 612 HOH A O   1 
HETATM 1244 O  O   . HOH E 4 .   ? 11.840  2.165   -3.856  1.00 15.03 ? 613 HOH A O   1 
HETATM 1245 O  O   . HOH E 4 .   ? 12.265  -2.928  8.635   1.00 25.67 ? 614 HOH A O   1 
HETATM 1246 O  O   . HOH E 4 .   ? -8.408  -9.625  15.304  1.00 15.86 ? 615 HOH A O   1 
HETATM 1247 O  O   . HOH E 4 .   ? -9.350  -12.710 14.016  1.00 21.95 ? 616 HOH A O   1 
HETATM 1248 O  O   . HOH E 4 .   ? -3.574  1.181   -13.930 1.00 24.72 ? 617 HOH A O   1 
HETATM 1249 O  O   . HOH E 4 .   ? 4.097   -3.787  -1.987  1.00 20.50 ? 618 HOH A O   1 
HETATM 1250 O  O   . HOH E 4 .   ? -5.979  -12.793 -2.621  1.00 11.37 ? 619 HOH A O   1 
# 
